data_2EP5
#
_entry.id   2EP5
#
_cell.length_a   70.157
_cell.length_b   73.986
_cell.length_c   91.552
_cell.angle_alpha   68.102
_cell.angle_beta   68.393
_cell.angle_gamma   86.036
#
_symmetry.space_group_name_H-M   'P 1'
#
loop_
_entity.id
_entity.type
_entity.pdbx_description
1 polymer '350aa long hypothetical aspartate-semialdehyde dehydrogenase'
2 water water
#
_entity_poly.entity_id   1
_entity_poly.type   'polypeptide(L)'
_entity_poly.pdbx_seq_one_letter_code
;MADKIKVSLLGSTGMVGQKMVKMLAKHPYLELVKVSASPSKIGKKYKDAVKWIEQGDIPEEVQDLPIVSTNYEDHKDVDV
VLSALPNELAESIELELVKNGKIVVSNASPFRMDPDVPLINPEINWEHLELLKFQKERKGWKGILVKNPNCTAAIMSMPI
KPLIEIATKSKIIITTLQAVSGAGYNGISFMAIEGNIIPYIKGEEDKIAKELTKLNGKLENNQIIPANLDSTVTSIRVPT
RVGHMGVINIVTNERINIEEIKKTLKNFKSLPQQKNLPTAPKQPIIVRDEEDRPQPIIDVNAESGMAVTVGRIRHENNVL
RLVVLGDNLVRGAAGITILTVEVMKELGYI
;
_entity_poly.pdbx_strand_id   A,B,C,D
#
# COMPACT_ATOMS: atom_id res chain seq x y z
N ALA A 2 -13.93 28.22 33.62
CA ALA A 2 -15.12 28.68 32.84
C ALA A 2 -16.36 27.88 33.23
N ASP A 3 -17.52 28.38 32.82
CA ASP A 3 -18.77 27.69 33.12
C ASP A 3 -18.95 26.59 32.09
N LYS A 4 -18.93 25.35 32.56
CA LYS A 4 -19.06 24.20 31.68
C LYS A 4 -20.45 23.96 31.10
N ILE A 5 -20.48 23.50 29.85
CA ILE A 5 -21.72 23.16 29.16
C ILE A 5 -21.63 21.65 29.03
N LYS A 6 -22.59 20.95 29.64
CA LYS A 6 -22.61 19.49 29.61
C LYS A 6 -23.13 18.91 28.30
N VAL A 7 -22.34 18.04 27.69
CA VAL A 7 -22.73 17.44 26.42
C VAL A 7 -22.68 15.91 26.43
N SER A 8 -23.44 15.29 25.53
CA SER A 8 -23.44 13.84 25.41
C SER A 8 -23.05 13.57 23.95
N LEU A 9 -22.63 12.35 23.66
CA LEU A 9 -22.21 12.00 22.30
C LEU A 9 -22.82 10.70 21.79
N LEU A 10 -23.58 10.80 20.71
CA LEU A 10 -24.21 9.64 20.07
C LEU A 10 -23.23 9.07 19.03
N GLY A 11 -23.16 7.74 18.92
CA GLY A 11 -22.23 7.14 17.98
C GLY A 11 -20.82 7.58 18.32
N SER A 12 -20.39 7.28 19.54
CA SER A 12 -19.08 7.67 20.04
C SER A 12 -18.01 6.62 19.80
N THR A 13 -18.44 5.46 19.29
CA THR A 13 -17.55 4.33 19.03
C THR A 13 -16.85 4.34 17.67
N GLY A 14 -17.46 4.97 16.67
CA GLY A 14 -16.85 5.01 15.35
C GLY A 14 -15.63 5.92 15.27
N MET A 15 -15.10 6.10 14.07
CA MET A 15 -13.93 6.95 13.88
C MET A 15 -14.21 8.40 14.23
N VAL A 16 -15.29 8.96 13.68
CA VAL A 16 -15.63 10.36 13.98
C VAL A 16 -15.91 10.51 15.47
N GLY A 17 -16.54 9.49 16.04
CA GLY A 17 -16.83 9.52 17.47
C GLY A 17 -15.58 9.58 18.31
N GLN A 18 -14.59 8.74 18.00
CA GLN A 18 -13.35 8.72 18.77
C GLN A 18 -12.62 10.05 18.62
N LYS A 19 -12.65 10.64 17.43
CA LYS A 19 -12.01 11.93 17.22
C LYS A 19 -12.64 12.96 18.16
N MET A 20 -13.97 12.98 18.20
CA MET A 20 -14.68 13.93 19.04
C MET A 20 -14.38 13.69 20.52
N VAL A 21 -14.39 12.42 20.93
CA VAL A 21 -14.10 12.09 22.31
C VAL A 21 -12.73 12.65 22.67
N LYS A 22 -11.76 12.50 21.76
CA LYS A 22 -10.41 13.00 22.01
C LYS A 22 -10.34 14.51 22.08
N MET A 23 -11.08 15.18 21.19
CA MET A 23 -11.09 16.64 21.17
C MET A 23 -11.85 17.26 22.34
N LEU A 24 -12.84 16.54 22.85
CA LEU A 24 -13.65 17.00 23.97
C LEU A 24 -13.01 16.70 25.33
N ALA A 25 -12.20 15.64 25.38
CA ALA A 25 -11.56 15.26 26.62
C ALA A 25 -10.73 16.40 27.21
N LYS A 26 -10.33 17.33 26.34
CA LYS A 26 -9.52 18.45 26.76
C LYS A 26 -10.13 19.81 26.40
N HIS A 27 -11.45 19.87 26.25
CA HIS A 27 -12.11 21.12 25.91
C HIS A 27 -12.28 22.06 27.10
N PRO A 28 -12.09 23.37 26.88
CA PRO A 28 -12.21 24.41 27.90
C PRO A 28 -13.55 24.42 28.67
N TYR A 29 -14.67 24.50 27.96
CA TYR A 29 -15.98 24.54 28.61
C TYR A 29 -16.97 23.42 28.26
N LEU A 30 -16.72 22.70 27.17
CA LEU A 30 -17.60 21.60 26.78
C LEU A 30 -17.22 20.37 27.59
N GLU A 31 -18.09 19.96 28.50
CA GLU A 31 -17.82 18.80 29.36
C GLU A 31 -18.59 17.56 28.94
N LEU A 32 -17.89 16.61 28.32
CA LEU A 32 -18.49 15.37 27.87
C LEU A 32 -18.79 14.50 29.08
N VAL A 33 -20.07 14.29 29.34
CA VAL A 33 -20.48 13.49 30.50
C VAL A 33 -21.18 12.20 30.12
N LYS A 34 -21.53 12.06 28.85
CA LYS A 34 -22.21 10.85 28.38
C LYS A 34 -21.90 10.48 26.93
N VAL A 35 -21.59 9.20 26.74
CA VAL A 35 -21.28 8.67 25.43
C VAL A 35 -22.25 7.53 25.20
N SER A 36 -22.70 7.41 23.96
CA SER A 36 -23.64 6.38 23.59
C SER A 36 -23.07 5.52 22.49
N ALA A 37 -23.55 4.28 22.41
CA ALA A 37 -23.11 3.32 21.40
C ALA A 37 -24.24 2.33 21.20
N SER A 38 -23.93 1.20 20.56
CA SER A 38 -24.93 0.19 20.30
C SER A 38 -25.51 -0.36 21.62
N PRO A 39 -26.75 -0.85 21.57
CA PRO A 39 -27.50 -1.41 22.71
C PRO A 39 -26.74 -2.39 23.62
N SER A 40 -26.10 -3.39 23.01
CA SER A 40 -25.37 -4.39 23.76
C SER A 40 -24.21 -3.83 24.59
N LYS A 41 -23.80 -2.60 24.30
CA LYS A 41 -22.70 -1.98 25.03
C LYS A 41 -23.18 -1.09 26.17
N ILE A 42 -24.48 -0.75 26.16
CA ILE A 42 -25.06 0.09 27.20
C ILE A 42 -24.77 -0.49 28.58
N GLY A 43 -24.31 0.35 29.49
CA GLY A 43 -24.01 -0.12 30.84
C GLY A 43 -22.53 -0.35 31.06
N LYS A 44 -21.80 -0.69 30.00
CA LYS A 44 -20.36 -0.92 30.09
C LYS A 44 -19.64 0.42 30.02
N LYS A 45 -18.40 0.45 30.52
CA LYS A 45 -17.59 1.66 30.48
C LYS A 45 -17.12 1.86 29.05
N TYR A 46 -16.89 3.12 28.68
CA TYR A 46 -16.44 3.43 27.33
C TYR A 46 -15.22 2.61 26.93
N LYS A 47 -14.26 2.47 27.85
CA LYS A 47 -13.04 1.71 27.56
C LYS A 47 -13.30 0.25 27.28
N ASP A 48 -14.40 -0.27 27.80
CA ASP A 48 -14.72 -1.68 27.59
C ASP A 48 -15.58 -1.94 26.37
N ALA A 49 -16.06 -0.88 25.75
CA ALA A 49 -16.93 -1.05 24.59
C ALA A 49 -16.28 -0.60 23.29
N VAL A 50 -15.35 0.34 23.38
CA VAL A 50 -14.69 0.86 22.19
C VAL A 50 -13.40 0.13 21.81
N LYS A 51 -13.11 0.15 20.52
CA LYS A 51 -11.91 -0.43 19.95
C LYS A 51 -11.13 0.82 19.56
N TRP A 52 -10.38 1.36 20.50
CA TRP A 52 -9.61 2.59 20.28
C TRP A 52 -8.80 2.54 19.00
N ILE A 53 -9.01 3.55 18.18
CA ILE A 53 -8.35 3.65 16.88
C ILE A 53 -7.56 4.94 16.76
N GLU A 54 -7.77 5.86 17.71
CA GLU A 54 -7.07 7.14 17.72
C GLU A 54 -5.65 7.02 18.24
N GLN A 55 -4.95 8.16 18.22
CA GLN A 55 -3.57 8.24 18.70
C GLN A 55 -3.51 8.14 20.22
N GLY A 56 -2.58 7.32 20.71
CA GLY A 56 -2.40 7.17 22.14
C GLY A 56 -3.46 6.35 22.86
N ASP A 57 -3.58 6.60 24.16
CA ASP A 57 -4.53 5.91 25.00
C ASP A 57 -5.86 6.67 25.08
N ILE A 58 -6.90 5.99 25.54
CA ILE A 58 -8.20 6.62 25.69
C ILE A 58 -8.08 7.62 26.84
N PRO A 59 -8.57 8.85 26.64
CA PRO A 59 -8.49 9.87 27.69
C PRO A 59 -9.12 9.36 28.98
N GLU A 60 -8.43 9.59 30.11
CA GLU A 60 -8.95 9.16 31.40
C GLU A 60 -10.28 9.84 31.71
N GLU A 61 -10.43 11.06 31.22
CA GLU A 61 -11.65 11.80 31.44
C GLU A 61 -12.86 11.17 30.75
N VAL A 62 -12.61 10.18 29.90
CA VAL A 62 -13.70 9.52 29.17
C VAL A 62 -13.71 7.98 29.23
N GLN A 63 -12.55 7.38 29.50
CA GLN A 63 -12.46 5.93 29.56
C GLN A 63 -13.49 5.24 30.45
N ASP A 64 -13.82 5.86 31.58
CA ASP A 64 -14.78 5.26 32.50
C ASP A 64 -16.23 5.72 32.29
N LEU A 65 -16.45 6.67 31.41
CA LEU A 65 -17.79 7.17 31.12
C LEU A 65 -18.68 5.99 30.74
N PRO A 66 -19.84 5.86 31.40
CA PRO A 66 -20.75 4.75 31.11
C PRO A 66 -21.48 4.94 29.78
N ILE A 67 -21.72 3.85 29.07
CA ILE A 67 -22.41 3.91 27.80
C ILE A 67 -23.92 3.96 28.09
N VAL A 68 -24.59 4.96 27.51
CA VAL A 68 -26.01 5.12 27.70
C VAL A 68 -26.74 4.87 26.38
N SER A 69 -28.07 4.72 26.46
CA SER A 69 -28.86 4.49 25.27
C SER A 69 -28.99 5.80 24.50
N THR A 70 -29.61 5.71 23.33
CA THR A 70 -29.82 6.87 22.47
C THR A 70 -31.18 7.51 22.77
N ASN A 71 -31.85 7.02 23.82
CA ASN A 71 -33.17 7.52 24.19
C ASN A 71 -33.19 8.75 25.07
N TYR A 72 -34.26 9.54 24.94
CA TYR A 72 -34.43 10.78 25.68
C TYR A 72 -34.12 10.70 27.18
N GLU A 73 -34.68 9.70 27.86
CA GLU A 73 -34.46 9.54 29.29
C GLU A 73 -32.99 9.60 29.71
N ASP A 74 -32.09 9.06 28.89
CA ASP A 74 -30.67 9.07 29.23
C ASP A 74 -29.94 10.37 28.92
N HIS A 75 -30.64 11.37 28.40
CA HIS A 75 -29.98 12.62 28.07
C HIS A 75 -30.72 13.84 28.60
N LYS A 76 -31.56 13.63 29.60
CA LYS A 76 -32.34 14.71 30.19
C LYS A 76 -31.49 15.79 30.84
N ASP A 77 -30.43 15.41 31.54
CA ASP A 77 -29.59 16.42 32.19
C ASP A 77 -28.53 17.04 31.29
N VAL A 78 -28.45 16.58 30.04
CA VAL A 78 -27.45 17.13 29.13
C VAL A 78 -27.89 18.47 28.53
N ASP A 79 -26.95 19.39 28.39
CA ASP A 79 -27.23 20.70 27.81
C ASP A 79 -27.39 20.61 26.30
N VAL A 80 -26.51 19.83 25.66
CA VAL A 80 -26.56 19.65 24.22
C VAL A 80 -26.17 18.23 23.84
N VAL A 81 -26.87 17.66 22.88
CA VAL A 81 -26.57 16.32 22.44
C VAL A 81 -25.86 16.42 21.10
N LEU A 82 -24.66 15.86 21.02
CA LEU A 82 -23.89 15.85 19.78
C LEU A 82 -24.08 14.47 19.18
N SER A 83 -24.10 14.38 17.85
CA SER A 83 -24.32 13.09 17.21
C SER A 83 -23.38 12.77 16.05
N ALA A 84 -22.86 11.55 16.08
CA ALA A 84 -21.97 11.05 15.05
C ALA A 84 -22.53 9.70 14.62
N LEU A 85 -23.82 9.51 14.84
CA LEU A 85 -24.51 8.28 14.47
C LEU A 85 -24.42 7.96 12.99
N PRO A 86 -24.46 6.67 12.63
CA PRO A 86 -24.39 6.39 11.19
C PRO A 86 -25.67 6.91 10.52
N ASN A 87 -25.53 7.31 9.26
CA ASN A 87 -26.63 7.85 8.48
C ASN A 87 -27.92 7.03 8.51
N GLU A 88 -27.80 5.71 8.44
CA GLU A 88 -28.98 4.85 8.44
C GLU A 88 -29.70 4.68 9.77
N LEU A 89 -29.18 5.28 10.84
CA LEU A 89 -29.83 5.15 12.15
C LEU A 89 -30.18 6.49 12.78
N ALA A 90 -29.56 7.54 12.28
CA ALA A 90 -29.75 8.88 12.83
C ALA A 90 -31.16 9.50 12.80
N GLU A 91 -31.90 9.30 11.72
CA GLU A 91 -33.22 9.93 11.62
C GLU A 91 -34.16 9.67 12.80
N SER A 92 -34.54 8.42 13.01
CA SER A 92 -35.42 8.09 14.11
C SER A 92 -34.91 8.58 15.46
N ILE A 93 -33.68 8.19 15.79
CA ILE A 93 -33.08 8.56 17.06
C ILE A 93 -33.07 10.06 17.29
N GLU A 94 -32.45 10.78 16.38
CA GLU A 94 -32.38 12.23 16.51
C GLU A 94 -33.74 12.91 16.52
N LEU A 95 -34.70 12.37 15.77
CA LEU A 95 -36.02 12.97 15.71
C LEU A 95 -36.72 12.87 17.06
N GLU A 96 -36.66 11.69 17.68
CA GLU A 96 -37.29 11.48 18.97
C GLU A 96 -36.72 12.38 20.05
N LEU A 97 -35.39 12.58 20.01
CA LEU A 97 -34.73 13.42 20.98
C LEU A 97 -35.18 14.87 20.85
N VAL A 98 -35.20 15.38 19.62
CA VAL A 98 -35.62 16.74 19.35
C VAL A 98 -37.10 16.94 19.69
N LYS A 99 -37.90 15.90 19.49
CA LYS A 99 -39.33 15.99 19.81
C LYS A 99 -39.50 16.09 21.33
N ASN A 100 -38.59 15.48 22.07
CA ASN A 100 -38.65 15.52 23.53
C ASN A 100 -38.03 16.77 24.10
N GLY A 101 -37.62 17.69 23.23
CA GLY A 101 -37.04 18.94 23.69
C GLY A 101 -35.52 19.07 23.73
N LYS A 102 -34.81 18.02 23.32
CA LYS A 102 -33.34 18.08 23.33
C LYS A 102 -32.77 18.93 22.21
N ILE A 103 -31.64 19.59 22.50
CA ILE A 103 -30.94 20.38 21.48
C ILE A 103 -29.93 19.40 20.87
N VAL A 104 -30.09 19.10 19.58
CA VAL A 104 -29.20 18.16 18.91
C VAL A 104 -28.38 18.79 17.78
N VAL A 105 -27.08 18.52 17.78
CA VAL A 105 -26.16 18.98 16.75
C VAL A 105 -25.55 17.69 16.18
N SER A 106 -25.87 17.40 14.93
CA SER A 106 -25.44 16.15 14.31
C SER A 106 -24.74 16.27 12.96
N ASN A 107 -23.78 15.37 12.71
CA ASN A 107 -23.10 15.38 11.43
C ASN A 107 -23.56 14.23 10.53
N ALA A 108 -24.66 13.58 10.93
CA ALA A 108 -25.23 12.49 10.13
C ALA A 108 -26.12 13.13 9.06
N SER A 109 -26.23 12.49 7.91
CA SER A 109 -27.00 13.00 6.77
C SER A 109 -28.50 13.33 6.90
N PRO A 110 -29.29 12.52 7.64
CA PRO A 110 -30.72 12.84 7.74
C PRO A 110 -31.03 14.29 8.15
N PHE A 111 -31.98 14.91 7.43
CA PHE A 111 -32.40 16.28 7.70
C PHE A 111 -31.47 17.38 7.19
N ARG A 112 -30.26 17.02 6.76
CA ARG A 112 -29.30 18.04 6.31
C ARG A 112 -29.89 19.03 5.31
N MET A 113 -30.80 18.54 4.47
CA MET A 113 -31.41 19.40 3.46
C MET A 113 -32.82 19.86 3.82
N ASP A 114 -33.20 19.72 5.09
CA ASP A 114 -34.52 20.16 5.54
C ASP A 114 -34.46 21.68 5.59
N PRO A 115 -35.37 22.36 4.89
CA PRO A 115 -35.48 23.83 4.79
C PRO A 115 -35.55 24.57 6.13
N ASP A 116 -35.96 23.87 7.18
CA ASP A 116 -36.05 24.49 8.50
C ASP A 116 -34.86 24.14 9.40
N VAL A 117 -33.95 23.33 8.87
CA VAL A 117 -32.80 22.91 9.64
C VAL A 117 -31.52 23.52 9.07
N PRO A 118 -30.76 24.23 9.92
CA PRO A 118 -29.51 24.85 9.45
C PRO A 118 -28.44 23.79 9.19
N LEU A 119 -27.72 23.93 8.07
CA LEU A 119 -26.63 23.01 7.72
C LEU A 119 -25.41 23.89 7.91
N ILE A 120 -24.70 23.67 9.02
CA ILE A 120 -23.57 24.52 9.34
C ILE A 120 -22.14 24.08 9.13
N ASN A 121 -21.36 25.04 8.64
CA ASN A 121 -19.92 24.94 8.45
C ASN A 121 -19.61 26.36 8.94
N PRO A 122 -19.32 26.49 10.24
CA PRO A 122 -19.01 27.74 10.96
C PRO A 122 -18.57 28.96 10.13
N GLU A 123 -17.35 28.92 9.61
CA GLU A 123 -16.82 30.02 8.82
C GLU A 123 -17.69 30.39 7.63
N ILE A 124 -18.27 29.40 6.99
CA ILE A 124 -19.08 29.62 5.79
C ILE A 124 -20.48 30.21 5.96
N ASN A 125 -21.28 29.66 6.88
CA ASN A 125 -22.64 30.16 7.04
C ASN A 125 -23.19 30.14 8.48
N TRP A 126 -22.44 30.69 9.42
CA TRP A 126 -22.89 30.73 10.80
C TRP A 126 -24.22 31.49 10.92
N GLU A 127 -24.40 32.50 10.06
CA GLU A 127 -25.61 33.31 10.06
C GLU A 127 -26.87 32.47 9.83
N HIS A 128 -26.72 31.34 9.16
CA HIS A 128 -27.86 30.49 8.89
C HIS A 128 -28.53 29.95 10.16
N LEU A 129 -27.82 30.05 11.30
CA LEU A 129 -28.37 29.57 12.57
C LEU A 129 -29.65 30.32 12.95
N GLU A 130 -29.89 31.46 12.32
CA GLU A 130 -31.08 32.24 12.60
C GLU A 130 -32.32 31.42 12.31
N LEU A 131 -32.17 30.37 11.51
CA LEU A 131 -33.30 29.51 11.18
C LEU A 131 -33.86 28.91 12.45
N LEU A 132 -33.03 28.82 13.48
CA LEU A 132 -33.45 28.25 14.74
C LEU A 132 -34.58 29.02 15.42
N LYS A 133 -34.70 30.30 15.07
CA LYS A 133 -35.72 31.16 15.66
C LYS A 133 -37.16 30.79 15.30
N PHE A 134 -37.32 30.00 14.23
CA PHE A 134 -38.66 29.62 13.78
C PHE A 134 -38.84 28.12 13.63
N GLN A 135 -37.78 27.37 13.91
CA GLN A 135 -37.83 25.91 13.78
C GLN A 135 -38.90 25.24 14.64
N LYS A 136 -38.90 25.53 15.94
CA LYS A 136 -39.88 24.91 16.82
C LYS A 136 -41.31 25.08 16.31
N GLU A 137 -41.65 26.31 15.94
CA GLU A 137 -42.98 26.61 15.43
C GLU A 137 -43.24 25.95 14.06
N ARG A 138 -42.22 25.92 13.21
CA ARG A 138 -42.35 25.32 11.88
C ARG A 138 -42.48 23.80 11.88
N LYS A 139 -41.67 23.12 12.67
CA LYS A 139 -41.71 21.65 12.72
C LYS A 139 -42.62 21.17 13.84
N GLY A 140 -42.94 22.07 14.76
CA GLY A 140 -43.77 21.69 15.89
C GLY A 140 -42.96 20.86 16.86
N TRP A 141 -41.68 21.22 17.00
CA TRP A 141 -40.77 20.51 17.91
C TRP A 141 -40.58 21.30 19.19
N LYS A 142 -40.30 20.59 20.28
CA LYS A 142 -40.03 21.21 21.56
C LYS A 142 -38.51 21.39 21.61
N GLY A 143 -37.81 20.69 20.73
CA GLY A 143 -36.36 20.75 20.70
C GLY A 143 -35.75 21.56 19.57
N ILE A 144 -34.44 21.41 19.41
CA ILE A 144 -33.66 22.11 18.39
C ILE A 144 -32.77 21.13 17.64
N LEU A 145 -32.73 21.26 16.31
CA LEU A 145 -31.89 20.40 15.49
C LEU A 145 -31.02 21.22 14.53
N VAL A 146 -29.72 20.93 14.57
CA VAL A 146 -28.74 21.60 13.70
C VAL A 146 -27.95 20.51 13.01
N LYS A 147 -27.59 20.75 11.75
CA LYS A 147 -26.85 19.73 11.02
C LYS A 147 -25.53 20.23 10.46
N ASN A 148 -24.63 19.29 10.21
CA ASN A 148 -23.32 19.59 9.64
C ASN A 148 -23.31 18.81 8.33
N PRO A 149 -22.63 19.36 7.31
CA PRO A 149 -22.59 18.69 6.01
C PRO A 149 -21.64 17.50 5.84
N ASN A 150 -21.80 16.84 4.70
CA ASN A 150 -20.98 15.72 4.29
C ASN A 150 -19.53 16.24 4.35
N CYS A 151 -18.62 15.42 4.88
CA CYS A 151 -17.22 15.81 5.02
C CYS A 151 -16.61 16.43 3.76
N THR A 152 -16.84 15.80 2.61
CA THR A 152 -16.31 16.30 1.36
C THR A 152 -16.91 17.66 1.03
N ALA A 153 -18.23 17.79 1.25
CA ALA A 153 -18.93 19.03 0.98
C ALA A 153 -18.33 20.13 1.85
N ALA A 154 -18.15 19.80 3.14
CA ALA A 154 -17.58 20.75 4.09
C ALA A 154 -16.23 21.26 3.58
N ILE A 155 -15.37 20.34 3.16
CA ILE A 155 -14.06 20.71 2.67
C ILE A 155 -14.14 21.56 1.40
N MET A 156 -14.95 21.12 0.43
CA MET A 156 -15.11 21.84 -0.83
C MET A 156 -15.68 23.25 -0.67
N SER A 157 -16.58 23.44 0.30
CA SER A 157 -17.21 24.74 0.50
C SER A 157 -16.27 25.84 0.94
N MET A 158 -15.18 25.48 1.62
CA MET A 158 -14.22 26.47 2.11
C MET A 158 -13.69 27.41 1.02
N PRO A 159 -13.11 26.86 -0.06
CA PRO A 159 -12.58 27.76 -1.09
C PRO A 159 -13.67 28.41 -1.95
N ILE A 160 -14.81 27.75 -2.09
CA ILE A 160 -15.91 28.24 -2.90
C ILE A 160 -16.60 29.48 -2.33
N LYS A 161 -16.88 29.48 -1.03
CA LYS A 161 -17.56 30.61 -0.39
C LYS A 161 -16.93 31.97 -0.72
N PRO A 162 -15.64 32.15 -0.39
CA PRO A 162 -15.02 33.45 -0.69
C PRO A 162 -14.96 33.75 -2.20
N LEU A 163 -15.34 32.77 -3.02
CA LEU A 163 -15.34 32.94 -4.47
C LEU A 163 -16.74 32.68 -5.00
N ILE A 164 -17.72 32.77 -4.11
CA ILE A 164 -19.11 32.51 -4.47
C ILE A 164 -19.61 33.31 -5.68
N GLU A 165 -19.12 34.53 -5.87
CA GLU A 165 -19.61 35.31 -7.00
C GLU A 165 -19.15 34.76 -8.35
N ILE A 166 -17.99 34.11 -8.38
CA ILE A 166 -17.46 33.54 -9.62
C ILE A 166 -18.14 32.20 -9.84
N ALA A 167 -18.17 31.38 -8.80
CA ALA A 167 -18.78 30.05 -8.84
C ALA A 167 -20.25 30.09 -9.23
N THR A 168 -20.95 31.12 -8.78
CA THR A 168 -22.37 31.26 -9.09
C THR A 168 -22.62 31.45 -10.57
N LYS A 169 -21.70 32.13 -11.24
CA LYS A 169 -21.83 32.39 -12.68
C LYS A 169 -20.89 31.47 -13.46
N SER A 170 -21.10 30.16 -13.35
CA SER A 170 -20.23 29.22 -14.05
C SER A 170 -20.77 27.81 -13.95
N LYS A 171 -20.05 26.89 -14.59
CA LYS A 171 -20.37 25.48 -14.54
C LYS A 171 -19.22 24.93 -13.69
N ILE A 172 -19.57 24.37 -12.54
CA ILE A 172 -18.59 23.83 -11.61
C ILE A 172 -18.35 22.35 -11.80
N ILE A 173 -17.13 22.01 -12.23
CA ILE A 173 -16.74 20.61 -12.41
C ILE A 173 -15.85 20.24 -11.24
N ILE A 174 -16.20 19.17 -10.54
CA ILE A 174 -15.41 18.74 -9.41
C ILE A 174 -15.08 17.25 -9.37
N THR A 175 -13.83 16.95 -9.10
CA THR A 175 -13.39 15.58 -8.96
C THR A 175 -12.85 15.48 -7.53
N THR A 176 -13.39 14.56 -6.76
CA THR A 176 -12.93 14.40 -5.38
C THR A 176 -12.22 13.06 -5.19
N LEU A 177 -11.08 13.08 -4.52
CA LEU A 177 -10.33 11.87 -4.23
C LEU A 177 -10.44 11.69 -2.72
N GLN A 178 -11.23 10.69 -2.31
CA GLN A 178 -11.49 10.46 -0.91
C GLN A 178 -10.79 9.30 -0.24
N ALA A 179 -10.24 9.58 0.92
CA ALA A 179 -9.52 8.59 1.72
C ALA A 179 -10.43 7.45 2.16
N VAL A 180 -9.81 6.31 2.47
CA VAL A 180 -10.54 5.14 2.91
C VAL A 180 -11.30 5.38 4.22
N SER A 181 -10.68 6.09 5.16
CA SER A 181 -11.31 6.35 6.45
C SER A 181 -12.68 6.97 6.29
N GLY A 182 -12.91 7.66 5.19
CA GLY A 182 -14.19 8.29 4.93
C GLY A 182 -15.34 7.29 4.99
N ALA A 183 -15.02 6.01 4.85
CA ALA A 183 -16.02 4.96 4.88
C ALA A 183 -15.98 4.26 6.23
N GLY A 184 -15.36 4.92 7.20
CA GLY A 184 -15.23 4.32 8.52
C GLY A 184 -13.91 3.59 8.61
N TYR A 185 -13.63 2.94 9.73
CA TYR A 185 -12.37 2.24 9.90
C TYR A 185 -12.34 0.90 9.19
N ASN A 186 -13.49 0.24 9.08
CA ASN A 186 -13.55 -1.07 8.46
C ASN A 186 -14.44 -1.14 7.24
N GLY A 187 -14.89 0.01 6.75
CA GLY A 187 -15.76 0.01 5.60
C GLY A 187 -15.15 -0.61 4.34
N ILE A 188 -13.87 -0.37 4.10
CA ILE A 188 -13.23 -0.87 2.90
C ILE A 188 -12.11 -1.88 3.15
N SER A 189 -12.17 -3.01 2.44
CA SER A 189 -11.16 -4.06 2.62
C SER A 189 -9.85 -3.71 1.92
N PHE A 190 -8.77 -4.31 2.42
CA PHE A 190 -7.45 -4.11 1.85
C PHE A 190 -7.38 -4.58 0.41
N MET A 191 -7.96 -5.75 0.15
CA MET A 191 -7.98 -6.35 -1.17
C MET A 191 -8.70 -5.49 -2.21
N ALA A 192 -9.74 -4.78 -1.78
CA ALA A 192 -10.53 -3.96 -2.68
C ALA A 192 -9.92 -2.64 -3.12
N ILE A 193 -9.13 -2.02 -2.25
CA ILE A 193 -8.59 -0.71 -2.58
C ILE A 193 -7.07 -0.55 -2.75
N GLU A 194 -6.27 -1.34 -2.05
CA GLU A 194 -4.83 -1.17 -2.15
C GLU A 194 -4.30 -1.28 -3.58
N GLY A 195 -3.45 -0.32 -3.93
CA GLY A 195 -2.87 -0.27 -5.27
C GLY A 195 -3.99 -0.14 -6.29
N ASN A 196 -5.13 0.42 -5.88
CA ASN A 196 -6.25 0.53 -6.79
C ASN A 196 -7.04 1.85 -6.66
N ILE A 197 -8.07 1.97 -7.47
CA ILE A 197 -8.93 3.14 -7.45
C ILE A 197 -10.34 2.73 -7.83
N ILE A 198 -11.32 3.24 -7.08
CA ILE A 198 -12.73 2.94 -7.31
C ILE A 198 -13.40 4.29 -7.56
N PRO A 199 -13.71 4.58 -8.84
CA PRO A 199 -14.34 5.84 -9.27
C PRO A 199 -15.79 6.03 -8.85
N TYR A 200 -16.19 5.37 -7.78
CA TYR A 200 -17.56 5.49 -7.33
C TYR A 200 -17.74 5.37 -5.81
N ILE A 201 -18.49 6.31 -5.26
CA ILE A 201 -18.82 6.30 -3.84
C ILE A 201 -20.31 6.64 -3.78
N LYS A 202 -21.12 5.61 -3.54
CA LYS A 202 -22.57 5.72 -3.44
C LYS A 202 -23.11 6.99 -2.78
N GLY A 203 -23.96 7.71 -3.52
CA GLY A 203 -24.60 8.91 -3.00
C GLY A 203 -23.75 10.12 -2.68
N GLU A 204 -22.43 9.98 -2.79
CA GLU A 204 -21.53 11.08 -2.47
C GLU A 204 -21.64 12.27 -3.41
N GLU A 205 -21.76 12.02 -4.71
CA GLU A 205 -21.83 13.09 -5.69
C GLU A 205 -23.07 13.97 -5.57
N ASP A 206 -24.21 13.36 -5.32
CA ASP A 206 -25.45 14.11 -5.18
C ASP A 206 -25.44 14.94 -3.90
N LYS A 207 -24.94 14.36 -2.80
CA LYS A 207 -24.86 15.06 -1.53
C LYS A 207 -23.94 16.27 -1.61
N ILE A 208 -22.84 16.13 -2.35
CA ILE A 208 -21.89 17.23 -2.49
C ILE A 208 -22.53 18.40 -3.20
N ALA A 209 -23.04 18.15 -4.39
CA ALA A 209 -23.67 19.21 -5.19
C ALA A 209 -24.82 19.91 -4.47
N LYS A 210 -25.76 19.14 -3.93
CA LYS A 210 -26.89 19.74 -3.24
C LYS A 210 -26.50 20.49 -1.97
N GLU A 211 -25.75 19.84 -1.10
CA GLU A 211 -25.33 20.46 0.15
C GLU A 211 -24.52 21.73 -0.07
N LEU A 212 -23.70 21.73 -1.12
CA LEU A 212 -22.89 22.90 -1.44
C LEU A 212 -23.84 24.09 -1.74
N THR A 213 -25.00 23.77 -2.28
CA THR A 213 -26.02 24.78 -2.62
C THR A 213 -26.58 25.47 -1.36
N LYS A 214 -26.74 24.70 -0.29
CA LYS A 214 -27.27 25.25 0.96
C LYS A 214 -26.17 25.93 1.78
N LEU A 215 -24.98 25.35 1.80
CA LEU A 215 -23.86 25.92 2.55
C LEU A 215 -23.51 27.32 2.04
N ASN A 216 -23.63 27.52 0.74
CA ASN A 216 -23.31 28.81 0.13
C ASN A 216 -24.54 29.68 -0.06
N GLY A 217 -25.66 29.24 0.47
CA GLY A 217 -26.90 29.99 0.34
C GLY A 217 -26.91 31.26 1.16
N LYS A 218 -27.96 32.06 0.97
CA LYS A 218 -28.10 33.32 1.68
C LYS A 218 -29.36 33.33 2.50
N LEU A 219 -29.27 33.86 3.72
CA LEU A 219 -30.41 33.95 4.61
C LEU A 219 -31.21 35.21 4.30
N GLU A 220 -32.50 35.04 4.02
CA GLU A 220 -33.37 36.18 3.70
C GLU A 220 -34.79 35.88 4.16
N ASN A 221 -35.33 36.73 5.02
CA ASN A 221 -36.68 36.55 5.53
C ASN A 221 -36.86 35.21 6.25
N ASN A 222 -35.99 34.95 7.22
CA ASN A 222 -36.09 33.74 8.00
C ASN A 222 -35.96 32.45 7.20
N GLN A 223 -35.37 32.52 6.02
CA GLN A 223 -35.18 31.31 5.22
C GLN A 223 -33.89 31.38 4.42
N ILE A 224 -33.45 30.23 3.94
CA ILE A 224 -32.22 30.17 3.17
C ILE A 224 -32.47 30.10 1.68
N ILE A 225 -31.98 31.10 0.95
CA ILE A 225 -32.10 31.12 -0.49
C ILE A 225 -30.88 30.36 -1.02
N PRO A 226 -31.12 29.16 -1.59
CA PRO A 226 -30.05 28.31 -2.14
C PRO A 226 -29.20 29.04 -3.17
N ALA A 227 -27.88 28.93 -3.05
CA ALA A 227 -27.00 29.57 -4.01
C ALA A 227 -27.13 28.85 -5.34
N ASN A 228 -27.03 29.59 -6.45
CA ASN A 228 -27.14 28.97 -7.76
C ASN A 228 -25.81 28.35 -8.17
N LEU A 229 -25.66 27.06 -7.89
CA LEU A 229 -24.42 26.38 -8.24
C LEU A 229 -24.70 25.16 -9.12
N ASP A 230 -24.30 25.25 -10.38
CA ASP A 230 -24.49 24.16 -11.30
C ASP A 230 -23.21 23.33 -11.28
N SER A 231 -23.13 22.39 -10.35
CA SER A 231 -21.95 21.56 -10.24
C SER A 231 -22.13 20.10 -10.59
N THR A 232 -21.11 19.55 -11.27
CA THR A 232 -21.11 18.14 -11.65
C THR A 232 -19.87 17.56 -10.96
N VAL A 233 -20.08 16.54 -10.13
CA VAL A 233 -18.96 15.97 -9.40
C VAL A 233 -18.74 14.50 -9.58
N THR A 234 -17.47 14.11 -9.54
CA THR A 234 -17.06 12.72 -9.68
C THR A 234 -16.24 12.39 -8.43
N SER A 235 -16.78 11.51 -7.58
CA SER A 235 -16.09 11.13 -6.35
C SER A 235 -15.39 9.78 -6.47
N ILE A 236 -14.09 9.80 -6.21
CA ILE A 236 -13.27 8.62 -6.33
C ILE A 236 -12.62 8.21 -5.02
N ARG A 237 -12.55 6.90 -4.77
CA ARG A 237 -11.93 6.38 -3.57
C ARG A 237 -10.49 6.00 -3.91
N VAL A 238 -9.55 6.50 -3.11
CA VAL A 238 -8.13 6.21 -3.30
C VAL A 238 -7.57 5.52 -2.03
N PRO A 239 -6.46 4.77 -2.15
CA PRO A 239 -5.83 4.06 -1.02
C PRO A 239 -5.05 4.99 -0.09
N THR A 240 -5.80 5.91 0.51
CA THR A 240 -5.28 6.90 1.43
C THR A 240 -6.00 6.68 2.77
N ARG A 241 -5.34 6.96 3.88
CA ARG A 241 -5.98 6.76 5.17
C ARG A 241 -6.88 7.94 5.53
N VAL A 242 -6.30 9.12 5.56
CA VAL A 242 -7.06 10.30 5.93
C VAL A 242 -6.79 11.47 5.01
N GLY A 243 -7.85 12.21 4.69
CA GLY A 243 -7.71 13.37 3.83
C GLY A 243 -8.45 13.23 2.52
N HIS A 244 -9.33 14.19 2.26
CA HIS A 244 -10.12 14.23 1.03
C HIS A 244 -9.57 15.35 0.14
N MET A 245 -9.21 14.97 -1.07
CA MET A 245 -8.68 15.94 -2.01
C MET A 245 -9.79 16.26 -3.03
N GLY A 246 -9.76 17.49 -3.54
CA GLY A 246 -10.75 17.89 -4.52
C GLY A 246 -10.18 18.78 -5.59
N VAL A 247 -10.40 18.42 -6.85
CA VAL A 247 -9.93 19.24 -7.95
C VAL A 247 -11.16 20.01 -8.40
N ILE A 248 -11.12 21.32 -8.20
CA ILE A 248 -12.24 22.18 -8.55
C ILE A 248 -11.96 23.00 -9.80
N ASN A 249 -12.88 22.93 -10.76
CA ASN A 249 -12.75 23.68 -11.99
C ASN A 249 -13.98 24.57 -12.18
N ILE A 250 -13.80 25.87 -11.99
CA ILE A 250 -14.90 26.79 -12.17
C ILE A 250 -14.86 27.27 -13.63
N VAL A 251 -15.65 26.60 -14.47
CA VAL A 251 -15.72 26.92 -15.90
C VAL A 251 -16.56 28.17 -16.13
N THR A 252 -15.89 29.27 -16.44
CA THR A 252 -16.59 30.54 -16.65
C THR A 252 -15.74 31.53 -17.43
N ASN A 253 -16.39 32.49 -18.07
CA ASN A 253 -15.67 33.51 -18.84
C ASN A 253 -15.57 34.82 -18.06
N GLU A 254 -16.00 34.79 -16.81
CA GLU A 254 -15.92 35.98 -15.96
C GLU A 254 -14.45 36.34 -15.81
N ARG A 255 -14.15 37.62 -15.71
CA ARG A 255 -12.76 38.06 -15.55
C ARG A 255 -12.27 37.47 -14.23
N ILE A 256 -10.97 37.21 -14.14
CA ILE A 256 -10.42 36.64 -12.93
C ILE A 256 -9.02 37.12 -12.62
N ASN A 257 -8.85 37.75 -11.46
CA ASN A 257 -7.55 38.24 -11.01
C ASN A 257 -6.95 37.14 -10.14
N ILE A 258 -6.10 36.32 -10.74
CA ILE A 258 -5.49 35.20 -10.03
C ILE A 258 -4.87 35.56 -8.68
N GLU A 259 -4.07 36.64 -8.64
CA GLU A 259 -3.42 37.04 -7.41
C GLU A 259 -4.39 37.52 -6.34
N GLU A 260 -5.45 38.21 -6.74
CA GLU A 260 -6.43 38.68 -5.77
C GLU A 260 -7.12 37.47 -5.13
N ILE A 261 -7.34 36.44 -5.94
CA ILE A 261 -7.97 35.21 -5.46
C ILE A 261 -7.10 34.54 -4.40
N LYS A 262 -5.81 34.40 -4.68
CA LYS A 262 -4.90 33.80 -3.71
C LYS A 262 -4.93 34.62 -2.43
N LYS A 263 -4.94 35.94 -2.58
CA LYS A 263 -4.99 36.83 -1.44
C LYS A 263 -6.29 36.66 -0.64
N THR A 264 -7.41 36.60 -1.34
CA THR A 264 -8.71 36.46 -0.70
C THR A 264 -8.81 35.17 0.12
N LEU A 265 -8.29 34.08 -0.42
CA LEU A 265 -8.34 32.79 0.26
C LEU A 265 -7.43 32.73 1.49
N LYS A 266 -6.22 33.27 1.37
CA LYS A 266 -5.28 33.26 2.48
C LYS A 266 -5.69 34.20 3.61
N ASN A 267 -6.46 35.23 3.26
CA ASN A 267 -6.92 36.20 4.24
C ASN A 267 -8.33 35.91 4.72
N PHE A 268 -8.91 34.80 4.27
CA PHE A 268 -10.27 34.49 4.69
C PHE A 268 -10.40 34.17 6.17
N LYS A 269 -11.15 34.99 6.87
CA LYS A 269 -11.41 34.81 8.30
C LYS A 269 -12.89 35.09 8.51
N SER A 270 -13.47 34.49 9.54
CA SER A 270 -14.89 34.69 9.81
C SER A 270 -15.10 34.86 11.32
N LEU A 271 -16.35 34.75 11.75
CA LEU A 271 -16.71 34.90 13.15
C LEU A 271 -15.94 33.99 14.09
N PRO A 272 -15.76 32.70 13.70
CA PRO A 272 -15.03 31.77 14.56
C PRO A 272 -13.60 32.25 14.84
N GLN A 273 -12.98 32.90 13.86
CA GLN A 273 -11.62 33.42 14.03
C GLN A 273 -11.63 34.71 14.85
N GLN A 274 -12.67 35.52 14.64
CA GLN A 274 -12.80 36.78 15.35
C GLN A 274 -13.05 36.62 16.83
N LYS A 275 -13.88 35.65 17.20
CA LYS A 275 -14.19 35.41 18.60
C LYS A 275 -13.19 34.43 19.21
N ASN A 276 -12.20 34.05 18.41
CA ASN A 276 -11.17 33.11 18.87
C ASN A 276 -11.77 31.91 19.57
N LEU A 277 -12.66 31.21 18.88
CA LEU A 277 -13.29 30.03 19.47
C LEU A 277 -12.24 28.92 19.55
N PRO A 278 -12.22 28.18 20.66
CA PRO A 278 -11.27 27.08 20.92
C PRO A 278 -10.99 26.11 19.77
N THR A 279 -11.99 25.79 18.98
CA THR A 279 -11.80 24.85 17.88
C THR A 279 -11.62 25.52 16.51
N ALA A 280 -11.62 26.85 16.47
CA ALA A 280 -11.45 27.58 15.22
C ALA A 280 -9.97 27.78 14.88
N PRO A 281 -9.54 27.38 13.67
CA PRO A 281 -8.13 27.55 13.31
C PRO A 281 -7.86 29.04 13.04
N LYS A 282 -6.60 29.46 13.17
CA LYS A 282 -6.26 30.87 12.92
C LYS A 282 -6.47 31.25 11.46
N GLN A 283 -6.17 30.34 10.54
CA GLN A 283 -6.35 30.58 9.11
C GLN A 283 -7.05 29.35 8.53
N PRO A 284 -8.39 29.40 8.40
CA PRO A 284 -9.18 28.28 7.88
C PRO A 284 -8.76 27.79 6.50
N ILE A 285 -8.11 28.66 5.72
CA ILE A 285 -7.66 28.30 4.39
C ILE A 285 -6.19 28.64 4.24
N ILE A 286 -5.38 27.65 3.87
CA ILE A 286 -3.96 27.86 3.67
C ILE A 286 -3.67 27.73 2.17
N VAL A 287 -2.91 28.68 1.64
CA VAL A 287 -2.56 28.64 0.22
C VAL A 287 -1.08 28.26 0.07
N ARG A 288 -0.83 27.26 -0.77
CA ARG A 288 0.53 26.81 -1.02
C ARG A 288 1.02 27.26 -2.39
N ASP A 289 2.23 27.80 -2.45
CA ASP A 289 2.78 28.26 -3.71
C ASP A 289 3.48 27.14 -4.49
N GLU A 290 4.00 26.14 -3.78
CA GLU A 290 4.68 25.05 -4.45
C GLU A 290 3.71 24.23 -5.30
N GLU A 291 4.08 24.01 -6.55
CA GLU A 291 3.26 23.28 -7.50
C GLU A 291 2.88 21.84 -7.15
N ASP A 292 3.59 21.21 -6.22
CA ASP A 292 3.27 19.83 -5.88
C ASP A 292 2.52 19.70 -4.55
N ARG A 293 1.75 20.74 -4.21
CA ARG A 293 0.98 20.77 -2.98
C ARG A 293 -0.46 21.15 -3.32
N PRO A 294 -1.44 20.77 -2.48
CA PRO A 294 -1.29 20.01 -1.23
C PRO A 294 -1.14 18.49 -1.42
N GLN A 295 -0.63 17.85 -0.37
CA GLN A 295 -0.45 16.41 -0.34
C GLN A 295 -0.92 15.90 1.02
N PRO A 296 -1.72 14.83 1.02
CA PRO A 296 -2.23 14.25 2.25
C PRO A 296 -1.21 14.09 3.38
N ILE A 297 -0.10 13.39 3.11
CA ILE A 297 0.91 13.15 4.14
C ILE A 297 1.62 14.38 4.68
N ILE A 298 1.51 15.52 3.98
CA ILE A 298 2.16 16.74 4.43
C ILE A 298 1.21 17.76 5.03
N ASP A 299 0.08 17.96 4.39
CA ASP A 299 -0.88 18.97 4.80
C ASP A 299 -2.17 18.57 5.50
N VAL A 300 -2.48 17.28 5.54
CA VAL A 300 -3.71 16.83 6.17
C VAL A 300 -3.90 17.33 7.61
N ASN A 301 -2.82 17.41 8.37
CA ASN A 301 -2.91 17.84 9.77
C ASN A 301 -2.89 19.35 10.03
N ALA A 302 -2.83 20.15 8.97
CA ALA A 302 -2.81 21.60 9.10
C ALA A 302 -3.74 22.11 10.18
N GLU A 303 -3.17 22.83 11.14
CA GLU A 303 -3.92 23.40 12.26
C GLU A 303 -4.88 22.41 12.91
N SER A 304 -4.33 21.26 13.29
CA SER A 304 -5.09 20.21 13.94
C SER A 304 -6.14 19.57 13.03
N GLY A 305 -6.07 19.87 11.75
CA GLY A 305 -7.02 19.30 10.81
C GLY A 305 -8.27 20.14 10.62
N MET A 306 -8.23 21.39 11.05
CA MET A 306 -9.36 22.29 10.91
C MET A 306 -9.16 23.24 9.74
N ALA A 307 -7.95 23.28 9.21
CA ALA A 307 -7.65 24.17 8.10
C ALA A 307 -7.55 23.34 6.81
N VAL A 308 -8.02 23.90 5.71
CA VAL A 308 -7.93 23.21 4.42
C VAL A 308 -6.76 23.84 3.67
N THR A 309 -6.09 23.05 2.84
CA THR A 309 -4.96 23.57 2.09
C THR A 309 -5.28 23.60 0.61
N VAL A 310 -5.09 24.77 0.00
CA VAL A 310 -5.35 24.97 -1.42
C VAL A 310 -4.03 25.18 -2.18
N GLY A 311 -3.97 24.64 -3.38
CA GLY A 311 -2.78 24.79 -4.20
C GLY A 311 -3.12 24.73 -5.68
N ARG A 312 -2.10 24.89 -6.52
CA ARG A 312 -2.27 24.84 -7.97
C ARG A 312 -3.37 25.78 -8.46
N ILE A 313 -3.51 26.93 -7.82
CA ILE A 313 -4.52 27.91 -8.20
C ILE A 313 -4.10 28.45 -9.57
N ARG A 314 -4.93 28.19 -10.59
CA ARG A 314 -4.57 28.62 -11.93
C ARG A 314 -5.75 29.07 -12.80
N HIS A 315 -5.48 30.05 -13.65
CA HIS A 315 -6.49 30.58 -14.55
C HIS A 315 -6.13 30.36 -16.01
N GLU A 316 -6.87 29.50 -16.68
CA GLU A 316 -6.64 29.22 -18.09
C GLU A 316 -7.87 29.75 -18.83
N ASN A 317 -8.00 29.41 -20.10
CA ASN A 317 -9.13 29.88 -20.87
C ASN A 317 -10.47 29.37 -20.36
N ASN A 318 -11.34 30.30 -19.98
CA ASN A 318 -12.68 29.98 -19.49
C ASN A 318 -12.69 29.06 -18.26
N VAL A 319 -11.66 29.11 -17.43
CA VAL A 319 -11.65 28.26 -16.24
C VAL A 319 -10.63 28.61 -15.15
N LEU A 320 -11.10 28.57 -13.91
CA LEU A 320 -10.28 28.83 -12.75
C LEU A 320 -10.15 27.48 -12.07
N ARG A 321 -8.94 26.97 -11.98
CA ARG A 321 -8.73 25.68 -11.34
C ARG A 321 -7.98 25.79 -10.01
N LEU A 322 -8.24 24.85 -9.13
CA LEU A 322 -7.58 24.82 -7.84
C LEU A 322 -7.75 23.45 -7.19
N VAL A 323 -6.78 23.09 -6.35
CA VAL A 323 -6.78 21.82 -5.62
C VAL A 323 -6.85 22.13 -4.13
N VAL A 324 -7.81 21.49 -3.46
CA VAL A 324 -7.98 21.70 -2.02
C VAL A 324 -7.90 20.37 -1.29
N LEU A 325 -7.41 20.42 -0.06
CA LEU A 325 -7.26 19.23 0.75
C LEU A 325 -7.71 19.54 2.16
N GLY A 326 -8.35 18.57 2.81
CA GLY A 326 -8.81 18.75 4.17
C GLY A 326 -8.91 17.43 4.92
N ASP A 327 -8.84 17.49 6.24
CA ASP A 327 -8.96 16.30 7.07
C ASP A 327 -10.46 16.01 7.14
N ASN A 328 -10.89 14.92 6.51
CA ASN A 328 -12.31 14.54 6.49
C ASN A 328 -12.86 14.17 7.87
N LEU A 329 -11.97 13.80 8.79
CA LEU A 329 -12.40 13.42 10.14
C LEU A 329 -12.60 14.61 11.08
N VAL A 330 -11.84 15.67 10.85
CA VAL A 330 -11.88 16.86 11.68
C VAL A 330 -12.73 17.95 11.01
N ARG A 331 -12.15 18.62 10.02
CA ARG A 331 -12.86 19.66 9.30
C ARG A 331 -14.16 19.09 8.74
N GLY A 332 -14.10 17.84 8.31
CA GLY A 332 -15.25 17.20 7.70
C GLY A 332 -16.27 16.56 8.62
N ALA A 333 -16.01 16.54 9.93
CA ALA A 333 -16.95 15.94 10.87
C ALA A 333 -16.79 16.39 12.32
N ALA A 334 -15.91 15.73 13.07
CA ALA A 334 -15.67 16.02 14.49
C ALA A 334 -15.46 17.50 14.83
N GLY A 335 -14.46 18.11 14.22
CA GLY A 335 -14.16 19.51 14.48
C GLY A 335 -15.25 20.50 14.13
N ILE A 336 -15.98 20.30 13.04
CA ILE A 336 -17.02 21.27 12.70
C ILE A 336 -18.25 21.18 13.59
N THR A 337 -18.53 19.99 14.10
CA THR A 337 -19.67 19.81 14.98
C THR A 337 -19.38 20.54 16.29
N ILE A 338 -18.18 20.33 16.81
CA ILE A 338 -17.77 20.95 18.06
C ILE A 338 -17.65 22.46 17.85
N LEU A 339 -17.16 22.87 16.69
CA LEU A 339 -17.01 24.30 16.38
C LEU A 339 -18.41 24.92 16.25
N THR A 340 -19.35 24.13 15.75
CA THR A 340 -20.71 24.62 15.59
C THR A 340 -21.31 24.91 16.95
N VAL A 341 -21.05 24.03 17.92
CA VAL A 341 -21.56 24.24 19.28
C VAL A 341 -20.92 25.51 19.88
N GLU A 342 -19.61 25.67 19.67
CA GLU A 342 -18.93 26.86 20.21
C GLU A 342 -19.60 28.14 19.68
N VAL A 343 -19.86 28.16 18.38
CA VAL A 343 -20.50 29.32 17.76
C VAL A 343 -21.87 29.59 18.37
N MET A 344 -22.66 28.53 18.55
CA MET A 344 -23.99 28.65 19.12
C MET A 344 -23.94 29.28 20.51
N LYS A 345 -22.97 28.88 21.32
CA LYS A 345 -22.83 29.45 22.65
C LYS A 345 -22.48 30.92 22.49
N GLU A 346 -21.54 31.21 21.59
CA GLU A 346 -21.11 32.58 21.30
C GLU A 346 -22.26 33.48 20.86
N LEU A 347 -23.22 32.92 20.13
CA LEU A 347 -24.35 33.70 19.62
C LEU A 347 -25.57 33.71 20.54
N GLY A 348 -25.52 32.94 21.63
CA GLY A 348 -26.65 32.92 22.55
C GLY A 348 -27.71 31.87 22.32
N TYR A 349 -27.56 31.02 21.32
CA TYR A 349 -28.54 29.96 21.12
C TYR A 349 -28.23 28.91 22.17
N ILE A 350 -26.99 28.96 22.66
CA ILE A 350 -26.46 28.06 23.68
C ILE A 350 -26.51 26.57 23.32
N ALA B 2 4.99 -15.39 -44.08
CA ALA B 2 5.59 -15.15 -42.73
C ALA B 2 7.01 -14.61 -42.87
N ASP B 3 7.19 -13.60 -43.69
CA ASP B 3 8.50 -12.99 -43.88
C ASP B 3 8.77 -12.09 -42.70
N LYS B 4 9.93 -12.28 -42.08
CA LYS B 4 10.29 -11.49 -40.92
C LYS B 4 10.84 -10.10 -41.25
N ILE B 5 10.31 -9.09 -40.57
CA ILE B 5 10.79 -7.73 -40.74
C ILE B 5 11.70 -7.54 -39.54
N LYS B 6 12.97 -7.24 -39.80
CA LYS B 6 13.94 -7.07 -38.73
C LYS B 6 13.93 -5.69 -38.11
N VAL B 7 13.80 -5.65 -36.79
CA VAL B 7 13.77 -4.39 -36.05
C VAL B 7 14.77 -4.36 -34.90
N SER B 8 15.09 -3.16 -34.44
CA SER B 8 15.99 -3.00 -33.32
C SER B 8 15.24 -2.18 -32.27
N LEU B 9 15.66 -2.26 -31.00
CA LEU B 9 15.00 -1.52 -29.93
C LEU B 9 15.94 -0.70 -29.06
N LEU B 10 15.70 0.60 -29.00
CA LEU B 10 16.50 1.52 -28.19
C LEU B 10 15.78 1.66 -26.86
N GLY B 11 16.54 1.75 -25.77
CA GLY B 11 15.94 1.89 -24.45
C GLY B 11 15.19 0.62 -24.06
N SER B 12 15.76 -0.53 -24.39
CA SER B 12 15.15 -1.83 -24.11
C SER B 12 15.21 -2.30 -22.67
N THR B 13 15.85 -1.54 -21.79
CA THR B 13 15.98 -1.95 -20.38
C THR B 13 14.96 -1.35 -19.43
N GLY B 14 14.28 -0.28 -19.85
CA GLY B 14 13.28 0.34 -19.02
C GLY B 14 11.99 -0.46 -19.05
N MET B 15 10.97 -0.03 -18.30
CA MET B 15 9.70 -0.75 -18.28
C MET B 15 9.06 -0.84 -19.67
N VAL B 16 8.99 0.27 -20.38
CA VAL B 16 8.41 0.26 -21.71
C VAL B 16 9.21 -0.67 -22.61
N GLY B 17 10.54 -0.59 -22.48
CA GLY B 17 11.41 -1.45 -23.25
C GLY B 17 11.18 -2.92 -22.96
N GLN B 18 11.13 -3.30 -21.69
CA GLN B 18 10.93 -4.69 -21.36
C GLN B 18 9.58 -5.20 -21.87
N LYS B 19 8.57 -4.31 -21.87
CA LYS B 19 7.24 -4.67 -22.37
C LYS B 19 7.32 -4.98 -23.86
N MET B 20 7.96 -4.10 -24.61
CA MET B 20 8.12 -4.29 -26.06
C MET B 20 8.92 -5.55 -26.37
N VAL B 21 9.90 -5.84 -25.53
CA VAL B 21 10.72 -7.04 -25.74
C VAL B 21 9.86 -8.27 -25.55
N LYS B 22 9.00 -8.24 -24.54
CA LYS B 22 8.12 -9.37 -24.25
C LYS B 22 7.07 -9.52 -25.34
N MET B 23 6.69 -8.41 -25.95
CA MET B 23 5.69 -8.44 -27.01
C MET B 23 6.29 -8.84 -28.36
N LEU B 24 7.52 -8.38 -28.62
CA LEU B 24 8.18 -8.71 -29.88
C LEU B 24 8.69 -10.13 -29.93
N ALA B 25 9.01 -10.67 -28.77
CA ALA B 25 9.54 -12.03 -28.68
C ALA B 25 8.66 -13.05 -29.40
N LYS B 26 7.36 -12.85 -29.35
CA LYS B 26 6.41 -13.76 -29.95
C LYS B 26 5.66 -13.21 -31.15
N HIS B 27 6.13 -12.10 -31.71
CA HIS B 27 5.46 -11.51 -32.85
C HIS B 27 5.50 -12.42 -34.08
N PRO B 28 4.41 -12.41 -34.86
CA PRO B 28 4.31 -13.23 -36.08
C PRO B 28 5.33 -12.89 -37.17
N TYR B 29 5.61 -11.60 -37.37
CA TYR B 29 6.56 -11.22 -38.41
C TYR B 29 7.61 -10.18 -38.05
N LEU B 30 7.45 -9.52 -36.90
CA LEU B 30 8.43 -8.54 -36.49
C LEU B 30 9.50 -9.28 -35.71
N GLU B 31 10.72 -9.29 -36.24
CA GLU B 31 11.82 -9.99 -35.62
C GLU B 31 12.82 -9.05 -34.94
N LEU B 32 12.82 -9.06 -33.60
CA LEU B 32 13.73 -8.22 -32.84
C LEU B 32 15.11 -8.88 -32.92
N VAL B 33 16.06 -8.22 -33.56
CA VAL B 33 17.40 -8.77 -33.72
C VAL B 33 18.49 -8.02 -32.94
N LYS B 34 18.20 -6.79 -32.53
CA LYS B 34 19.16 -5.99 -31.77
C LYS B 34 18.45 -5.14 -30.72
N VAL B 35 19.14 -4.90 -29.61
CA VAL B 35 18.60 -4.08 -28.53
C VAL B 35 19.72 -3.15 -28.05
N SER B 36 19.35 -1.96 -27.60
CA SER B 36 20.34 -1.02 -27.09
C SER B 36 20.01 -0.66 -25.66
N ALA B 37 21.04 -0.25 -24.93
CA ALA B 37 20.91 0.15 -23.53
C ALA B 37 22.08 1.10 -23.27
N SER B 38 22.37 1.34 -22.00
CA SER B 38 23.48 2.23 -21.63
C SER B 38 24.79 1.75 -22.26
N PRO B 39 25.71 2.68 -22.54
CA PRO B 39 27.02 2.38 -23.13
C PRO B 39 27.81 1.27 -22.44
N SER B 40 27.89 1.33 -21.10
CA SER B 40 28.63 0.32 -20.35
C SER B 40 28.04 -1.08 -20.49
N LYS B 41 26.85 -1.17 -21.08
CA LYS B 41 26.20 -2.47 -21.27
C LYS B 41 26.48 -3.04 -22.65
N ILE B 42 26.86 -2.17 -23.59
CA ILE B 42 27.12 -2.62 -24.96
C ILE B 42 28.09 -3.79 -24.98
N GLY B 43 27.74 -4.85 -25.70
CA GLY B 43 28.60 -6.02 -25.79
C GLY B 43 28.12 -7.17 -24.92
N LYS B 44 27.44 -6.85 -23.83
CA LYS B 44 26.90 -7.86 -22.92
C LYS B 44 25.60 -8.36 -23.50
N LYS B 45 25.21 -9.60 -23.18
CA LYS B 45 23.94 -10.13 -23.67
C LYS B 45 22.82 -9.45 -22.89
N TYR B 46 21.65 -9.34 -23.51
CA TYR B 46 20.51 -8.69 -22.87
C TYR B 46 20.23 -9.19 -21.45
N LYS B 47 20.18 -10.50 -21.28
CA LYS B 47 19.93 -11.07 -19.97
C LYS B 47 20.92 -10.62 -18.90
N ASP B 48 22.16 -10.35 -19.31
CA ASP B 48 23.17 -9.92 -18.35
C ASP B 48 23.22 -8.42 -18.13
N ALA B 49 22.34 -7.67 -18.79
CA ALA B 49 22.36 -6.23 -18.63
C ALA B 49 21.02 -5.65 -18.18
N VAL B 50 19.97 -6.47 -18.20
CA VAL B 50 18.65 -5.99 -17.80
C VAL B 50 18.19 -6.47 -16.43
N LYS B 51 17.56 -5.57 -15.70
CA LYS B 51 17.01 -5.91 -14.40
C LYS B 51 15.55 -6.17 -14.77
N TRP B 52 15.30 -7.39 -15.23
CA TRP B 52 13.99 -7.83 -15.67
C TRP B 52 12.90 -7.75 -14.60
N ILE B 53 11.88 -6.93 -14.86
CA ILE B 53 10.76 -6.79 -13.93
C ILE B 53 9.43 -7.22 -14.55
N GLU B 54 9.48 -7.78 -15.76
CA GLU B 54 8.26 -8.25 -16.42
C GLU B 54 7.85 -9.59 -15.83
N GLN B 55 6.77 -10.17 -16.36
CA GLN B 55 6.25 -11.44 -15.89
C GLN B 55 7.07 -12.65 -16.36
N GLY B 56 7.40 -13.52 -15.42
CA GLY B 56 8.16 -14.72 -15.74
C GLY B 56 9.55 -14.47 -16.28
N ASP B 57 10.18 -15.53 -16.77
CA ASP B 57 11.52 -15.49 -17.32
C ASP B 57 11.62 -14.66 -18.60
N ILE B 58 12.84 -14.26 -18.93
CA ILE B 58 13.09 -13.47 -20.13
C ILE B 58 12.93 -14.40 -21.33
N PRO B 59 12.23 -13.93 -22.37
CA PRO B 59 12.03 -14.76 -23.57
C PRO B 59 13.35 -15.29 -24.11
N GLU B 60 13.42 -16.59 -24.35
CA GLU B 60 14.62 -17.22 -24.84
C GLU B 60 15.07 -16.75 -26.22
N GLU B 61 14.21 -16.00 -26.91
CA GLU B 61 14.55 -15.49 -28.22
C GLU B 61 15.09 -14.06 -28.16
N VAL B 62 15.30 -13.57 -26.95
CA VAL B 62 15.83 -12.22 -26.76
C VAL B 62 16.92 -12.16 -25.68
N GLN B 63 16.88 -13.11 -24.75
CA GLN B 63 17.86 -13.16 -23.65
C GLN B 63 19.33 -13.09 -24.04
N ASP B 64 19.70 -13.75 -25.14
CA ASP B 64 21.10 -13.76 -25.60
C ASP B 64 21.45 -12.66 -26.60
N LEU B 65 20.50 -11.79 -26.90
CA LEU B 65 20.74 -10.69 -27.84
C LEU B 65 21.77 -9.75 -27.23
N PRO B 66 22.86 -9.48 -27.96
CA PRO B 66 23.87 -8.58 -27.41
C PRO B 66 23.41 -7.12 -27.51
N ILE B 67 23.77 -6.33 -26.50
CA ILE B 67 23.42 -4.92 -26.47
C ILE B 67 24.33 -4.21 -27.47
N VAL B 68 23.74 -3.34 -28.29
CA VAL B 68 24.53 -2.57 -29.27
C VAL B 68 24.43 -1.10 -28.91
N SER B 69 25.09 -0.26 -29.69
CA SER B 69 25.07 1.18 -29.44
C SER B 69 23.84 1.81 -30.09
N THR B 70 23.65 3.10 -29.85
CA THR B 70 22.54 3.85 -30.42
C THR B 70 23.02 4.62 -31.66
N ASN B 71 24.16 4.22 -32.18
CA ASN B 71 24.74 4.87 -33.37
C ASN B 71 24.40 4.12 -34.65
N TYR B 72 24.25 4.89 -35.72
CA TYR B 72 23.91 4.36 -37.05
C TYR B 72 24.59 3.05 -37.42
N GLU B 73 25.93 3.02 -37.37
CA GLU B 73 26.67 1.81 -37.74
C GLU B 73 26.12 0.52 -37.15
N ASP B 74 25.48 0.57 -35.99
CA ASP B 74 24.94 -0.64 -35.39
C ASP B 74 23.51 -0.98 -35.81
N HIS B 75 22.95 -0.19 -36.70
CA HIS B 75 21.59 -0.45 -37.16
C HIS B 75 21.42 -0.42 -38.66
N LYS B 76 22.52 -0.35 -39.39
CA LYS B 76 22.47 -0.32 -40.84
C LYS B 76 21.70 -1.51 -41.38
N ASP B 77 21.75 -2.63 -40.65
CA ASP B 77 21.09 -3.86 -41.07
C ASP B 77 19.68 -4.12 -40.55
N VAL B 78 19.01 -3.11 -40.02
CA VAL B 78 17.66 -3.33 -39.55
C VAL B 78 16.67 -2.55 -40.40
N ASP B 79 15.47 -3.12 -40.56
CA ASP B 79 14.40 -2.51 -41.33
C ASP B 79 13.77 -1.31 -40.63
N VAL B 80 13.53 -1.44 -39.33
CA VAL B 80 12.91 -0.36 -38.58
C VAL B 80 13.54 -0.22 -37.19
N VAL B 81 13.77 1.02 -36.78
CA VAL B 81 14.34 1.26 -35.46
C VAL B 81 13.24 1.74 -34.53
N LEU B 82 12.92 0.91 -33.54
CA LEU B 82 11.90 1.27 -32.56
C LEU B 82 12.64 1.91 -31.40
N SER B 83 12.02 2.87 -30.74
CA SER B 83 12.68 3.54 -29.64
C SER B 83 11.79 3.85 -28.43
N ALA B 84 12.30 3.47 -27.26
CA ALA B 84 11.62 3.71 -26.00
C ALA B 84 12.61 4.45 -25.10
N LEU B 85 13.50 5.22 -25.72
CA LEU B 85 14.52 5.99 -25.02
C LEU B 85 13.95 7.07 -24.11
N PRO B 86 14.67 7.44 -23.06
CA PRO B 86 14.16 8.49 -22.17
C PRO B 86 14.13 9.84 -22.91
N ASN B 87 13.06 10.59 -22.68
CA ASN B 87 12.86 11.88 -23.31
C ASN B 87 14.11 12.75 -23.44
N GLU B 88 14.90 12.80 -22.37
CA GLU B 88 16.13 13.62 -22.33
C GLU B 88 17.28 13.16 -23.21
N LEU B 89 17.23 11.93 -23.71
CA LEU B 89 18.32 11.41 -24.54
C LEU B 89 17.87 11.09 -25.97
N ALA B 90 16.56 11.05 -26.18
CA ALA B 90 16.00 10.70 -27.48
C ALA B 90 16.33 11.60 -28.66
N GLU B 91 16.15 12.91 -28.49
CA GLU B 91 16.37 13.83 -29.60
C GLU B 91 17.66 13.68 -30.40
N SER B 92 18.80 13.80 -29.74
CA SER B 92 20.08 13.68 -30.42
C SER B 92 20.28 12.30 -31.03
N ILE B 93 20.00 11.26 -30.25
CA ILE B 93 20.18 9.91 -30.77
C ILE B 93 19.29 9.69 -31.98
N GLU B 94 17.99 9.83 -31.79
CA GLU B 94 17.04 9.65 -32.87
C GLU B 94 17.32 10.45 -34.14
N LEU B 95 17.61 11.74 -33.99
CA LEU B 95 17.86 12.57 -35.16
C LEU B 95 18.98 12.02 -36.05
N GLU B 96 20.08 11.61 -35.44
CA GLU B 96 21.21 11.07 -36.20
C GLU B 96 20.83 9.83 -36.98
N LEU B 97 20.09 8.93 -36.35
CA LEU B 97 19.69 7.71 -37.03
C LEU B 97 18.84 8.08 -38.24
N VAL B 98 17.98 9.08 -38.07
CA VAL B 98 17.11 9.53 -39.15
C VAL B 98 17.95 10.26 -40.20
N LYS B 99 18.94 11.04 -39.76
CA LYS B 99 19.80 11.76 -40.70
C LYS B 99 20.67 10.81 -41.52
N ASN B 100 20.88 9.60 -41.01
CA ASN B 100 21.68 8.64 -41.74
C ASN B 100 20.81 7.66 -42.52
N GLY B 101 19.53 8.00 -42.65
CA GLY B 101 18.62 7.16 -43.43
C GLY B 101 17.77 6.10 -42.75
N LYS B 102 17.83 6.00 -41.43
CA LYS B 102 17.02 4.99 -40.74
C LYS B 102 15.56 5.40 -40.60
N ILE B 103 14.69 4.40 -40.49
CA ILE B 103 13.26 4.62 -40.28
C ILE B 103 13.10 4.42 -38.78
N VAL B 104 12.81 5.50 -38.06
CA VAL B 104 12.67 5.44 -36.61
C VAL B 104 11.26 5.71 -36.11
N VAL B 105 10.72 4.76 -35.37
CA VAL B 105 9.38 4.90 -34.79
C VAL B 105 9.60 4.92 -33.28
N SER B 106 9.37 6.08 -32.64
CA SER B 106 9.60 6.16 -31.21
C SER B 106 8.50 6.80 -30.39
N ASN B 107 8.46 6.42 -29.11
CA ASN B 107 7.47 6.93 -28.18
C ASN B 107 8.03 7.99 -27.23
N ALA B 108 9.27 8.42 -27.46
CA ALA B 108 9.87 9.47 -26.63
C ALA B 108 9.25 10.79 -27.11
N SER B 109 9.24 11.79 -26.22
CA SER B 109 8.62 13.09 -26.48
C SER B 109 9.15 14.03 -27.57
N PRO B 110 10.48 14.07 -27.79
CA PRO B 110 11.02 14.98 -28.81
C PRO B 110 10.43 14.79 -30.21
N PHE B 111 10.17 15.90 -30.90
CA PHE B 111 9.61 15.90 -32.25
C PHE B 111 8.13 15.54 -32.36
N ARG B 112 7.49 15.20 -31.23
CA ARG B 112 6.08 14.83 -31.25
C ARG B 112 5.18 15.89 -31.88
N MET B 113 5.46 17.16 -31.56
CA MET B 113 4.66 18.24 -32.09
C MET B 113 5.30 18.93 -33.28
N ASP B 114 6.15 18.21 -34.01
CA ASP B 114 6.79 18.78 -35.18
C ASP B 114 5.77 18.58 -36.30
N PRO B 115 5.40 19.66 -36.99
CA PRO B 115 4.44 19.67 -38.10
C PRO B 115 4.68 18.62 -39.18
N ASP B 116 5.93 18.24 -39.39
CA ASP B 116 6.23 17.25 -40.42
C ASP B 116 6.42 15.83 -39.89
N VAL B 117 6.12 15.63 -38.61
CA VAL B 117 6.26 14.32 -38.00
C VAL B 117 4.89 13.82 -37.51
N PRO B 118 4.43 12.68 -38.05
CA PRO B 118 3.13 12.15 -37.62
C PRO B 118 3.19 11.67 -36.16
N LEU B 119 2.18 12.03 -35.37
CA LEU B 119 2.09 11.62 -33.97
C LEU B 119 0.95 10.61 -34.01
N ILE B 120 1.30 9.34 -34.03
CA ILE B 120 0.32 8.28 -34.16
C ILE B 120 -0.19 7.46 -32.96
N ASN B 121 -1.48 7.17 -33.02
CA ASN B 121 -2.20 6.33 -32.08
C ASN B 121 -3.11 5.63 -33.08
N PRO B 122 -2.64 4.52 -33.67
CA PRO B 122 -3.29 3.69 -34.68
C PRO B 122 -4.77 3.90 -35.01
N GLU B 123 -5.66 3.48 -34.12
CA GLU B 123 -7.09 3.62 -34.38
C GLU B 123 -7.57 5.06 -34.54
N ILE B 124 -6.85 6.00 -33.93
CA ILE B 124 -7.24 7.40 -33.95
C ILE B 124 -6.87 8.23 -35.17
N ASN B 125 -5.63 8.07 -35.66
CA ASN B 125 -5.18 8.87 -36.79
C ASN B 125 -4.18 8.20 -37.72
N TRP B 126 -4.39 6.92 -38.03
CA TRP B 126 -3.47 6.22 -38.91
C TRP B 126 -3.27 7.00 -40.21
N GLU B 127 -4.33 7.65 -40.68
CA GLU B 127 -4.26 8.42 -41.93
C GLU B 127 -3.14 9.46 -41.92
N HIS B 128 -2.73 9.88 -40.73
CA HIS B 128 -1.68 10.89 -40.61
C HIS B 128 -0.33 10.40 -41.10
N LEU B 129 -0.17 9.09 -41.23
CA LEU B 129 1.09 8.53 -41.71
C LEU B 129 1.43 9.05 -43.11
N GLU B 130 0.44 9.62 -43.80
CA GLU B 130 0.67 10.17 -45.13
C GLU B 130 1.58 11.39 -45.11
N LEU B 131 1.77 11.97 -43.93
CA LEU B 131 2.65 13.13 -43.77
C LEU B 131 4.06 12.76 -44.24
N LEU B 132 4.36 11.47 -44.15
CA LEU B 132 5.66 10.94 -44.52
C LEU B 132 5.99 11.10 -46.01
N LYS B 133 4.96 11.28 -46.85
CA LYS B 133 5.20 11.44 -48.28
C LYS B 133 6.05 12.65 -48.63
N PHE B 134 6.08 13.63 -47.73
CA PHE B 134 6.84 14.85 -47.99
C PHE B 134 7.84 15.17 -46.89
N GLN B 135 7.99 14.29 -45.91
CA GLN B 135 8.90 14.53 -44.79
C GLN B 135 10.36 14.72 -45.20
N LYS B 136 10.87 13.80 -46.00
CA LYS B 136 12.27 13.88 -46.44
C LYS B 136 12.64 15.23 -47.01
N GLU B 137 11.90 15.70 -48.02
CA GLU B 137 12.20 16.99 -48.62
C GLU B 137 12.03 18.14 -47.64
N ARG B 138 10.99 18.07 -46.81
CA ARG B 138 10.73 19.13 -45.85
C ARG B 138 11.81 19.23 -44.77
N LYS B 139 12.28 18.08 -44.29
CA LYS B 139 13.29 18.06 -43.24
C LYS B 139 14.71 17.92 -43.78
N GLY B 140 14.84 17.43 -45.01
CA GLY B 140 16.15 17.25 -45.58
C GLY B 140 16.80 16.00 -45.01
N TRP B 141 15.99 15.02 -44.60
CA TRP B 141 16.52 13.77 -44.05
C TRP B 141 16.55 12.69 -45.11
N LYS B 142 17.33 11.64 -44.85
CA LYS B 142 17.42 10.51 -45.74
C LYS B 142 16.46 9.48 -45.15
N GLY B 143 16.29 9.56 -43.84
CA GLY B 143 15.41 8.64 -43.14
C GLY B 143 13.99 9.14 -42.89
N ILE B 144 13.25 8.37 -42.09
CA ILE B 144 11.88 8.68 -41.75
C ILE B 144 11.65 8.58 -40.24
N LEU B 145 10.93 9.55 -39.70
CA LEU B 145 10.63 9.58 -38.28
C LEU B 145 9.13 9.62 -38.01
N VAL B 146 8.68 8.69 -37.17
CA VAL B 146 7.29 8.60 -36.77
C VAL B 146 7.28 8.61 -35.24
N LYS B 147 6.30 9.31 -34.67
CA LYS B 147 6.17 9.44 -33.23
C LYS B 147 4.87 8.89 -32.67
N ASN B 148 4.91 8.53 -31.40
CA ASN B 148 3.76 8.03 -30.65
C ASN B 148 3.66 9.04 -29.52
N PRO B 149 2.44 9.39 -29.10
CA PRO B 149 2.19 10.37 -28.04
C PRO B 149 2.44 9.91 -26.62
N ASN B 150 2.40 10.89 -25.72
CA ASN B 150 2.53 10.68 -24.28
C ASN B 150 1.49 9.62 -23.90
N CYS B 151 1.88 8.69 -23.02
CA CYS B 151 1.01 7.60 -22.59
C CYS B 151 -0.39 8.04 -22.15
N THR B 152 -0.47 9.10 -21.36
CA THR B 152 -1.76 9.58 -20.89
C THR B 152 -2.61 10.12 -22.04
N ALA B 153 -2.02 10.97 -22.87
CA ALA B 153 -2.71 11.56 -24.02
C ALA B 153 -3.28 10.43 -24.88
N ALA B 154 -2.44 9.44 -25.17
CA ALA B 154 -2.84 8.28 -25.97
C ALA B 154 -4.11 7.66 -25.40
N ILE B 155 -4.13 7.44 -24.09
CA ILE B 155 -5.29 6.84 -23.44
C ILE B 155 -6.53 7.75 -23.50
N MET B 156 -6.34 9.03 -23.20
CA MET B 156 -7.44 10.00 -23.22
C MET B 156 -8.03 10.17 -24.62
N SER B 157 -7.16 10.23 -25.63
CA SER B 157 -7.60 10.42 -27.00
C SER B 157 -8.55 9.36 -27.53
N MET B 158 -8.47 8.15 -26.99
CA MET B 158 -9.33 7.06 -27.44
C MET B 158 -10.83 7.40 -27.43
N PRO B 159 -11.41 7.71 -26.26
CA PRO B 159 -12.83 8.05 -26.21
C PRO B 159 -13.21 9.38 -26.85
N ILE B 160 -12.26 10.31 -26.88
CA ILE B 160 -12.51 11.62 -27.45
C ILE B 160 -12.67 11.62 -28.97
N LYS B 161 -11.97 10.72 -29.66
CA LYS B 161 -12.03 10.63 -31.12
C LYS B 161 -13.45 10.37 -31.66
N PRO B 162 -14.08 9.27 -31.26
CA PRO B 162 -15.43 8.96 -31.74
C PRO B 162 -16.49 9.95 -31.25
N LEU B 163 -16.06 10.94 -30.47
CA LEU B 163 -16.97 11.95 -29.94
C LEU B 163 -16.36 13.32 -30.24
N ILE B 164 -15.54 13.37 -31.28
CA ILE B 164 -14.85 14.61 -31.68
C ILE B 164 -15.78 15.76 -32.02
N GLU B 165 -16.95 15.45 -32.55
CA GLU B 165 -17.91 16.48 -32.93
C GLU B 165 -18.36 17.30 -31.70
N ILE B 166 -18.63 16.61 -30.61
CA ILE B 166 -19.07 17.28 -29.38
C ILE B 166 -17.90 17.88 -28.62
N ALA B 167 -16.75 17.22 -28.69
CA ALA B 167 -15.57 17.70 -27.98
C ALA B 167 -15.05 19.00 -28.57
N THR B 168 -15.25 19.17 -29.87
CA THR B 168 -14.78 20.38 -30.55
C THR B 168 -15.59 21.60 -30.13
N LYS B 169 -16.86 21.38 -29.81
CA LYS B 169 -17.75 22.46 -29.40
C LYS B 169 -18.01 22.44 -27.90
N SER B 170 -16.94 22.53 -27.11
CA SER B 170 -17.07 22.51 -25.65
C SER B 170 -15.75 22.75 -24.94
N LYS B 171 -15.85 23.04 -23.64
CA LYS B 171 -14.66 23.22 -22.82
C LYS B 171 -14.43 21.84 -22.23
N ILE B 172 -13.23 21.28 -22.46
CA ILE B 172 -12.89 19.94 -21.96
C ILE B 172 -12.09 20.05 -20.66
N ILE B 173 -12.60 19.42 -19.60
CA ILE B 173 -11.97 19.41 -18.29
C ILE B 173 -11.56 17.98 -18.00
N ILE B 174 -10.26 17.75 -17.83
CA ILE B 174 -9.80 16.41 -17.55
C ILE B 174 -8.93 16.34 -16.31
N THR B 175 -9.20 15.36 -15.47
CA THR B 175 -8.40 15.14 -14.28
C THR B 175 -7.87 13.72 -14.49
N THR B 176 -6.56 13.54 -14.37
CA THR B 176 -6.00 12.21 -14.56
C THR B 176 -5.32 11.67 -13.30
N LEU B 177 -5.49 10.38 -13.08
CA LEU B 177 -4.89 9.68 -11.94
C LEU B 177 -3.86 8.73 -12.57
N GLN B 178 -2.59 9.08 -12.50
CA GLN B 178 -1.53 8.27 -13.12
C GLN B 178 -0.74 7.33 -12.19
N ALA B 179 -0.59 6.09 -12.64
CA ALA B 179 0.14 5.08 -11.89
C ALA B 179 1.60 5.46 -11.69
N VAL B 180 2.22 4.84 -10.69
CA VAL B 180 3.62 5.09 -10.36
C VAL B 180 4.52 4.63 -11.51
N SER B 181 4.13 3.55 -12.18
CA SER B 181 4.91 3.02 -13.30
C SER B 181 5.12 4.10 -14.35
N GLY B 182 4.25 5.10 -14.35
CA GLY B 182 4.35 6.18 -15.31
C GLY B 182 5.67 6.92 -15.20
N ALA B 183 6.29 6.83 -14.02
CA ALA B 183 7.55 7.51 -13.79
C ALA B 183 8.72 6.54 -13.81
N GLY B 184 8.56 5.41 -14.51
CA GLY B 184 9.64 4.44 -14.53
C GLY B 184 9.52 3.54 -13.31
N TYR B 185 10.29 2.44 -13.31
CA TYR B 185 10.24 1.50 -12.19
C TYR B 185 10.71 2.08 -10.87
N ASN B 186 11.78 2.87 -10.91
CA ASN B 186 12.33 3.46 -9.69
C ASN B 186 12.27 5.00 -9.64
N GLY B 187 11.37 5.59 -10.41
CA GLY B 187 11.28 7.04 -10.40
C GLY B 187 10.68 7.61 -9.11
N ILE B 188 9.83 6.85 -8.45
CA ILE B 188 9.18 7.33 -7.23
C ILE B 188 9.40 6.40 -6.04
N SER B 189 9.84 6.96 -4.92
CA SER B 189 10.09 6.16 -3.73
C SER B 189 8.79 5.79 -3.03
N PHE B 190 8.86 4.70 -2.26
CA PHE B 190 7.74 4.19 -1.48
C PHE B 190 7.25 5.20 -0.46
N MET B 191 8.20 5.89 0.18
CA MET B 191 7.89 6.88 1.22
C MET B 191 7.17 8.10 0.65
N ALA B 192 7.49 8.45 -0.58
CA ALA B 192 6.88 9.61 -1.20
C ALA B 192 5.45 9.43 -1.66
N ILE B 193 5.05 8.20 -2.00
CA ILE B 193 3.71 7.99 -2.53
C ILE B 193 2.70 7.10 -1.81
N GLU B 194 3.14 6.03 -1.15
CA GLU B 194 2.19 5.15 -0.48
C GLU B 194 1.31 5.90 0.51
N GLY B 195 0.00 5.63 0.43
CA GLY B 195 -0.97 6.31 1.27
C GLY B 195 -0.98 7.80 0.99
N ASN B 196 -0.52 8.20 -0.19
CA ASN B 196 -0.46 9.61 -0.51
C ASN B 196 -0.92 9.98 -1.93
N ILE B 197 -0.97 11.28 -2.21
CA ILE B 197 -1.38 11.79 -3.52
C ILE B 197 -0.51 13.01 -3.83
N ILE B 198 0.01 13.09 -5.05
CA ILE B 198 0.82 14.24 -5.46
C ILE B 198 0.12 14.84 -6.68
N PRO B 199 -0.64 15.93 -6.47
CA PRO B 199 -1.41 16.66 -7.46
C PRO B 199 -0.60 17.37 -8.53
N TYR B 200 0.49 16.74 -8.96
CA TYR B 200 1.32 17.36 -9.97
C TYR B 200 2.28 16.38 -10.61
N ILE B 201 2.51 16.56 -11.90
CA ILE B 201 3.43 15.72 -12.66
C ILE B 201 4.00 16.65 -13.72
N LYS B 202 5.25 17.03 -13.51
CA LYS B 202 6.00 17.92 -14.39
C LYS B 202 5.69 17.80 -15.90
N GLY B 203 5.22 18.88 -16.49
CA GLY B 203 4.92 18.93 -17.92
C GLY B 203 3.80 18.06 -18.48
N GLU B 204 3.26 17.16 -17.66
CA GLU B 204 2.21 16.26 -18.10
C GLU B 204 0.94 16.89 -18.67
N GLU B 205 0.43 17.92 -17.99
CA GLU B 205 -0.78 18.58 -18.40
C GLU B 205 -0.68 19.30 -19.74
N ASP B 206 0.43 19.99 -19.96
CA ASP B 206 0.63 20.72 -21.21
C ASP B 206 0.67 19.73 -22.37
N LYS B 207 1.40 18.63 -22.19
CA LYS B 207 1.52 17.61 -23.22
C LYS B 207 0.16 17.04 -23.59
N ILE B 208 -0.60 16.66 -22.58
CA ILE B 208 -1.91 16.09 -22.82
C ILE B 208 -2.78 17.00 -23.66
N ALA B 209 -2.88 18.26 -23.24
CA ALA B 209 -3.69 19.23 -23.97
C ALA B 209 -3.22 19.42 -25.41
N LYS B 210 -1.94 19.71 -25.59
CA LYS B 210 -1.38 19.93 -26.92
C LYS B 210 -1.46 18.72 -27.86
N GLU B 211 -1.01 17.56 -27.38
CA GLU B 211 -1.03 16.36 -28.22
C GLU B 211 -2.41 15.89 -28.64
N LEU B 212 -3.40 16.06 -27.77
CA LEU B 212 -4.76 15.68 -28.10
C LEU B 212 -5.18 16.46 -29.37
N THR B 213 -4.72 17.71 -29.46
CA THR B 213 -5.01 18.57 -30.60
C THR B 213 -4.53 17.97 -31.93
N LYS B 214 -3.33 17.38 -31.91
CA LYS B 214 -2.74 16.79 -33.10
C LYS B 214 -3.29 15.39 -33.37
N LEU B 215 -3.51 14.63 -32.31
CA LEU B 215 -4.04 13.29 -32.44
C LEU B 215 -5.45 13.30 -33.04
N ASN B 216 -6.23 14.32 -32.72
CA ASN B 216 -7.59 14.42 -33.24
C ASN B 216 -7.66 15.33 -34.46
N GLY B 217 -6.51 15.83 -34.88
CA GLY B 217 -6.45 16.71 -36.04
C GLY B 217 -6.87 16.02 -37.33
N LYS B 218 -6.95 16.79 -38.41
CA LYS B 218 -7.36 16.24 -39.69
C LYS B 218 -6.30 16.49 -40.75
N LEU B 219 -5.84 15.42 -41.39
CA LEU B 219 -4.84 15.56 -42.43
C LEU B 219 -5.51 16.13 -43.67
N GLU B 220 -5.17 17.37 -44.00
CA GLU B 220 -5.74 18.07 -45.17
C GLU B 220 -4.64 18.62 -46.07
N ASN B 221 -4.49 18.02 -47.25
CA ASN B 221 -3.48 18.41 -48.22
C ASN B 221 -2.07 18.50 -47.63
N ASN B 222 -1.59 17.38 -47.13
CA ASN B 222 -0.24 17.26 -46.58
C ASN B 222 0.06 18.09 -45.35
N GLN B 223 -0.98 18.51 -44.64
CA GLN B 223 -0.78 19.28 -43.43
C GLN B 223 -1.84 18.84 -42.42
N ILE B 224 -1.48 18.87 -41.14
CA ILE B 224 -2.43 18.48 -40.12
C ILE B 224 -3.12 19.69 -39.54
N ILE B 225 -4.43 19.73 -39.71
CA ILE B 225 -5.22 20.83 -39.16
C ILE B 225 -5.55 20.39 -37.75
N PRO B 226 -4.98 21.08 -36.75
CA PRO B 226 -5.19 20.82 -35.32
C PRO B 226 -6.66 20.89 -34.93
N ALA B 227 -7.11 19.91 -34.16
CA ALA B 227 -8.50 19.88 -33.72
C ALA B 227 -8.68 20.97 -32.66
N ASN B 228 -9.82 21.67 -32.72
CA ASN B 228 -10.10 22.72 -31.75
C ASN B 228 -10.55 22.08 -30.45
N LEU B 229 -9.58 21.73 -29.61
CA LEU B 229 -9.86 21.10 -28.33
C LEU B 229 -9.33 21.97 -27.21
N ASP B 230 -10.22 22.76 -26.63
CA ASP B 230 -9.88 23.63 -25.52
C ASP B 230 -10.03 22.84 -24.24
N SER B 231 -8.92 22.33 -23.72
CA SER B 231 -8.99 21.56 -22.51
C SER B 231 -8.05 21.98 -21.40
N THR B 232 -8.54 21.86 -20.17
CA THR B 232 -7.77 22.17 -18.97
C THR B 232 -7.63 20.83 -18.27
N VAL B 233 -6.39 20.43 -18.03
CA VAL B 233 -6.13 19.15 -17.42
C VAL B 233 -5.36 19.23 -16.09
N THR B 234 -5.71 18.34 -15.17
CA THR B 234 -5.04 18.27 -13.88
C THR B 234 -4.57 16.84 -13.74
N SER B 235 -3.24 16.67 -13.71
CA SER B 235 -2.63 15.35 -13.60
C SER B 235 -2.17 15.09 -12.18
N ILE B 236 -2.61 13.95 -11.64
CA ILE B 236 -2.29 13.57 -10.27
C ILE B 236 -1.65 12.20 -10.17
N ARG B 237 -0.67 12.09 -9.29
CA ARG B 237 0.02 10.82 -9.08
C ARG B 237 -0.66 10.07 -7.95
N VAL B 238 -1.02 8.83 -8.21
CA VAL B 238 -1.65 8.02 -7.18
C VAL B 238 -0.85 6.74 -6.94
N PRO B 239 -0.97 6.15 -5.74
CA PRO B 239 -0.26 4.92 -5.38
C PRO B 239 -0.79 3.69 -6.08
N THR B 240 -0.68 3.71 -7.39
CA THR B 240 -1.12 2.62 -8.27
C THR B 240 0.09 2.12 -9.06
N ARG B 241 0.16 0.81 -9.27
CA ARG B 241 1.29 0.24 -10.01
C ARG B 241 1.17 0.56 -11.50
N VAL B 242 0.12 0.03 -12.14
CA VAL B 242 -0.07 0.27 -13.57
C VAL B 242 -1.50 0.70 -13.88
N GLY B 243 -1.64 1.57 -14.88
CA GLY B 243 -2.96 2.03 -15.27
C GLY B 243 -3.23 3.50 -14.99
N HIS B 244 -3.43 4.27 -16.05
CA HIS B 244 -3.75 5.70 -15.89
C HIS B 244 -5.25 5.90 -16.04
N MET B 245 -5.86 6.56 -15.07
CA MET B 245 -7.29 6.81 -15.12
C MET B 245 -7.58 8.26 -15.49
N GLY B 246 -8.68 8.47 -16.19
CA GLY B 246 -9.07 9.80 -16.59
C GLY B 246 -10.53 10.07 -16.34
N VAL B 247 -10.84 11.25 -15.81
CA VAL B 247 -12.21 11.66 -15.58
C VAL B 247 -12.36 12.80 -16.59
N ILE B 248 -13.21 12.58 -17.58
CA ILE B 248 -13.39 13.58 -18.64
C ILE B 248 -14.78 14.22 -18.62
N ASN B 249 -14.79 15.55 -18.55
CA ASN B 249 -16.03 16.31 -18.54
C ASN B 249 -16.09 17.24 -19.75
N ILE B 250 -16.98 16.93 -20.69
CA ILE B 250 -17.14 17.75 -21.88
C ILE B 250 -18.31 18.70 -21.57
N VAL B 251 -17.98 19.94 -21.26
CA VAL B 251 -18.97 20.96 -20.92
C VAL B 251 -19.41 21.71 -22.18
N THR B 252 -20.61 21.40 -22.65
CA THR B 252 -21.16 22.01 -23.86
C THR B 252 -22.68 22.14 -23.82
N ASN B 253 -23.24 22.80 -24.83
CA ASN B 253 -24.68 22.97 -24.92
C ASN B 253 -25.21 22.01 -25.98
N GLU B 254 -24.31 21.29 -26.64
CA GLU B 254 -24.68 20.34 -27.67
C GLU B 254 -25.55 19.27 -27.03
N ARG B 255 -26.38 18.63 -27.84
CA ARG B 255 -27.26 17.58 -27.35
C ARG B 255 -26.42 16.38 -26.93
N ILE B 256 -26.80 15.77 -25.81
CA ILE B 256 -26.08 14.61 -25.30
C ILE B 256 -27.01 13.42 -25.17
N ASN B 257 -26.77 12.40 -26.00
CA ASN B 257 -27.59 11.18 -25.97
C ASN B 257 -26.72 10.05 -25.43
N ILE B 258 -26.89 9.73 -24.14
CA ILE B 258 -26.09 8.68 -23.51
C ILE B 258 -26.13 7.31 -24.17
N GLU B 259 -27.31 6.83 -24.54
CA GLU B 259 -27.41 5.53 -25.17
C GLU B 259 -26.72 5.53 -26.52
N GLU B 260 -26.76 6.69 -27.16
CA GLU B 260 -26.14 6.84 -28.48
C GLU B 260 -24.62 6.83 -28.32
N ILE B 261 -24.16 7.64 -27.37
CA ILE B 261 -22.73 7.74 -27.09
C ILE B 261 -22.16 6.38 -26.68
N LYS B 262 -22.90 5.63 -25.87
CA LYS B 262 -22.43 4.32 -25.44
C LYS B 262 -22.32 3.38 -26.62
N LYS B 263 -23.25 3.52 -27.56
CA LYS B 263 -23.26 2.69 -28.76
C LYS B 263 -22.02 3.07 -29.57
N THR B 264 -21.87 4.37 -29.80
CA THR B 264 -20.74 4.89 -30.55
C THR B 264 -19.41 4.38 -30.01
N LEU B 265 -19.23 4.48 -28.69
CA LEU B 265 -18.00 4.05 -28.05
C LEU B 265 -17.76 2.55 -28.12
N LYS B 266 -18.81 1.76 -27.90
CA LYS B 266 -18.68 0.30 -27.92
C LYS B 266 -18.52 -0.29 -29.32
N ASN B 267 -18.93 0.46 -30.33
CA ASN B 267 -18.84 -0.02 -31.71
C ASN B 267 -17.70 0.61 -32.48
N PHE B 268 -16.89 1.42 -31.78
CA PHE B 268 -15.75 2.08 -32.41
C PHE B 268 -14.71 1.07 -32.92
N LYS B 269 -14.31 1.24 -34.17
CA LYS B 269 -13.31 0.38 -34.80
C LYS B 269 -12.61 1.15 -35.90
N SER B 270 -11.40 0.71 -36.25
CA SER B 270 -10.62 1.37 -37.29
C SER B 270 -9.78 0.37 -38.11
N LEU B 271 -8.86 0.90 -38.92
CA LEU B 271 -8.01 0.09 -39.78
C LEU B 271 -7.33 -1.06 -39.06
N PRO B 272 -6.78 -0.80 -37.85
CA PRO B 272 -6.12 -1.90 -37.12
C PRO B 272 -7.06 -3.09 -36.93
N GLN B 273 -8.28 -2.83 -36.49
CA GLN B 273 -9.26 -3.89 -36.29
C GLN B 273 -9.61 -4.56 -37.63
N GLN B 274 -9.97 -3.74 -38.62
CA GLN B 274 -10.31 -4.22 -39.95
C GLN B 274 -9.30 -5.21 -40.50
N LYS B 275 -8.03 -4.78 -40.55
CA LYS B 275 -6.95 -5.59 -41.07
C LYS B 275 -6.48 -6.67 -40.11
N ASN B 276 -7.09 -6.73 -38.93
CA ASN B 276 -6.72 -7.73 -37.94
C ASN B 276 -5.23 -7.73 -37.66
N LEU B 277 -4.64 -6.55 -37.48
CA LEU B 277 -3.22 -6.48 -37.20
C LEU B 277 -3.03 -7.19 -35.85
N PRO B 278 -1.92 -7.94 -35.70
CA PRO B 278 -1.58 -8.70 -34.49
C PRO B 278 -1.65 -8.02 -33.13
N THR B 279 -1.28 -6.74 -33.05
CA THR B 279 -1.32 -6.04 -31.77
C THR B 279 -2.58 -5.21 -31.60
N ALA B 280 -3.52 -5.36 -32.52
CA ALA B 280 -4.78 -4.60 -32.44
C ALA B 280 -5.84 -5.36 -31.64
N PRO B 281 -6.52 -4.68 -30.70
CA PRO B 281 -7.55 -5.36 -29.92
C PRO B 281 -8.83 -5.45 -30.75
N LYS B 282 -9.58 -6.55 -30.61
CA LYS B 282 -10.82 -6.70 -31.35
C LYS B 282 -11.71 -5.50 -31.08
N GLN B 283 -11.77 -5.08 -29.83
CA GLN B 283 -12.58 -3.95 -29.42
C GLN B 283 -11.68 -2.95 -28.70
N PRO B 284 -11.29 -1.86 -29.39
CA PRO B 284 -10.42 -0.83 -28.81
C PRO B 284 -10.97 -0.09 -27.60
N ILE B 285 -12.30 0.03 -27.52
CA ILE B 285 -12.93 0.71 -26.41
C ILE B 285 -13.98 -0.20 -25.76
N ILE B 286 -13.77 -0.54 -24.50
CA ILE B 286 -14.73 -1.37 -23.78
C ILE B 286 -15.56 -0.47 -22.87
N VAL B 287 -16.88 -0.67 -22.88
CA VAL B 287 -17.76 0.13 -22.05
C VAL B 287 -18.38 -0.71 -20.94
N ARG B 288 -18.36 -0.17 -19.74
CA ARG B 288 -18.90 -0.85 -18.58
C ARG B 288 -20.19 -0.19 -18.06
N ASP B 289 -21.16 -1.02 -17.71
CA ASP B 289 -22.42 -0.49 -17.19
C ASP B 289 -22.49 -0.44 -15.67
N GLU B 290 -21.59 -1.12 -14.96
CA GLU B 290 -21.62 -1.06 -13.51
C GLU B 290 -21.00 0.24 -13.05
N GLU B 291 -21.59 0.83 -12.02
CA GLU B 291 -21.17 2.11 -11.50
C GLU B 291 -19.77 2.20 -10.89
N ASP B 292 -19.21 1.07 -10.46
CA ASP B 292 -17.88 1.09 -9.85
C ASP B 292 -16.77 0.69 -10.81
N ARG B 293 -17.00 0.94 -12.10
CA ARG B 293 -16.01 0.59 -13.12
C ARG B 293 -15.71 1.80 -13.98
N PRO B 294 -14.49 1.88 -14.55
CA PRO B 294 -13.39 0.92 -14.48
C PRO B 294 -12.48 1.07 -13.26
N GLN B 295 -11.79 -0.01 -12.93
CA GLN B 295 -10.85 -0.04 -11.82
C GLN B 295 -9.55 -0.67 -12.31
N PRO B 296 -8.41 -0.04 -12.00
CA PRO B 296 -7.10 -0.55 -12.41
C PRO B 296 -6.86 -2.05 -12.24
N ILE B 297 -7.10 -2.57 -11.04
CA ILE B 297 -6.85 -3.99 -10.77
C ILE B 297 -7.81 -4.94 -11.47
N ILE B 298 -8.89 -4.41 -12.02
CA ILE B 298 -9.87 -5.24 -12.70
C ILE B 298 -9.76 -5.11 -14.21
N ASP B 299 -9.64 -3.87 -14.67
CA ASP B 299 -9.64 -3.58 -16.10
C ASP B 299 -8.35 -3.22 -16.85
N VAL B 300 -7.26 -2.95 -16.14
CA VAL B 300 -6.00 -2.56 -16.83
C VAL B 300 -5.43 -3.57 -17.82
N ASN B 301 -5.85 -4.83 -17.74
CA ASN B 301 -5.36 -5.86 -18.65
C ASN B 301 -6.26 -6.16 -19.84
N ALA B 302 -7.39 -5.48 -19.91
CA ALA B 302 -8.35 -5.68 -21.00
C ALA B 302 -7.66 -5.88 -22.35
N GLU B 303 -7.92 -7.04 -22.95
CA GLU B 303 -7.34 -7.38 -24.23
C GLU B 303 -5.83 -7.14 -24.28
N SER B 304 -5.11 -7.73 -23.34
CA SER B 304 -3.67 -7.60 -23.28
C SER B 304 -3.16 -6.17 -23.12
N GLY B 305 -4.00 -5.30 -22.56
CA GLY B 305 -3.61 -3.92 -22.33
C GLY B 305 -3.71 -2.94 -23.49
N MET B 306 -4.39 -3.33 -24.56
CA MET B 306 -4.52 -2.43 -25.71
C MET B 306 -5.88 -1.75 -25.76
N ALA B 307 -6.87 -2.36 -25.13
CA ALA B 307 -8.21 -1.77 -25.11
C ALA B 307 -8.37 -0.90 -23.87
N VAL B 308 -9.03 0.23 -24.01
CA VAL B 308 -9.27 1.10 -22.87
C VAL B 308 -10.68 0.79 -22.34
N THR B 309 -10.91 1.11 -21.09
CA THR B 309 -12.21 0.83 -20.49
C THR B 309 -12.86 2.14 -20.07
N VAL B 310 -14.11 2.31 -20.47
CA VAL B 310 -14.88 3.50 -20.14
C VAL B 310 -16.11 3.10 -19.33
N GLY B 311 -16.47 3.93 -18.37
CA GLY B 311 -17.63 3.65 -17.54
C GLY B 311 -18.14 4.94 -16.94
N ARG B 312 -19.28 4.85 -16.25
CA ARG B 312 -19.88 6.03 -15.61
C ARG B 312 -20.23 7.11 -16.62
N ILE B 313 -20.63 6.70 -17.82
CA ILE B 313 -21.00 7.66 -18.85
C ILE B 313 -22.34 8.27 -18.40
N ARG B 314 -22.32 9.57 -18.13
CA ARG B 314 -23.49 10.25 -17.61
C ARG B 314 -23.71 11.62 -18.25
N HIS B 315 -24.95 12.09 -18.21
CA HIS B 315 -25.30 13.38 -18.76
C HIS B 315 -25.94 14.29 -17.73
N GLU B 316 -25.29 15.43 -17.47
CA GLU B 316 -25.81 16.40 -16.52
C GLU B 316 -25.91 17.73 -17.26
N ASN B 317 -26.48 18.73 -16.62
CA ASN B 317 -26.64 20.02 -17.26
C ASN B 317 -25.39 20.59 -17.92
N ASN B 318 -25.40 20.67 -19.25
CA ASN B 318 -24.28 21.21 -20.00
C ASN B 318 -22.98 20.45 -19.85
N VAL B 319 -23.04 19.14 -19.60
CA VAL B 319 -21.82 18.37 -19.44
C VAL B 319 -21.97 16.87 -19.62
N LEU B 320 -21.05 16.31 -20.38
CA LEU B 320 -21.02 14.89 -20.62
C LEU B 320 -19.82 14.39 -19.83
N ARG B 321 -20.06 13.45 -18.92
CA ARG B 321 -18.98 12.92 -18.10
C ARG B 321 -18.78 11.43 -18.26
N LEU B 322 -17.51 11.03 -18.37
CA LEU B 322 -17.17 9.62 -18.50
C LEU B 322 -15.80 9.33 -17.89
N VAL B 323 -15.62 8.11 -17.38
CA VAL B 323 -14.37 7.72 -16.77
C VAL B 323 -13.70 6.69 -17.68
N VAL B 324 -12.44 6.96 -17.99
CA VAL B 324 -11.68 6.09 -18.86
C VAL B 324 -10.43 5.59 -18.14
N LEU B 325 -10.02 4.37 -18.49
CA LEU B 325 -8.86 3.74 -17.91
C LEU B 325 -8.11 2.98 -19.00
N GLY B 326 -6.78 3.08 -18.96
CA GLY B 326 -5.98 2.38 -19.94
C GLY B 326 -4.63 1.98 -19.37
N ASP B 327 -4.04 0.92 -19.93
CA ASP B 327 -2.73 0.44 -19.50
C ASP B 327 -1.69 1.40 -20.08
N ASN B 328 -1.06 2.19 -19.21
CA ASN B 328 -0.06 3.16 -19.63
C ASN B 328 1.21 2.59 -20.25
N LEU B 329 1.53 1.34 -19.94
CA LEU B 329 2.74 0.70 -20.49
C LEU B 329 2.50 0.11 -21.89
N VAL B 330 1.28 -0.36 -22.13
CA VAL B 330 0.93 -0.99 -23.40
C VAL B 330 0.22 -0.01 -24.32
N ARG B 331 -1.08 0.20 -24.07
CA ARG B 331 -1.84 1.14 -24.87
C ARG B 331 -1.13 2.48 -24.90
N GLY B 332 -0.52 2.84 -23.79
CA GLY B 332 0.15 4.13 -23.71
C GLY B 332 1.56 4.21 -24.24
N ALA B 333 2.15 3.08 -24.66
CA ALA B 333 3.52 3.13 -25.16
C ALA B 333 3.96 1.94 -26.00
N ALA B 334 4.30 0.83 -25.34
CA ALA B 334 4.77 -0.37 -26.00
C ALA B 334 3.84 -0.85 -27.10
N GLY B 335 2.57 -1.04 -26.75
CA GLY B 335 1.59 -1.52 -27.71
C GLY B 335 1.31 -0.62 -28.90
N ILE B 336 1.32 0.70 -28.71
CA ILE B 336 1.05 1.58 -29.84
C ILE B 336 2.25 1.76 -30.75
N THR B 337 3.46 1.59 -30.21
CA THR B 337 4.63 1.73 -31.07
C THR B 337 4.63 0.55 -32.02
N ILE B 338 4.45 -0.65 -31.47
CA ILE B 338 4.45 -1.85 -32.27
C ILE B 338 3.28 -1.87 -33.26
N LEU B 339 2.11 -1.45 -32.81
CA LEU B 339 0.92 -1.42 -33.66
C LEU B 339 1.16 -0.44 -34.80
N THR B 340 1.85 0.66 -34.51
CA THR B 340 2.15 1.67 -35.53
C THR B 340 2.99 1.06 -36.65
N VAL B 341 3.96 0.24 -36.28
CA VAL B 341 4.83 -0.41 -37.25
C VAL B 341 3.99 -1.35 -38.10
N GLU B 342 3.03 -2.03 -37.45
CA GLU B 342 2.15 -2.97 -38.14
C GLU B 342 1.30 -2.24 -39.19
N VAL B 343 0.77 -1.08 -38.82
CA VAL B 343 -0.03 -0.30 -39.74
C VAL B 343 0.87 0.13 -40.90
N MET B 344 2.06 0.63 -40.56
CA MET B 344 3.01 1.07 -41.58
C MET B 344 3.28 -0.02 -42.60
N LYS B 345 3.38 -1.27 -42.14
CA LYS B 345 3.62 -2.40 -43.02
C LYS B 345 2.40 -2.60 -43.91
N GLU B 346 1.23 -2.52 -43.29
CA GLU B 346 -0.05 -2.68 -43.98
C GLU B 346 -0.29 -1.65 -45.08
N LEU B 347 0.02 -0.39 -44.79
CA LEU B 347 -0.20 0.68 -45.75
C LEU B 347 0.89 0.81 -46.82
N GLY B 348 1.92 -0.02 -46.71
CA GLY B 348 2.99 0.04 -47.70
C GLY B 348 4.22 0.83 -47.30
N TYR B 349 4.14 1.69 -46.29
CA TYR B 349 5.32 2.44 -45.88
C TYR B 349 6.39 1.46 -45.43
N ILE B 350 5.99 0.20 -45.28
CA ILE B 350 6.87 -0.90 -44.86
C ILE B 350 7.73 -0.59 -43.64
N ALA C 2 -10.59 -38.84 -22.48
CA ALA C 2 -10.65 -38.44 -21.04
C ALA C 2 -11.91 -39.02 -20.38
N ASP C 3 -11.73 -39.65 -19.21
CA ASP C 3 -12.85 -40.25 -18.49
C ASP C 3 -13.40 -39.25 -17.46
N LYS C 4 -14.53 -38.65 -17.80
CA LYS C 4 -15.20 -37.64 -16.98
C LYS C 4 -15.51 -37.99 -15.53
N ILE C 5 -15.39 -36.99 -14.67
CA ILE C 5 -15.70 -37.11 -13.24
C ILE C 5 -16.56 -35.89 -12.92
N LYS C 6 -17.82 -36.13 -12.58
CA LYS C 6 -18.74 -35.04 -12.27
C LYS C 6 -18.63 -34.62 -10.81
N VAL C 7 -18.31 -33.34 -10.60
CA VAL C 7 -18.16 -32.80 -9.24
C VAL C 7 -19.05 -31.60 -8.96
N SER C 8 -19.17 -31.27 -7.67
CA SER C 8 -19.93 -30.12 -7.25
C SER C 8 -18.97 -29.36 -6.34
N LEU C 9 -19.21 -28.08 -6.14
CA LEU C 9 -18.34 -27.29 -5.28
C LEU C 9 -19.10 -26.50 -4.24
N LEU C 10 -18.77 -26.74 -2.97
CA LEU C 10 -19.38 -26.04 -1.85
C LEU C 10 -18.51 -24.82 -1.57
N GLY C 11 -19.13 -23.67 -1.35
CA GLY C 11 -18.39 -22.44 -1.10
C GLY C 11 -17.82 -21.85 -2.38
N SER C 12 -18.49 -22.10 -3.50
CA SER C 12 -18.06 -21.64 -4.83
C SER C 12 -17.89 -20.12 -4.97
N THR C 13 -18.45 -19.39 -4.03
CA THR C 13 -18.43 -17.93 -4.02
C THR C 13 -17.23 -17.22 -3.38
N GLY C 14 -16.59 -17.84 -2.40
CA GLY C 14 -15.44 -17.22 -1.77
C GLY C 14 -14.23 -17.16 -2.69
N MET C 15 -13.12 -16.58 -2.21
CA MET C 15 -11.91 -16.48 -3.03
C MET C 15 -11.39 -17.83 -3.50
N VAL C 16 -11.21 -18.75 -2.57
CA VAL C 16 -10.73 -20.07 -2.92
C VAL C 16 -11.69 -20.75 -3.89
N GLY C 17 -12.99 -20.55 -3.65
CA GLY C 17 -14.01 -21.15 -4.50
C GLY C 17 -13.98 -20.62 -5.94
N GLN C 18 -13.80 -19.31 -6.09
CA GLN C 18 -13.75 -18.72 -7.42
C GLN C 18 -12.49 -19.20 -8.12
N LYS C 19 -11.46 -19.51 -7.32
CA LYS C 19 -10.21 -20.00 -7.88
C LYS C 19 -10.48 -21.38 -8.47
N MET C 20 -11.15 -22.23 -7.70
CA MET C 20 -11.46 -23.57 -8.18
C MET C 20 -12.37 -23.54 -9.39
N VAL C 21 -13.41 -22.70 -9.33
CA VAL C 21 -14.33 -22.57 -10.45
C VAL C 21 -13.51 -22.29 -11.69
N LYS C 22 -12.54 -21.37 -11.54
CA LYS C 22 -11.68 -20.97 -12.63
C LYS C 22 -10.84 -22.13 -13.15
N MET C 23 -10.29 -22.93 -12.23
CA MET C 23 -9.47 -24.06 -12.60
C MET C 23 -10.26 -25.25 -13.15
N LEU C 24 -11.50 -25.42 -12.69
CA LEU C 24 -12.34 -26.54 -13.13
C LEU C 24 -13.04 -26.32 -14.48
N ALA C 25 -13.26 -25.06 -14.83
CA ALA C 25 -13.93 -24.74 -16.09
C ALA C 25 -13.18 -25.33 -17.28
N LYS C 26 -11.86 -25.21 -17.24
CA LYS C 26 -10.99 -25.71 -18.30
C LYS C 26 -10.42 -27.11 -18.06
N HIS C 27 -10.83 -27.77 -16.97
CA HIS C 27 -10.27 -29.09 -16.68
C HIS C 27 -10.64 -30.17 -17.68
N PRO C 28 -9.65 -30.98 -18.10
CA PRO C 28 -9.77 -32.08 -19.05
C PRO C 28 -10.88 -33.11 -18.78
N TYR C 29 -11.00 -33.55 -17.54
CA TYR C 29 -12.02 -34.56 -17.23
C TYR C 29 -12.86 -34.32 -15.98
N LEU C 30 -12.52 -33.30 -15.21
CA LEU C 30 -13.27 -32.99 -14.01
C LEU C 30 -14.37 -32.01 -14.42
N GLU C 31 -15.61 -32.48 -14.38
CA GLU C 31 -16.75 -31.67 -14.78
C GLU C 31 -17.51 -31.01 -13.63
N LEU C 32 -17.34 -29.70 -13.50
CA LEU C 32 -18.03 -28.95 -12.46
C LEU C 32 -19.48 -28.81 -12.89
N VAL C 33 -20.34 -29.70 -12.39
CA VAL C 33 -21.75 -29.69 -12.76
C VAL C 33 -22.69 -28.93 -11.83
N LYS C 34 -22.23 -28.63 -10.62
CA LYS C 34 -23.05 -27.90 -9.66
C LYS C 34 -22.19 -27.02 -8.76
N VAL C 35 -22.73 -25.89 -8.34
CA VAL C 35 -22.02 -24.97 -7.47
C VAL C 35 -22.97 -24.58 -6.34
N SER C 36 -22.42 -24.42 -5.14
CA SER C 36 -23.22 -24.09 -3.99
C SER C 36 -22.70 -22.84 -3.29
N ALA C 37 -23.56 -22.23 -2.49
CA ALA C 37 -23.21 -21.03 -1.74
C ALA C 37 -24.29 -20.87 -0.65
N SER C 38 -24.26 -19.74 0.07
CA SER C 38 -25.22 -19.49 1.14
C SER C 38 -26.68 -19.65 0.71
N PRO C 39 -27.57 -19.98 1.65
CA PRO C 39 -29.00 -20.19 1.41
C PRO C 39 -29.75 -19.11 0.63
N SER C 40 -29.49 -17.84 0.92
CA SER C 40 -30.17 -16.75 0.23
C SER C 40 -29.77 -16.59 -1.24
N LYS C 41 -28.75 -17.33 -1.67
CA LYS C 41 -28.27 -17.27 -3.03
C LYS C 41 -28.81 -18.43 -3.86
N ILE C 42 -29.23 -19.49 -3.18
CA ILE C 42 -29.75 -20.68 -3.85
C ILE C 42 -30.87 -20.36 -4.86
N GLY C 43 -30.79 -20.99 -6.03
CA GLY C 43 -31.81 -20.76 -7.04
C GLY C 43 -31.41 -19.70 -8.05
N LYS C 44 -30.42 -18.90 -7.70
CA LYS C 44 -29.91 -17.85 -8.58
C LYS C 44 -28.81 -18.44 -9.45
N LYS C 45 -28.48 -17.76 -10.53
CA LYS C 45 -27.39 -18.21 -11.40
C LYS C 45 -26.09 -17.78 -10.73
N TYR C 46 -25.04 -18.55 -10.93
CA TYR C 46 -23.74 -18.23 -10.35
C TYR C 46 -23.36 -16.79 -10.66
N LYS C 47 -23.46 -16.38 -11.93
CA LYS C 47 -23.10 -15.02 -12.30
C LYS C 47 -23.85 -13.94 -11.52
N ASP C 48 -25.08 -14.26 -11.10
CA ASP C 48 -25.89 -13.30 -10.34
C ASP C 48 -25.73 -13.39 -8.84
N ALA C 49 -25.04 -14.41 -8.35
CA ALA C 49 -24.88 -14.57 -6.90
C ALA C 49 -23.48 -14.28 -6.42
N VAL C 50 -22.50 -14.40 -7.32
CA VAL C 50 -21.11 -14.18 -6.99
C VAL C 50 -20.62 -12.75 -7.22
N LYS C 51 -19.68 -12.34 -6.39
CA LYS C 51 -19.03 -11.05 -6.53
C LYS C 51 -17.69 -11.47 -7.10
N TRP C 52 -17.65 -11.69 -8.42
CA TRP C 52 -16.46 -12.14 -9.11
C TRP C 52 -15.27 -11.25 -8.76
N ILE C 53 -14.18 -11.89 -8.36
CA ILE C 53 -12.97 -11.18 -7.94
C ILE C 53 -11.72 -11.75 -8.62
N GLU C 54 -11.90 -12.79 -9.42
CA GLU C 54 -10.80 -13.41 -10.14
C GLU C 54 -10.47 -12.60 -11.38
N GLN C 55 -9.36 -12.94 -12.03
CA GLN C 55 -8.92 -12.25 -13.23
C GLN C 55 -9.79 -12.62 -14.43
N GLY C 56 -10.26 -11.62 -15.15
CA GLY C 56 -11.09 -11.87 -16.31
C GLY C 56 -12.55 -12.09 -15.96
N ASP C 57 -13.28 -12.72 -16.87
CA ASP C 57 -14.70 -12.96 -16.66
C ASP C 57 -15.00 -14.35 -16.13
N ILE C 58 -16.25 -14.53 -15.74
CA ILE C 58 -16.71 -15.81 -15.22
C ILE C 58 -16.72 -16.81 -16.36
N PRO C 59 -16.13 -18.00 -16.14
CA PRO C 59 -16.13 -18.99 -17.22
C PRO C 59 -17.58 -19.19 -17.65
N GLU C 60 -17.85 -19.20 -18.95
CA GLU C 60 -19.22 -19.37 -19.38
C GLU C 60 -19.82 -20.73 -19.12
N GLU C 61 -18.99 -21.70 -18.75
CA GLU C 61 -19.49 -23.03 -18.45
C GLU C 61 -20.02 -23.11 -17.02
N VAL C 62 -19.86 -22.03 -16.25
CA VAL C 62 -20.32 -21.97 -14.88
C VAL C 62 -21.24 -20.77 -14.61
N GLN C 63 -21.09 -19.71 -15.40
CA GLN C 63 -21.89 -18.51 -15.19
C GLN C 63 -23.40 -18.76 -15.04
N ASP C 64 -23.95 -19.68 -15.82
CA ASP C 64 -25.38 -19.97 -15.77
C ASP C 64 -25.80 -21.13 -14.86
N LEU C 65 -24.86 -21.72 -14.15
CA LEU C 65 -25.21 -22.81 -13.26
C LEU C 65 -26.03 -22.24 -12.11
N PRO C 66 -27.16 -22.86 -11.79
CA PRO C 66 -27.97 -22.35 -10.68
C PRO C 66 -27.40 -22.81 -9.34
N ILE C 67 -27.29 -21.88 -8.39
CA ILE C 67 -26.76 -22.21 -7.08
C ILE C 67 -27.67 -23.21 -6.38
N VAL C 68 -27.10 -24.31 -5.89
CA VAL C 68 -27.86 -25.33 -5.19
C VAL C 68 -27.56 -25.29 -3.69
N SER C 69 -28.25 -26.13 -2.91
CA SER C 69 -28.02 -26.15 -1.46
C SER C 69 -26.81 -27.02 -1.13
N THR C 70 -26.49 -27.10 0.17
CA THR C 70 -25.36 -27.90 0.62
C THR C 70 -25.86 -29.24 1.13
N ASN C 71 -27.16 -29.48 0.99
CA ASN C 71 -27.74 -30.72 1.47
C ASN C 71 -27.67 -31.84 0.46
N TYR C 72 -27.52 -33.06 0.98
CA TYR C 72 -27.41 -34.28 0.21
C TYR C 72 -28.31 -34.38 -1.03
N GLU C 73 -29.56 -33.99 -0.90
CA GLU C 73 -30.49 -34.08 -2.02
C GLU C 73 -30.00 -33.38 -3.28
N ASP C 74 -29.22 -32.32 -3.12
CA ASP C 74 -28.72 -31.59 -4.28
C ASP C 74 -27.38 -32.09 -4.79
N HIS C 75 -26.93 -33.23 -4.28
CA HIS C 75 -25.64 -33.77 -4.71
C HIS C 75 -25.68 -35.26 -4.93
N LYS C 76 -26.88 -35.81 -4.93
CA LYS C 76 -27.04 -37.25 -5.12
C LYS C 76 -26.38 -37.68 -6.44
N ASP C 77 -26.38 -36.80 -7.42
CA ASP C 77 -25.84 -37.13 -8.74
C ASP C 77 -24.37 -36.81 -9.01
N VAL C 78 -23.64 -36.26 -8.05
CA VAL C 78 -22.23 -35.95 -8.30
C VAL C 78 -21.35 -37.11 -7.84
N ASP C 79 -20.23 -37.30 -8.53
CA ASP C 79 -19.29 -38.36 -8.20
C ASP C 79 -18.48 -37.99 -6.97
N VAL C 80 -18.08 -36.73 -6.91
CA VAL C 80 -17.29 -36.21 -5.80
C VAL C 80 -17.74 -34.82 -5.43
N VAL C 81 -17.80 -34.53 -4.13
CA VAL C 81 -18.19 -33.22 -3.66
C VAL C 81 -16.94 -32.49 -3.17
N LEU C 82 -16.63 -31.35 -3.80
CA LEU C 82 -15.48 -30.55 -3.41
C LEU C 82 -15.98 -29.47 -2.47
N SER C 83 -15.20 -29.15 -1.45
CA SER C 83 -15.64 -28.16 -0.48
C SER C 83 -14.60 -27.12 -0.08
N ALA C 84 -14.96 -25.85 -0.26
CA ALA C 84 -14.12 -24.72 0.09
C ALA C 84 -14.90 -23.87 1.09
N LEU C 85 -15.76 -24.50 1.87
CA LEU C 85 -16.56 -23.80 2.87
C LEU C 85 -15.70 -23.22 3.97
N PRO C 86 -16.19 -22.15 4.64
CA PRO C 86 -15.43 -21.54 5.74
C PRO C 86 -15.38 -22.50 6.93
N ASN C 87 -14.27 -22.49 7.64
CA ASN C 87 -14.06 -23.38 8.78
C ASN C 87 -15.26 -23.49 9.75
N GLU C 88 -15.90 -22.37 10.06
CA GLU C 88 -17.03 -22.38 11.00
C GLU C 88 -18.34 -23.03 10.56
N LEU C 89 -18.46 -23.36 9.27
CA LEU C 89 -19.69 -23.99 8.77
C LEU C 89 -19.45 -25.39 8.22
N ALA C 90 -18.22 -25.66 7.82
CA ALA C 90 -17.85 -26.93 7.21
C ALA C 90 -18.23 -28.23 7.90
N GLU C 91 -17.91 -28.35 9.19
CA GLU C 91 -18.17 -29.60 9.91
C GLU C 91 -19.55 -30.24 9.74
N SER C 92 -20.61 -29.54 10.16
CA SER C 92 -21.95 -30.07 10.04
C SER C 92 -22.33 -30.43 8.61
N ILE C 93 -22.13 -29.47 7.70
CA ILE C 93 -22.48 -29.67 6.30
C ILE C 93 -21.76 -30.88 5.70
N GLU C 94 -20.47 -30.97 5.95
CA GLU C 94 -19.70 -32.09 5.40
C GLU C 94 -20.06 -33.43 6.03
N LEU C 95 -20.16 -33.47 7.36
CA LEU C 95 -20.49 -34.72 8.04
C LEU C 95 -21.78 -35.33 7.50
N GLU C 96 -22.80 -34.50 7.30
CA GLU C 96 -24.08 -34.96 6.78
C GLU C 96 -23.97 -35.54 5.39
N LEU C 97 -23.18 -34.90 4.53
CA LEU C 97 -23.01 -35.41 3.17
C LEU C 97 -22.35 -36.78 3.23
N VAL C 98 -21.28 -36.86 4.01
CA VAL C 98 -20.55 -38.11 4.17
C VAL C 98 -21.43 -39.18 4.77
N LYS C 99 -22.22 -38.82 5.77
CA LYS C 99 -23.11 -39.79 6.41
C LYS C 99 -24.16 -40.30 5.43
N ASN C 100 -24.35 -39.58 4.33
CA ASN C 100 -25.32 -40.00 3.34
C ASN C 100 -24.68 -40.74 2.18
N GLY C 101 -23.40 -41.04 2.33
CA GLY C 101 -22.67 -41.78 1.30
C GLY C 101 -21.89 -41.01 0.26
N LYS C 102 -21.84 -39.69 0.37
CA LYS C 102 -21.10 -38.89 -0.61
C LYS C 102 -19.60 -38.93 -0.31
N ILE C 103 -18.81 -38.72 -1.35
CA ILE C 103 -17.36 -38.67 -1.23
C ILE C 103 -17.06 -37.18 -1.18
N VAL C 104 -16.47 -36.72 -0.08
CA VAL C 104 -16.16 -35.30 0.07
C VAL C 104 -14.67 -35.04 0.26
N VAL C 105 -14.15 -34.07 -0.49
CA VAL C 105 -12.75 -33.65 -0.41
C VAL C 105 -12.79 -32.17 -0.03
N SER C 106 -12.44 -31.87 1.22
CA SER C 106 -12.48 -30.50 1.74
C SER C 106 -11.17 -29.90 2.18
N ASN C 107 -11.03 -28.58 1.98
CA ASN C 107 -9.83 -27.88 2.39
C ASN C 107 -10.15 -27.04 3.64
N ALA C 108 -11.30 -27.32 4.24
CA ALA C 108 -11.71 -26.63 5.46
C ALA C 108 -11.10 -27.41 6.63
N SER C 109 -10.77 -26.73 7.72
CA SER C 109 -10.11 -27.35 8.88
C SER C 109 -10.79 -28.47 9.67
N PRO C 110 -12.12 -28.46 9.80
CA PRO C 110 -12.76 -29.55 10.56
C PRO C 110 -12.34 -30.93 10.04
N PHE C 111 -12.08 -31.86 10.96
CA PHE C 111 -11.68 -33.23 10.64
C PHE C 111 -10.25 -33.39 10.10
N ARG C 112 -9.53 -32.28 9.94
CA ARG C 112 -8.16 -32.36 9.43
C ARG C 112 -7.25 -33.26 10.25
N MET C 113 -7.35 -33.17 11.57
CA MET C 113 -6.51 -33.98 12.43
C MET C 113 -7.18 -35.24 12.96
N ASP C 114 -8.24 -35.67 12.28
CA ASP C 114 -8.93 -36.90 12.67
C ASP C 114 -8.07 -38.02 12.13
N PRO C 115 -7.66 -38.95 13.01
CA PRO C 115 -6.80 -40.09 12.66
C PRO C 115 -7.31 -41.01 11.56
N ASP C 116 -8.62 -41.06 11.39
CA ASP C 116 -9.20 -41.92 10.37
C ASP C 116 -9.40 -41.21 9.03
N VAL C 117 -9.08 -39.92 9.01
CA VAL C 117 -9.26 -39.09 7.83
C VAL C 117 -7.94 -38.64 7.25
N PRO C 118 -7.70 -38.91 5.96
CA PRO C 118 -6.44 -38.50 5.34
C PRO C 118 -6.35 -36.99 5.17
N LEU C 119 -5.18 -36.43 5.45
CA LEU C 119 -4.91 -35.01 5.30
C LEU C 119 -3.89 -34.99 4.15
N ILE C 120 -4.34 -34.60 2.97
CA ILE C 120 -3.49 -34.65 1.79
C ILE C 120 -2.95 -33.40 1.11
N ASN C 121 -1.66 -33.50 0.79
CA ASN C 121 -0.89 -32.50 0.04
C ASN C 121 -0.20 -33.53 -0.88
N PRO C 122 -0.82 -33.80 -2.05
CA PRO C 122 -0.38 -34.74 -3.08
C PRO C 122 1.07 -35.24 -3.10
N GLU C 123 2.02 -34.37 -3.38
CA GLU C 123 3.42 -34.78 -3.42
C GLU C 123 3.95 -35.36 -2.11
N ILE C 124 3.67 -34.67 -1.02
CA ILE C 124 4.12 -35.07 0.30
C ILE C 124 3.61 -36.40 0.82
N ASN C 125 2.32 -36.68 0.63
CA ASN C 125 1.78 -37.92 1.19
C ASN C 125 0.59 -38.60 0.52
N TRP C 126 0.56 -38.64 -0.80
CA TRP C 126 -0.55 -39.29 -1.49
C TRP C 126 -0.79 -40.68 -0.89
N GLU C 127 0.26 -41.30 -0.39
CA GLU C 127 0.16 -42.63 0.21
C GLU C 127 -0.88 -42.72 1.32
N HIS C 128 -1.05 -41.64 2.08
CA HIS C 128 -2.02 -41.66 3.18
C HIS C 128 -3.45 -41.90 2.75
N LEU C 129 -3.73 -41.82 1.45
CA LEU C 129 -5.09 -42.05 0.97
C LEU C 129 -5.59 -43.46 1.33
N GLU C 130 -4.67 -44.36 1.63
CA GLU C 130 -5.06 -45.72 1.98
C GLU C 130 -5.99 -45.77 3.19
N LEU C 131 -5.89 -44.76 4.05
CA LEU C 131 -6.76 -44.71 5.23
C LEU C 131 -8.21 -44.91 4.82
N LEU C 132 -8.54 -44.53 3.59
CA LEU C 132 -9.91 -44.64 3.07
C LEU C 132 -10.45 -46.07 3.01
N LYS C 133 -9.58 -47.06 2.83
CA LYS C 133 -10.01 -48.45 2.77
C LYS C 133 -10.60 -48.92 4.08
N PHE C 134 -10.35 -48.17 5.15
CA PHE C 134 -10.81 -48.56 6.46
C PHE C 134 -11.68 -47.51 7.14
N GLN C 135 -11.84 -46.37 6.48
CA GLN C 135 -12.60 -45.26 7.05
C GLN C 135 -14.06 -45.57 7.38
N LYS C 136 -14.72 -46.34 6.53
CA LYS C 136 -16.12 -46.68 6.77
C LYS C 136 -16.30 -47.58 8.00
N GLU C 137 -15.43 -48.57 8.15
CA GLU C 137 -15.49 -49.49 9.28
C GLU C 137 -15.20 -48.74 10.59
N ARG C 138 -14.29 -47.78 10.54
CA ARG C 138 -13.91 -47.01 11.72
C ARG C 138 -14.87 -45.90 12.13
N LYS C 139 -15.49 -45.23 11.16
CA LYS C 139 -16.41 -44.13 11.48
C LYS C 139 -17.88 -44.49 11.38
N GLY C 140 -18.17 -45.63 10.77
CA GLY C 140 -19.56 -46.03 10.60
C GLY C 140 -20.16 -45.36 9.38
N TRP C 141 -19.47 -44.39 8.80
CA TRP C 141 -19.93 -43.65 7.62
C TRP C 141 -20.17 -44.51 6.38
N LYS C 142 -21.08 -44.04 5.53
CA LYS C 142 -21.38 -44.70 4.28
C LYS C 142 -20.53 -43.98 3.24
N GLY C 143 -20.22 -42.72 3.52
CA GLY C 143 -19.43 -41.90 2.61
C GLY C 143 -17.92 -41.99 2.79
N ILE C 144 -17.23 -40.98 2.24
CA ILE C 144 -15.78 -40.91 2.30
C ILE C 144 -15.31 -39.47 2.47
N LEU C 145 -14.39 -39.25 3.41
CA LEU C 145 -13.90 -37.90 3.65
C LEU C 145 -12.38 -37.79 3.54
N VAL C 146 -11.94 -36.84 2.73
CA VAL C 146 -10.53 -36.55 2.56
C VAL C 146 -10.37 -35.06 2.86
N LYS C 147 -9.26 -34.70 3.48
CA LYS C 147 -9.00 -33.32 3.84
C LYS C 147 -7.68 -32.81 3.26
N ASN C 148 -7.60 -31.49 3.12
CA ASN C 148 -6.40 -30.81 2.64
C ASN C 148 -6.03 -29.91 3.81
N PRO C 149 -4.72 -29.72 4.06
CA PRO C 149 -4.22 -28.89 5.17
C PRO C 149 -4.34 -27.38 5.04
N ASN C 150 -4.06 -26.72 6.16
CA ASN C 150 -4.07 -25.28 6.24
C ASN C 150 -3.12 -24.83 5.13
N CYS C 151 -3.47 -23.76 4.42
CA CYS C 151 -2.62 -23.32 3.32
C CYS C 151 -1.16 -23.10 3.68
N THR C 152 -0.89 -22.46 4.82
CA THR C 152 0.49 -22.22 5.21
C THR C 152 1.23 -23.53 5.49
N ALA C 153 0.52 -24.49 6.07
CA ALA C 153 1.10 -25.79 6.38
C ALA C 153 1.43 -26.54 5.09
N ALA C 154 0.58 -26.36 4.07
CA ALA C 154 0.76 -27.01 2.79
C ALA C 154 2.05 -26.51 2.14
N ILE C 155 2.23 -25.19 2.16
CA ILE C 155 3.40 -24.58 1.58
C ILE C 155 4.67 -24.97 2.33
N MET C 156 4.63 -24.86 3.66
CA MET C 156 5.77 -25.19 4.52
C MET C 156 6.20 -26.65 4.42
N SER C 157 5.23 -27.54 4.26
CA SER C 157 5.55 -28.97 4.19
C SER C 157 6.25 -29.39 2.90
N MET C 158 6.24 -28.52 1.88
CA MET C 158 6.88 -28.87 0.62
C MET C 158 8.38 -29.12 0.77
N PRO C 159 9.13 -28.13 1.29
CA PRO C 159 10.57 -28.36 1.45
C PRO C 159 10.97 -29.28 2.61
N ILE C 160 10.12 -29.36 3.63
CA ILE C 160 10.41 -30.18 4.80
C ILE C 160 10.38 -31.69 4.51
N LYS C 161 9.50 -32.10 3.60
CA LYS C 161 9.37 -33.52 3.24
C LYS C 161 10.66 -34.15 2.71
N PRO C 162 11.22 -33.61 1.61
CA PRO C 162 12.46 -34.20 1.09
C PRO C 162 13.63 -34.13 2.08
N LEU C 163 13.46 -33.34 3.14
CA LEU C 163 14.50 -33.16 4.15
C LEU C 163 14.02 -33.66 5.51
N ILE C 164 13.04 -34.54 5.49
CA ILE C 164 12.45 -35.07 6.71
C ILE C 164 13.40 -35.79 7.66
N GLU C 165 14.47 -36.39 7.13
CA GLU C 165 15.44 -37.09 7.96
C GLU C 165 16.17 -36.11 8.86
N ILE C 166 16.45 -34.91 8.34
CA ILE C 166 17.14 -33.88 9.10
C ILE C 166 16.18 -33.12 10.01
N ALA C 167 15.00 -32.80 9.49
CA ALA C 167 13.99 -32.08 10.25
C ALA C 167 13.61 -32.84 11.51
N THR C 168 13.61 -34.16 11.42
CA THR C 168 13.26 -34.99 12.56
C THR C 168 14.32 -35.04 13.66
N LYS C 169 15.56 -34.75 13.32
CA LYS C 169 16.64 -34.74 14.31
C LYS C 169 17.01 -33.29 14.62
N SER C 170 16.02 -32.45 14.83
CA SER C 170 16.30 -31.05 15.11
C SER C 170 15.11 -30.29 15.65
N LYS C 171 15.34 -29.04 16.02
CA LYS C 171 14.28 -28.17 16.49
C LYS C 171 13.96 -27.23 15.34
N ILE C 172 12.71 -27.22 14.90
CA ILE C 172 12.28 -26.37 13.79
C ILE C 172 11.64 -25.07 14.27
N ILE C 173 12.26 -23.96 13.91
CA ILE C 173 11.73 -22.65 14.28
C ILE C 173 11.23 -22.03 12.98
N ILE C 174 9.95 -21.67 12.95
CA ILE C 174 9.35 -21.10 11.75
C ILE C 174 8.63 -19.79 12.01
N THR C 175 8.83 -18.83 11.12
CA THR C 175 8.16 -17.55 11.17
C THR C 175 7.49 -17.45 9.81
N THR C 176 6.18 -17.25 9.80
CA THR C 176 5.48 -17.16 8.52
C THR C 176 4.90 -15.78 8.35
N LEU C 177 4.99 -15.25 7.14
CA LEU C 177 4.45 -13.93 6.81
C LEU C 177 3.34 -14.23 5.80
N GLN C 178 2.09 -14.11 6.23
CA GLN C 178 0.96 -14.44 5.38
C GLN C 178 0.22 -13.28 4.75
N ALA C 179 -0.17 -13.49 3.48
CA ALA C 179 -0.89 -12.50 2.68
C ALA C 179 -2.30 -12.25 3.22
N VAL C 180 -2.80 -11.06 2.96
CA VAL C 180 -4.14 -10.68 3.40
C VAL C 180 -5.22 -11.61 2.83
N SER C 181 -5.08 -12.02 1.58
CA SER C 181 -6.07 -12.90 0.95
C SER C 181 -6.30 -14.18 1.76
N GLY C 182 -5.35 -14.52 2.63
CA GLY C 182 -5.49 -15.69 3.46
C GLY C 182 -6.72 -15.60 4.34
N ALA C 183 -7.15 -14.38 4.63
CA ALA C 183 -8.33 -14.17 5.48
C ALA C 183 -9.58 -13.86 4.64
N GLY C 184 -9.56 -14.23 3.37
CA GLY C 184 -10.71 -13.96 2.52
C GLY C 184 -10.60 -12.59 1.89
N TYR C 185 -11.39 -12.33 0.85
CA TYR C 185 -11.34 -11.06 0.16
C TYR C 185 -11.61 -9.84 1.05
N ASN C 186 -12.56 -9.95 1.96
CA ASN C 186 -12.90 -8.84 2.83
C ASN C 186 -12.66 -9.15 4.30
N GLY C 187 -11.71 -10.04 4.58
CA GLY C 187 -11.44 -10.40 5.96
C GLY C 187 -10.77 -9.29 6.75
N ILE C 188 -9.85 -8.57 6.11
CA ILE C 188 -9.10 -7.51 6.77
C ILE C 188 -9.26 -6.16 6.11
N SER C 189 -9.47 -5.13 6.92
CA SER C 189 -9.65 -3.79 6.39
C SER C 189 -8.34 -3.14 6.02
N PHE C 190 -8.41 -2.21 5.08
CA PHE C 190 -7.26 -1.47 4.60
C PHE C 190 -6.60 -0.72 5.75
N MET C 191 -7.42 -0.09 6.57
CA MET C 191 -6.95 0.69 7.71
C MET C 191 -6.16 -0.14 8.70
N ALA C 192 -6.60 -1.37 8.93
CA ALA C 192 -5.95 -2.25 9.89
C ALA C 192 -4.64 -2.87 9.45
N ILE C 193 -4.41 -2.99 8.14
CA ILE C 193 -3.19 -3.64 7.68
C ILE C 193 -2.21 -2.83 6.84
N GLU C 194 -2.71 -1.87 6.06
CA GLU C 194 -1.85 -1.06 5.20
C GLU C 194 -0.72 -0.36 5.97
N GLY C 195 0.50 -0.52 5.45
CA GLY C 195 1.68 0.06 6.07
C GLY C 195 1.87 -0.50 7.47
N ASN C 196 1.32 -1.68 7.72
CA ASN C 196 1.41 -2.26 9.05
C ASN C 196 1.74 -3.75 9.08
N ILE C 197 1.79 -4.28 10.30
CA ILE C 197 2.09 -5.69 10.53
C ILE C 197 1.30 -6.12 11.75
N ILE C 198 0.63 -7.26 11.65
CA ILE C 198 -0.14 -7.79 12.77
C ILE C 198 0.49 -9.15 13.08
N PRO C 199 1.25 -9.22 14.18
CA PRO C 199 1.94 -10.45 14.62
C PRO C 199 1.03 -11.51 15.20
N TYR C 200 -0.13 -11.71 14.61
CA TYR C 200 -1.06 -12.70 15.12
C TYR C 200 -2.15 -13.09 14.14
N ILE C 201 -2.40 -14.39 14.07
CA ILE C 201 -3.44 -14.96 13.24
C ILE C 201 -4.01 -16.10 14.06
N LYS C 202 -5.17 -15.86 14.66
CA LYS C 202 -5.86 -16.83 15.50
C LYS C 202 -5.72 -18.29 15.08
N GLY C 203 -5.08 -19.09 15.92
CA GLY C 203 -4.92 -20.51 15.67
C GLY C 203 -4.06 -21.01 14.52
N GLU C 204 -3.41 -20.11 13.79
CA GLU C 204 -2.57 -20.53 12.67
C GLU C 204 -1.36 -21.34 13.15
N GLU C 205 -0.65 -20.80 14.14
CA GLU C 205 0.54 -21.44 14.67
C GLU C 205 0.33 -22.88 15.13
N ASP C 206 -0.77 -23.15 15.83
CA ASP C 206 -1.05 -24.49 16.29
C ASP C 206 -1.32 -25.43 15.13
N LYS C 207 -2.10 -24.95 14.16
CA LYS C 207 -2.44 -25.75 12.98
C LYS C 207 -1.21 -26.15 12.18
N ILE C 208 -0.32 -25.19 11.96
CA ILE C 208 0.88 -25.46 11.19
C ILE C 208 1.70 -26.57 11.83
N ALA C 209 2.04 -26.39 13.12
CA ALA C 209 2.83 -27.37 13.84
C ALA C 209 2.20 -28.77 13.85
N LYS C 210 0.94 -28.85 14.24
CA LYS C 210 0.27 -30.14 14.29
C LYS C 210 0.06 -30.79 12.92
N GLU C 211 -0.42 -30.02 11.96
CA GLU C 211 -0.67 -30.57 10.62
C GLU C 211 0.64 -30.99 9.95
N LEU C 212 1.71 -30.26 10.25
CA LEU C 212 3.01 -30.57 9.70
C LEU C 212 3.37 -32.00 10.12
N THR C 213 2.97 -32.35 11.34
CA THR C 213 3.22 -33.65 11.94
C THR C 213 2.53 -34.81 11.20
N LYS C 214 1.31 -34.57 10.74
CA LYS C 214 0.53 -35.58 10.03
C LYS C 214 0.94 -35.65 8.57
N LEU C 215 1.15 -34.48 7.95
CA LEU C 215 1.55 -34.44 6.56
C LEU C 215 2.84 -35.21 6.35
N ASN C 216 3.75 -35.14 7.31
CA ASN C 216 5.04 -35.82 7.19
C ASN C 216 5.08 -37.21 7.83
N GLY C 217 3.94 -37.69 8.28
CA GLY C 217 3.90 -39.00 8.91
C GLY C 217 4.09 -40.17 7.97
N LYS C 218 4.09 -41.37 8.53
CA LYS C 218 4.28 -42.60 7.77
C LYS C 218 3.09 -43.52 7.90
N LEU C 219 2.74 -44.17 6.81
CA LEU C 219 1.63 -45.11 6.80
C LEU C 219 2.19 -46.46 7.21
N GLU C 220 1.60 -47.06 8.24
CA GLU C 220 2.03 -48.35 8.74
C GLU C 220 0.86 -49.10 9.35
N ASN C 221 0.58 -50.29 8.85
CA ASN C 221 -0.52 -51.10 9.36
C ASN C 221 -1.84 -50.35 9.24
N ASN C 222 -2.01 -49.63 8.12
CA ASN C 222 -3.24 -48.90 7.85
C ASN C 222 -3.51 -47.69 8.73
N GLN C 223 -2.45 -47.07 9.22
CA GLN C 223 -2.60 -45.88 10.05
C GLN C 223 -1.42 -44.95 9.84
N ILE C 224 -1.47 -43.78 10.46
CA ILE C 224 -0.39 -42.82 10.32
C ILE C 224 0.43 -42.59 11.59
N ILE C 225 1.73 -42.81 11.48
CA ILE C 225 2.66 -42.60 12.57
C ILE C 225 3.13 -41.16 12.39
N PRO C 226 2.67 -40.25 13.25
CA PRO C 226 3.07 -38.84 13.13
C PRO C 226 4.58 -38.68 13.08
N ALA C 227 5.06 -37.73 12.28
CA ALA C 227 6.48 -37.47 12.18
C ALA C 227 6.85 -36.73 13.44
N ASN C 228 7.99 -37.07 14.04
CA ASN C 228 8.42 -36.39 15.24
C ASN C 228 9.00 -35.05 14.84
N LEU C 229 8.15 -34.04 14.77
CA LEU C 229 8.59 -32.70 14.38
C LEU C 229 8.37 -31.66 15.47
N ASP C 230 9.45 -31.32 16.16
CA ASP C 230 9.35 -30.32 17.22
C ASP C 230 9.41 -28.93 16.58
N SER C 231 8.23 -28.38 16.30
CA SER C 231 8.14 -27.07 15.67
C SER C 231 7.63 -25.96 16.58
N THR C 232 8.16 -24.76 16.37
CA THR C 232 7.76 -23.57 17.11
C THR C 232 7.56 -22.48 16.06
N VAL C 233 6.30 -22.26 15.71
CA VAL C 233 5.98 -21.28 14.69
C VAL C 233 5.34 -20.01 15.20
N THR C 234 5.68 -18.92 14.53
CA THR C 234 5.15 -17.60 14.81
C THR C 234 4.58 -17.16 13.46
N SER C 235 3.30 -16.81 13.45
CA SER C 235 2.63 -16.37 12.23
C SER C 235 2.31 -14.90 12.24
N ILE C 236 2.73 -14.21 11.19
CA ILE C 236 2.53 -12.78 11.08
C ILE C 236 1.76 -12.40 9.82
N ARG C 237 0.94 -11.36 9.95
CA ARG C 237 0.14 -10.88 8.82
C ARG C 237 0.81 -9.67 8.22
N VAL C 238 1.03 -9.73 6.91
CA VAL C 238 1.68 -8.63 6.23
C VAL C 238 0.73 -8.08 5.16
N PRO C 239 0.97 -6.83 4.74
CA PRO C 239 0.13 -6.17 3.73
C PRO C 239 0.45 -6.53 2.28
N THR C 240 0.31 -7.80 1.95
CA THR C 240 0.55 -8.30 0.60
C THR C 240 -0.76 -8.95 0.21
N ARG C 241 -1.02 -9.03 -1.09
CA ARG C 241 -2.28 -9.60 -1.56
C ARG C 241 -2.32 -11.12 -1.58
N VAL C 242 -1.40 -11.73 -2.31
CA VAL C 242 -1.37 -13.18 -2.42
C VAL C 242 0.04 -13.71 -2.23
N GLY C 243 0.16 -14.79 -1.46
CA GLY C 243 1.46 -15.40 -1.24
C GLY C 243 1.91 -15.43 0.21
N HIS C 244 2.13 -16.63 0.73
CA HIS C 244 2.61 -16.78 2.10
C HIS C 244 4.10 -17.07 2.04
N MET C 245 4.87 -16.34 2.84
CA MET C 245 6.30 -16.55 2.89
C MET C 245 6.62 -17.25 4.21
N GLY C 246 7.72 -18.00 4.23
CA GLY C 246 8.11 -18.70 5.45
C GLY C 246 9.60 -18.82 5.66
N VAL C 247 10.03 -18.53 6.87
CA VAL C 247 11.44 -18.64 7.23
C VAL C 247 11.57 -19.90 8.07
N ILE C 248 12.18 -20.93 7.49
CA ILE C 248 12.33 -22.21 8.16
C ILE C 248 13.77 -22.41 8.65
N ASN C 249 13.91 -22.56 9.97
CA ASN C 249 15.21 -22.79 10.59
C ASN C 249 15.23 -24.19 11.19
N ILE C 250 16.14 -25.02 10.67
CA ILE C 250 16.29 -26.38 11.16
C ILE C 250 17.57 -26.39 12.00
N VAL C 251 17.39 -26.32 13.32
CA VAL C 251 18.50 -26.31 14.27
C VAL C 251 18.96 -27.73 14.54
N THR C 252 20.12 -28.09 14.01
CA THR C 252 20.66 -29.43 14.19
C THR C 252 22.18 -29.49 14.09
N ASN C 253 22.78 -30.44 14.79
CA ASN C 253 24.22 -30.62 14.78
C ASN C 253 24.61 -31.70 13.78
N GLU C 254 23.61 -32.25 13.10
CA GLU C 254 23.83 -33.29 12.08
C GLU C 254 24.67 -32.71 10.95
N ARG C 255 25.45 -33.56 10.29
CA ARG C 255 26.30 -33.11 9.19
C ARG C 255 25.39 -32.79 8.00
N ILE C 256 25.66 -31.68 7.33
CA ILE C 256 24.85 -31.28 6.20
C ILE C 256 25.69 -30.77 5.03
N ASN C 257 25.40 -31.30 3.85
CA ASN C 257 26.07 -30.90 2.63
C ASN C 257 25.11 -29.90 1.99
N ILE C 258 25.47 -28.63 2.03
CA ILE C 258 24.62 -27.56 1.51
C ILE C 258 24.19 -27.71 0.05
N GLU C 259 25.08 -28.22 -0.81
CA GLU C 259 24.74 -28.38 -2.21
C GLU C 259 23.85 -29.60 -2.42
N GLU C 260 23.94 -30.56 -1.50
CA GLU C 260 23.13 -31.75 -1.59
C GLU C 260 21.67 -31.39 -1.28
N ILE C 261 21.49 -30.47 -0.34
CA ILE C 261 20.15 -30.01 0.04
C ILE C 261 19.51 -29.34 -1.18
N LYS C 262 20.20 -28.36 -1.75
CA LYS C 262 19.70 -27.64 -2.92
C LYS C 262 19.36 -28.62 -4.03
N LYS C 263 20.24 -29.61 -4.20
CA LYS C 263 20.06 -30.62 -5.24
C LYS C 263 18.82 -31.46 -4.93
N THR C 264 18.68 -31.83 -3.65
CA THR C 264 17.55 -32.63 -3.20
C THR C 264 16.22 -31.90 -3.39
N LEU C 265 16.20 -30.60 -3.09
CA LEU C 265 14.99 -29.81 -3.23
C LEU C 265 14.54 -29.63 -4.68
N LYS C 266 15.39 -29.02 -5.50
CA LYS C 266 15.04 -28.77 -6.89
C LYS C 266 14.74 -30.03 -7.69
N ASN C 267 15.19 -31.18 -7.21
CA ASN C 267 14.97 -32.45 -7.90
C ASN C 267 13.79 -33.24 -7.34
N PHE C 268 13.14 -32.70 -6.33
CA PHE C 268 12.01 -33.39 -5.73
C PHE C 268 10.87 -33.59 -6.72
N LYS C 269 10.40 -34.83 -6.81
CA LYS C 269 9.28 -35.19 -7.69
C LYS C 269 8.56 -36.34 -7.01
N SER C 270 7.25 -36.42 -7.24
CA SER C 270 6.45 -37.47 -6.64
C SER C 270 5.44 -38.01 -7.62
N LEU C 271 4.53 -38.84 -7.13
CA LEU C 271 3.49 -39.46 -7.93
C LEU C 271 2.77 -38.46 -8.82
N PRO C 272 2.34 -37.31 -8.26
CA PRO C 272 1.65 -36.35 -9.12
C PRO C 272 2.46 -36.05 -10.38
N GLN C 273 3.76 -35.84 -10.22
CA GLN C 273 4.64 -35.56 -11.35
C GLN C 273 4.78 -36.81 -12.22
N GLN C 274 5.12 -37.93 -11.59
CA GLN C 274 5.29 -39.20 -12.27
C GLN C 274 4.12 -39.55 -13.17
N LYS C 275 2.90 -39.27 -12.71
CA LYS C 275 1.70 -39.57 -13.48
C LYS C 275 1.28 -38.43 -14.41
N ASN C 276 2.04 -37.35 -14.38
CA ASN C 276 1.76 -36.20 -15.23
C ASN C 276 0.30 -35.77 -15.11
N LEU C 277 -0.15 -35.58 -13.88
CA LEU C 277 -1.52 -35.16 -13.63
C LEU C 277 -1.68 -33.68 -14.03
N PRO C 278 -2.83 -33.34 -14.62
CA PRO C 278 -3.14 -31.98 -15.07
C PRO C 278 -2.82 -30.79 -14.16
N THR C 279 -3.16 -30.89 -12.87
CA THR C 279 -2.89 -29.77 -11.97
C THR C 279 -1.56 -29.92 -11.22
N ALA C 280 -0.78 -30.93 -11.59
CA ALA C 280 0.51 -31.14 -10.95
C ALA C 280 1.60 -30.36 -11.70
N PRO C 281 2.41 -29.59 -10.96
CA PRO C 281 3.49 -28.81 -11.60
C PRO C 281 4.64 -29.76 -11.95
N LYS C 282 5.32 -29.50 -13.06
CA LYS C 282 6.44 -30.36 -13.47
C LYS C 282 7.51 -30.32 -12.37
N GLN C 283 7.70 -29.15 -11.76
CA GLN C 283 8.69 -28.99 -10.71
C GLN C 283 8.03 -28.43 -9.45
N PRO C 284 7.59 -29.31 -8.53
CA PRO C 284 6.93 -28.89 -7.28
C PRO C 284 7.71 -27.88 -6.43
N ILE C 285 9.04 -27.93 -6.50
CA ILE C 285 9.88 -27.00 -5.74
C ILE C 285 10.92 -26.33 -6.63
N ILE C 286 10.92 -25.01 -6.66
CA ILE C 286 11.89 -24.28 -7.47
C ILE C 286 12.88 -23.61 -6.54
N VAL C 287 14.17 -23.79 -6.81
CA VAL C 287 15.21 -23.20 -5.98
C VAL C 287 15.86 -22.00 -6.66
N ARG C 288 16.04 -20.93 -5.88
CA ARG C 288 16.62 -19.71 -6.40
C ARG C 288 18.00 -19.40 -5.82
N ASP C 289 18.90 -18.96 -6.70
CA ASP C 289 20.25 -18.64 -6.29
C ASP C 289 20.43 -17.19 -5.89
N GLU C 290 19.60 -16.32 -6.44
CA GLU C 290 19.70 -14.91 -6.11
C GLU C 290 19.38 -14.70 -4.63
N GLU C 291 20.16 -13.85 -4.00
CA GLU C 291 20.00 -13.59 -2.58
C GLU C 291 18.69 -12.92 -2.18
N ASP C 292 18.06 -12.17 -3.09
CA ASP C 292 16.81 -11.50 -2.75
C ASP C 292 15.53 -12.22 -3.19
N ARG C 293 15.60 -13.55 -3.27
CA ARG C 293 14.46 -14.36 -3.67
C ARG C 293 14.19 -15.45 -2.63
N PRO C 294 12.94 -15.93 -2.52
CA PRO C 294 11.74 -15.56 -3.31
C PRO C 294 11.07 -14.25 -2.88
N GLN C 295 10.27 -13.71 -3.80
CA GLN C 295 9.52 -12.48 -3.58
C GLN C 295 8.10 -12.69 -4.08
N PRO C 296 7.10 -12.34 -3.25
CA PRO C 296 5.70 -12.49 -3.63
C PRO C 296 5.35 -12.02 -5.04
N ILE C 297 5.68 -10.77 -5.34
CA ILE C 297 5.34 -10.21 -6.65
C ILE C 297 6.10 -10.82 -7.81
N ILE C 298 7.17 -11.54 -7.53
CA ILE C 298 7.95 -12.15 -8.59
C ILE C 298 7.69 -13.65 -8.72
N ASP C 299 7.59 -14.33 -7.58
CA ASP C 299 7.44 -15.78 -7.60
C ASP C 299 6.12 -16.46 -7.26
N VAL C 300 5.18 -15.74 -6.66
CA VAL C 300 3.91 -16.35 -6.28
C VAL C 300 3.20 -17.10 -7.40
N ASN C 301 3.40 -16.67 -8.64
CA ASN C 301 2.75 -17.33 -9.77
C ASN C 301 3.45 -18.57 -10.33
N ALA C 302 4.66 -18.85 -9.85
CA ALA C 302 5.42 -20.00 -10.32
C ALA C 302 4.56 -21.21 -10.70
N GLU C 303 4.65 -21.63 -11.95
CA GLU C 303 3.88 -22.76 -12.46
C GLU C 303 2.40 -22.71 -12.08
N SER C 304 1.73 -21.62 -12.45
CA SER C 304 0.31 -21.47 -12.15
C SER C 304 0.04 -21.59 -10.64
N GLY C 305 0.94 -21.06 -9.83
CA GLY C 305 0.74 -21.11 -8.38
C GLY C 305 0.81 -22.48 -7.71
N MET C 306 1.15 -23.54 -8.44
CA MET C 306 1.23 -24.86 -7.83
C MET C 306 2.62 -25.23 -7.32
N ALA C 307 3.62 -24.43 -7.69
CA ALA C 307 5.00 -24.70 -7.27
C ALA C 307 5.44 -23.70 -6.20
N VAL C 308 6.15 -24.18 -5.20
CA VAL C 308 6.64 -23.27 -4.18
C VAL C 308 8.06 -22.87 -4.57
N THR C 309 8.47 -21.68 -4.20
CA THR C 309 9.79 -21.21 -4.54
C THR C 309 10.62 -21.07 -3.27
N VAL C 310 11.79 -21.70 -3.27
CA VAL C 310 12.69 -21.67 -2.14
C VAL C 310 13.91 -20.85 -2.48
N GLY C 311 14.43 -20.13 -1.49
CA GLY C 311 15.62 -19.33 -1.70
C GLY C 311 16.40 -19.12 -0.41
N ARG C 312 17.56 -18.46 -0.54
CA ARG C 312 18.41 -18.16 0.60
C ARG C 312 18.78 -19.39 1.41
N ILE C 313 18.97 -20.53 0.75
CA ILE C 313 19.32 -21.75 1.45
C ILE C 313 20.72 -21.60 2.04
N ARG C 314 20.81 -21.66 3.37
CA ARG C 314 22.08 -21.48 4.06
C ARG C 314 22.28 -22.40 5.27
N HIS C 315 23.52 -22.80 5.49
CA HIS C 315 23.90 -23.65 6.61
C HIS C 315 25.02 -22.91 7.30
N GLU C 316 24.68 -22.20 8.38
CA GLU C 316 25.64 -21.38 9.09
C GLU C 316 26.49 -22.15 10.10
N ASN C 317 25.86 -23.04 10.87
CA ASN C 317 26.61 -23.83 11.84
C ASN C 317 25.76 -24.93 12.47
N ASN C 318 24.81 -24.52 13.28
CA ASN C 318 23.92 -25.48 13.96
C ASN C 318 22.53 -25.24 13.38
N VAL C 319 22.49 -24.53 12.25
CA VAL C 319 21.21 -24.18 11.64
C VAL C 319 21.14 -24.22 10.12
N LEU C 320 20.12 -24.89 9.61
CA LEU C 320 19.88 -24.96 8.18
C LEU C 320 18.76 -23.94 7.99
N ARG C 321 19.04 -22.87 7.25
CA ARG C 321 18.05 -21.82 7.02
C ARG C 321 17.64 -21.78 5.56
N LEU C 322 16.34 -21.61 5.33
CA LEU C 322 15.80 -21.50 3.98
C LEU C 322 14.50 -20.70 4.02
N VAL C 323 14.27 -19.92 2.97
CA VAL C 323 13.06 -19.11 2.86
C VAL C 323 12.22 -19.70 1.74
N VAL C 324 10.93 -19.90 2.02
CA VAL C 324 10.02 -20.48 1.05
C VAL C 324 8.79 -19.58 0.83
N LEU C 325 8.24 -19.67 -0.37
CA LEU C 325 7.08 -18.88 -0.75
C LEU C 325 6.16 -19.71 -1.61
N GLY C 326 4.86 -19.57 -1.37
CA GLY C 326 3.87 -20.32 -2.14
C GLY C 326 2.59 -19.49 -2.35
N ASP C 327 1.76 -19.95 -3.27
CA ASP C 327 0.50 -19.27 -3.53
C ASP C 327 -0.49 -19.90 -2.56
N ASN C 328 -0.96 -19.10 -1.59
CA ASN C 328 -1.91 -19.61 -0.61
C ASN C 328 -3.26 -20.02 -1.19
N LEU C 329 -3.61 -19.46 -2.34
CA LEU C 329 -4.90 -19.77 -2.97
C LEU C 329 -4.88 -21.00 -3.86
N VAL C 330 -3.73 -21.29 -4.45
CA VAL C 330 -3.62 -22.44 -5.34
C VAL C 330 -2.94 -23.62 -4.65
N ARG C 331 -1.64 -23.51 -4.40
CA ARG C 331 -0.92 -24.57 -3.71
C ARG C 331 -1.55 -24.78 -2.33
N GLY C 332 -1.92 -23.67 -1.70
CA GLY C 332 -2.50 -23.72 -0.37
C GLY C 332 -3.97 -24.11 -0.25
N ALA C 333 -4.69 -24.21 -1.36
CA ALA C 333 -6.10 -24.56 -1.27
C ALA C 333 -6.73 -25.13 -2.54
N ALA C 334 -7.08 -24.26 -3.49
CA ALA C 334 -7.73 -24.67 -4.73
C ALA C 334 -6.97 -25.75 -5.52
N GLY C 335 -5.70 -25.50 -5.79
CA GLY C 335 -4.89 -26.45 -6.53
C GLY C 335 -4.70 -27.81 -5.88
N ILE C 336 -4.52 -27.86 -4.56
CA ILE C 336 -4.33 -29.17 -3.96
C ILE C 336 -5.62 -29.97 -3.89
N THR C 337 -6.74 -29.30 -3.64
CA THR C 337 -8.02 -30.01 -3.57
C THR C 337 -8.29 -30.68 -4.92
N ILE C 338 -8.09 -29.93 -6.01
CA ILE C 338 -8.30 -30.48 -7.35
C ILE C 338 -7.26 -31.57 -7.61
N LEU C 339 -6.00 -31.27 -7.31
CA LEU C 339 -4.93 -32.26 -7.49
C LEU C 339 -5.22 -33.53 -6.70
N THR C 340 -5.76 -33.38 -5.49
CA THR C 340 -6.06 -34.54 -4.66
C THR C 340 -7.06 -35.45 -5.35
N VAL C 341 -8.09 -34.85 -5.95
CA VAL C 341 -9.10 -35.62 -6.67
C VAL C 341 -8.42 -36.34 -7.83
N GLU C 342 -7.47 -35.67 -8.46
CA GLU C 342 -6.75 -36.25 -9.57
C GLU C 342 -5.97 -37.49 -9.13
N VAL C 343 -5.35 -37.39 -7.96
CA VAL C 343 -4.60 -38.52 -7.45
C VAL C 343 -5.54 -39.68 -7.16
N MET C 344 -6.66 -39.38 -6.53
CA MET C 344 -7.65 -40.40 -6.19
C MET C 344 -8.14 -41.14 -7.43
N LYS C 345 -8.38 -40.42 -8.52
CA LYS C 345 -8.84 -41.01 -9.77
C LYS C 345 -7.75 -41.91 -10.33
N GLU C 346 -6.52 -41.43 -10.24
CA GLU C 346 -5.35 -42.15 -10.73
C GLU C 346 -5.07 -43.45 -9.98
N LEU C 347 -5.27 -43.45 -8.67
CA LEU C 347 -5.00 -44.63 -7.86
C LEU C 347 -6.19 -45.60 -7.70
N GLY C 348 -7.32 -45.27 -8.33
CA GLY C 348 -8.47 -46.14 -8.26
C GLY C 348 -9.47 -45.88 -7.14
N TYR C 349 -9.31 -44.78 -6.43
CA TYR C 349 -10.25 -44.45 -5.37
C TYR C 349 -11.46 -43.81 -6.04
N ILE C 350 -11.21 -43.24 -7.21
CA ILE C 350 -12.24 -42.57 -8.00
C ILE C 350 -12.84 -41.36 -7.27
N ASP D 3 24.39 23.65 32.35
CA ASP D 3 25.70 23.82 31.64
C ASP D 3 25.58 23.36 30.19
N LYS D 4 25.47 24.32 29.29
CA LYS D 4 25.33 24.04 27.85
C LYS D 4 26.47 23.24 27.23
N ILE D 5 26.14 22.39 26.28
CA ILE D 5 27.13 21.59 25.55
C ILE D 5 26.89 21.79 24.07
N LYS D 6 27.85 22.45 23.40
CA LYS D 6 27.73 22.73 21.98
C LYS D 6 28.12 21.53 21.12
N VAL D 7 27.22 21.18 20.19
CA VAL D 7 27.46 20.06 19.29
C VAL D 7 27.16 20.38 17.82
N SER D 8 27.69 19.53 16.94
CA SER D 8 27.47 19.67 15.51
C SER D 8 26.92 18.33 15.03
N LEU D 9 26.39 18.28 13.81
CA LEU D 9 25.81 17.05 13.27
C LEU D 9 26.21 16.77 11.82
N LEU D 10 26.90 15.65 11.62
CA LEU D 10 27.30 15.24 10.28
C LEU D 10 26.13 14.44 9.70
N GLY D 11 25.84 14.64 8.42
CA GLY D 11 24.74 13.95 7.78
C GLY D 11 23.39 14.39 8.31
N SER D 12 23.28 15.68 8.64
CA SER D 12 22.05 16.27 9.20
C SER D 12 20.89 16.37 8.24
N THR D 13 21.12 15.96 7.00
CA THR D 13 20.08 16.06 5.97
C THR D 13 19.26 14.80 5.71
N GLY D 14 19.76 13.65 6.17
CA GLY D 14 19.02 12.41 5.98
C GLY D 14 17.90 12.26 7.00
N MET D 15 17.17 11.14 6.95
CA MET D 15 16.07 10.91 7.87
C MET D 15 16.51 10.94 9.33
N VAL D 16 17.60 10.24 9.63
CA VAL D 16 18.13 10.20 11.00
C VAL D 16 18.60 11.60 11.37
N GLY D 17 19.26 12.26 10.43
CA GLY D 17 19.73 13.61 10.66
C GLY D 17 18.59 14.53 11.03
N GLN D 18 17.51 14.51 10.25
CA GLN D 18 16.36 15.38 10.52
C GLN D 18 15.71 15.06 11.84
N LYS D 19 15.73 13.77 12.20
CA LYS D 19 15.18 13.31 13.45
C LYS D 19 15.97 13.93 14.60
N MET D 20 17.29 13.84 14.52
CA MET D 20 18.18 14.40 15.53
C MET D 20 18.04 15.91 15.62
N VAL D 21 17.84 16.55 14.47
CA VAL D 21 17.67 18.00 14.42
C VAL D 21 16.43 18.41 15.21
N LYS D 22 15.35 17.67 15.00
CA LYS D 22 14.09 17.94 15.68
C LYS D 22 14.26 17.74 17.20
N MET D 23 14.94 16.65 17.57
CA MET D 23 15.15 16.33 18.98
C MET D 23 16.11 17.29 19.68
N LEU D 24 17.17 17.70 19.00
CA LEU D 24 18.16 18.59 19.59
C LEU D 24 17.70 20.03 19.66
N ALA D 25 16.84 20.42 18.72
CA ALA D 25 16.33 21.78 18.66
C ALA D 25 15.68 22.20 19.97
N LYS D 26 15.17 21.22 20.72
CA LYS D 26 14.50 21.51 21.99
C LYS D 26 15.13 20.80 23.19
N HIS D 27 16.42 20.48 23.10
CA HIS D 27 17.11 19.80 24.18
C HIS D 27 17.51 20.73 25.34
N PRO D 28 17.52 20.20 26.58
CA PRO D 28 17.88 20.90 27.81
C PRO D 28 19.26 21.57 27.83
N TYR D 29 20.31 20.81 27.54
CA TYR D 29 21.65 21.34 27.57
C TYR D 29 22.48 21.17 26.31
N LEU D 30 22.05 20.27 25.42
CA LEU D 30 22.77 20.05 24.17
C LEU D 30 22.32 21.13 23.20
N GLU D 31 23.28 21.93 22.73
CA GLU D 31 22.96 23.01 21.80
C GLU D 31 23.59 22.76 20.42
N LEU D 32 22.74 22.51 19.43
CA LEU D 32 23.18 22.26 18.06
C LEU D 32 23.61 23.59 17.43
N VAL D 33 24.91 23.74 17.21
CA VAL D 33 25.45 24.99 16.66
C VAL D 33 25.89 24.91 15.21
N LYS D 34 26.05 23.70 14.69
CA LYS D 34 26.46 23.52 13.30
C LYS D 34 25.87 22.25 12.70
N VAL D 35 25.52 22.34 11.43
CA VAL D 35 24.98 21.20 10.71
C VAL D 35 25.78 21.03 9.44
N SER D 36 26.10 19.78 9.14
CA SER D 36 26.88 19.47 7.95
C SER D 36 26.09 18.57 7.02
N ALA D 37 26.48 18.58 5.75
CA ALA D 37 25.84 17.78 4.70
C ALA D 37 26.84 17.69 3.55
N SER D 38 26.43 17.06 2.44
CA SER D 38 27.33 16.90 1.29
C SER D 38 27.98 18.22 0.83
N PRO D 39 29.15 18.13 0.16
CA PRO D 39 29.93 19.26 -0.35
C PRO D 39 29.15 20.32 -1.12
N SER D 40 28.33 19.88 -2.08
CA SER D 40 27.56 20.81 -2.89
C SER D 40 26.55 21.62 -2.07
N LYS D 41 26.27 21.17 -0.86
CA LYS D 41 25.31 21.85 0.02
C LYS D 41 25.98 22.85 0.97
N ILE D 42 27.29 22.73 1.14
CA ILE D 42 28.01 23.60 2.05
C ILE D 42 27.83 25.06 1.65
N GLY D 43 27.53 25.90 2.63
CA GLY D 43 27.33 27.31 2.36
C GLY D 43 25.87 27.69 2.22
N LYS D 44 25.00 26.71 2.01
CA LYS D 44 23.57 26.96 1.89
C LYS D 44 22.96 26.87 3.28
N LYS D 45 21.87 27.61 3.49
CA LYS D 45 21.18 27.57 4.78
C LYS D 45 20.50 26.21 4.82
N TYR D 46 20.44 25.63 6.01
CA TYR D 46 19.83 24.33 6.19
C TYR D 46 18.48 24.19 5.51
N LYS D 47 17.59 25.16 5.70
CA LYS D 47 16.27 25.08 5.09
C LYS D 47 16.33 24.97 3.58
N ASP D 48 17.39 25.52 2.98
CA ASP D 48 17.54 25.48 1.53
C ASP D 48 18.26 24.22 1.05
N ALA D 49 19.01 23.58 1.93
CA ALA D 49 19.75 22.40 1.56
C ALA D 49 19.01 21.10 1.81
N VAL D 50 18.18 21.09 2.85
CA VAL D 50 17.42 19.91 3.25
C VAL D 50 16.06 19.76 2.59
N LYS D 51 15.64 18.52 2.41
CA LYS D 51 14.32 18.19 1.89
C LYS D 51 13.63 17.73 3.15
N TRP D 52 13.12 18.69 3.91
CA TRP D 52 12.45 18.40 5.18
C TRP D 52 11.42 17.31 4.96
N ILE D 53 11.49 16.29 5.81
CA ILE D 53 10.61 15.15 5.69
C ILE D 53 10.03 14.75 7.05
N GLU D 54 10.42 15.49 8.09
CA GLU D 54 9.95 15.22 9.44
C GLU D 54 8.60 15.89 9.65
N GLN D 55 8.06 15.71 10.86
CA GLN D 55 6.78 16.29 11.25
C GLN D 55 6.99 17.75 11.65
N GLY D 56 6.02 18.59 11.32
CA GLY D 56 6.14 20.00 11.67
C GLY D 56 7.10 20.74 10.75
N ASP D 57 7.51 21.92 11.18
CA ASP D 57 8.42 22.73 10.39
C ASP D 57 9.83 22.49 10.87
N ILE D 58 10.78 23.08 10.18
CA ILE D 58 12.18 22.95 10.56
C ILE D 58 12.36 23.89 11.74
N PRO D 59 12.92 23.38 12.85
CA PRO D 59 13.15 24.21 14.05
C PRO D 59 13.78 25.52 13.62
N GLU D 60 13.28 26.64 14.14
CA GLU D 60 13.83 27.92 13.73
C GLU D 60 15.25 28.18 14.15
N GLU D 61 15.76 27.40 15.11
CA GLU D 61 17.14 27.58 15.55
C GLU D 61 18.11 26.86 14.61
N VAL D 62 17.56 26.12 13.64
CA VAL D 62 18.37 25.38 12.68
C VAL D 62 18.16 25.77 11.23
N GLN D 63 16.96 26.21 10.89
CA GLN D 63 16.67 26.56 9.51
C GLN D 63 17.66 27.51 8.86
N ASP D 64 18.17 28.47 9.62
CA ASP D 64 19.11 29.43 9.05
C ASP D 64 20.58 29.11 9.26
N LEU D 65 20.87 27.98 9.90
CA LEU D 65 22.24 27.57 10.12
C LEU D 65 22.83 27.22 8.76
N PRO D 66 24.04 27.73 8.47
CA PRO D 66 24.67 27.45 7.17
C PRO D 66 25.38 26.11 7.23
N ILE D 67 25.17 25.29 6.20
CA ILE D 67 25.80 23.98 6.12
C ILE D 67 27.33 24.12 6.13
N VAL D 68 28.00 23.31 6.94
CA VAL D 68 29.45 23.35 7.01
C VAL D 68 29.99 22.02 6.53
N SER D 69 31.29 21.97 6.25
CA SER D 69 31.94 20.76 5.77
C SER D 69 32.15 19.74 6.89
N THR D 70 32.66 18.58 6.51
CA THR D 70 32.92 17.50 7.45
C THR D 70 34.35 17.53 7.94
N ASN D 71 35.11 18.53 7.49
CA ASN D 71 36.52 18.64 7.87
C ASN D 71 36.75 19.33 9.21
N TYR D 72 37.79 18.87 9.89
CA TYR D 72 38.18 19.38 11.20
C TYR D 72 38.04 20.88 11.40
N GLU D 73 38.65 21.66 10.51
CA GLU D 73 38.61 23.11 10.62
C GLU D 73 37.24 23.70 10.90
N ASP D 74 36.17 23.05 10.44
CA ASP D 74 34.83 23.57 10.69
C ASP D 74 34.20 23.08 12.00
N HIS D 75 34.91 22.21 12.71
CA HIS D 75 34.40 21.68 13.97
C HIS D 75 35.34 21.89 15.15
N LYS D 76 36.21 22.89 15.04
CA LYS D 76 37.17 23.20 16.11
C LYS D 76 36.49 23.69 17.39
N ASP D 77 35.53 24.61 17.24
CA ASP D 77 34.80 25.21 18.36
C ASP D 77 33.65 24.37 18.88
N VAL D 78 33.59 23.11 18.48
CA VAL D 78 32.51 22.23 18.90
C VAL D 78 32.96 21.32 20.04
N ASP D 79 32.06 21.08 20.99
CA ASP D 79 32.40 20.20 22.12
C ASP D 79 32.38 18.75 21.69
N VAL D 80 31.26 18.34 21.10
CA VAL D 80 31.09 16.97 20.65
C VAL D 80 30.57 16.95 19.22
N VAL D 81 31.10 16.04 18.41
CA VAL D 81 30.66 15.92 17.04
C VAL D 81 29.81 14.67 16.91
N LEU D 82 28.55 14.85 16.52
CA LEU D 82 27.59 13.76 16.33
C LEU D 82 27.52 13.42 14.85
N SER D 83 27.57 12.13 14.53
CA SER D 83 27.55 11.72 13.14
C SER D 83 26.44 10.76 12.74
N ALA D 84 25.70 11.15 11.70
CA ALA D 84 24.62 10.34 11.15
C ALA D 84 24.94 10.03 9.68
N LEU D 85 26.22 10.15 9.36
CA LEU D 85 26.71 9.89 8.00
C LEU D 85 26.38 8.51 7.48
N PRO D 86 26.28 8.36 6.15
CA PRO D 86 25.98 7.05 5.58
C PRO D 86 27.21 6.17 5.77
N ASN D 87 27.00 4.87 5.94
CA ASN D 87 28.08 3.92 6.18
C ASN D 87 29.25 4.01 5.20
N GLU D 88 28.97 4.31 3.94
CA GLU D 88 30.02 4.37 2.93
C GLU D 88 30.95 5.57 2.97
N LEU D 89 30.60 6.59 3.74
CA LEU D 89 31.43 7.80 3.80
C LEU D 89 32.00 8.10 5.18
N ALA D 90 31.48 7.43 6.20
CA ALA D 90 31.89 7.69 7.58
C ALA D 90 33.33 7.43 8.01
N GLU D 91 33.89 6.28 7.64
CA GLU D 91 35.24 5.92 8.07
C GLU D 91 36.28 7.03 7.93
N SER D 92 36.56 7.44 6.70
CA SER D 92 37.55 8.47 6.46
C SER D 92 37.24 9.77 7.16
N ILE D 93 35.99 10.19 7.05
CA ILE D 93 35.57 11.45 7.65
C ILE D 93 35.75 11.47 9.16
N GLU D 94 35.23 10.46 9.85
CA GLU D 94 35.32 10.40 11.30
C GLU D 94 36.74 10.23 11.81
N LEU D 95 37.51 9.34 11.17
CA LEU D 95 38.88 9.09 11.61
C LEU D 95 39.71 10.37 11.65
N GLU D 96 39.59 11.18 10.59
CA GLU D 96 40.32 12.43 10.54
C GLU D 96 39.90 13.38 11.64
N LEU D 97 38.60 13.44 11.92
CA LEU D 97 38.11 14.32 12.98
C LEU D 97 38.68 13.89 14.31
N VAL D 98 38.68 12.59 14.55
CA VAL D 98 39.20 12.01 15.78
C VAL D 98 40.71 12.17 15.84
N LYS D 99 41.37 12.04 14.69
CA LYS D 99 42.82 12.17 14.62
C LYS D 99 43.22 13.63 14.88
N ASN D 100 42.23 14.51 14.90
CA ASN D 100 42.52 15.91 15.14
C ASN D 100 42.11 16.34 16.54
N GLY D 101 41.67 15.38 17.35
CA GLY D 101 41.29 15.67 18.72
C GLY D 101 39.83 15.92 18.99
N LYS D 102 38.96 15.55 18.06
CA LYS D 102 37.52 15.74 18.24
C LYS D 102 36.89 14.54 18.92
N ILE D 103 35.87 14.80 19.72
CA ILE D 103 35.12 13.74 20.38
C ILE D 103 34.01 13.45 19.37
N VAL D 104 33.95 12.23 18.88
CA VAL D 104 32.93 11.87 17.89
C VAL D 104 32.05 10.72 18.31
N VAL D 105 30.74 10.96 18.24
CA VAL D 105 29.74 9.94 18.56
C VAL D 105 28.94 9.74 17.28
N SER D 106 29.01 8.54 16.72
CA SER D 106 28.32 8.27 15.47
C SER D 106 27.49 6.98 15.44
N ASN D 107 26.43 6.98 14.62
CA ASN D 107 25.63 5.77 14.50
C ASN D 107 25.94 5.01 13.21
N ALA D 108 26.98 5.43 12.50
CA ALA D 108 27.40 4.75 11.26
C ALA D 108 28.15 3.46 11.64
N SER D 109 28.15 2.49 10.74
CA SER D 109 28.77 1.19 10.99
C SER D 109 30.30 1.06 11.13
N PRO D 110 31.09 1.83 10.36
CA PRO D 110 32.54 1.69 10.50
C PRO D 110 33.05 1.80 11.93
N PHE D 111 33.96 0.91 12.30
CA PHE D 111 34.55 0.87 13.65
C PHE D 111 33.64 0.36 14.75
N ARG D 112 32.43 -0.06 14.41
CA ARG D 112 31.51 -0.57 15.43
C ARG D 112 32.11 -1.75 16.19
N MET D 113 32.78 -2.63 15.46
CA MET D 113 33.37 -3.81 16.08
C MET D 113 34.86 -3.66 16.41
N ASP D 114 35.36 -2.42 16.42
CA ASP D 114 36.75 -2.20 16.77
C ASP D 114 36.84 -2.40 18.27
N PRO D 115 37.75 -3.30 18.71
CA PRO D 115 38.00 -3.67 20.11
C PRO D 115 38.18 -2.52 21.10
N ASP D 116 38.72 -1.40 20.63
CA ASP D 116 38.98 -0.25 21.49
C ASP D 116 37.94 0.85 21.41
N VAL D 117 36.89 0.62 20.62
CA VAL D 117 35.84 1.60 20.48
C VAL D 117 34.55 1.05 21.07
N PRO D 118 33.97 1.76 22.05
CA PRO D 118 32.73 1.30 22.66
C PRO D 118 31.57 1.36 21.67
N LEU D 119 30.75 0.31 21.67
CA LEU D 119 29.55 0.24 20.83
C LEU D 119 28.43 0.30 21.86
N ILE D 120 27.95 1.51 22.09
CA ILE D 120 26.95 1.78 23.10
C ILE D 120 25.46 1.85 22.75
N ASN D 121 24.66 1.26 23.64
CA ASN D 121 23.20 1.30 23.59
C ASN D 121 22.93 1.55 25.08
N PRO D 122 22.85 2.84 25.47
CA PRO D 122 22.61 3.33 26.83
C PRO D 122 22.23 2.34 27.94
N GLU D 123 20.97 1.90 27.95
CA GLU D 123 20.51 0.97 28.99
C GLU D 123 21.22 -0.38 28.99
N ILE D 124 21.79 -0.76 27.85
CA ILE D 124 22.41 -2.06 27.73
C ILE D 124 23.84 -2.20 28.21
N ASN D 125 24.69 -1.21 27.92
CA ASN D 125 26.09 -1.31 28.26
C ASN D 125 26.82 0.02 28.36
N TRP D 126 26.29 0.93 29.18
CA TRP D 126 26.94 2.22 29.37
C TRP D 126 28.32 2.04 30.00
N GLU D 127 28.46 0.97 30.80
CA GLU D 127 29.73 0.70 31.46
C GLU D 127 30.86 0.51 30.45
N HIS D 128 30.51 0.07 29.25
CA HIS D 128 31.52 -0.15 28.21
C HIS D 128 32.23 1.14 27.83
N LEU D 129 31.70 2.27 28.28
CA LEU D 129 32.31 3.56 27.95
C LEU D 129 33.69 3.73 28.58
N GLU D 130 34.01 2.88 29.54
CA GLU D 130 35.31 2.91 30.20
C GLU D 130 36.45 2.71 29.22
N LEU D 131 36.22 1.90 28.19
CA LEU D 131 37.24 1.65 27.18
C LEU D 131 37.89 2.96 26.76
N LEU D 132 37.13 4.04 26.78
CA LEU D 132 37.62 5.35 26.40
C LEU D 132 38.83 5.81 27.20
N LYS D 133 39.00 5.27 28.40
CA LYS D 133 40.14 5.66 29.24
C LYS D 133 41.45 5.13 28.67
N PHE D 134 41.37 4.25 27.68
CA PHE D 134 42.57 3.66 27.10
C PHE D 134 42.64 3.82 25.59
N GLN D 135 41.56 4.30 24.99
CA GLN D 135 41.50 4.45 23.55
C GLN D 135 42.60 5.30 22.93
N LYS D 136 42.88 6.45 23.52
CA LYS D 136 43.91 7.33 22.97
C LYS D 136 45.27 6.69 22.80
N GLU D 137 45.70 5.91 23.78
CA GLU D 137 47.00 5.25 23.69
C GLU D 137 46.93 4.00 22.84
N ARG D 138 45.80 3.29 22.90
CA ARG D 138 45.64 2.06 22.13
C ARG D 138 45.53 2.30 20.62
N LYS D 139 44.92 3.42 20.24
CA LYS D 139 44.76 3.73 18.82
C LYS D 139 45.78 4.77 18.40
N GLY D 140 46.30 5.50 19.37
CA GLY D 140 47.25 6.53 19.04
C GLY D 140 46.50 7.71 18.43
N TRP D 141 45.41 8.10 19.07
CA TRP D 141 44.59 9.21 18.62
C TRP D 141 44.62 10.35 19.63
N LYS D 142 44.30 11.55 19.16
CA LYS D 142 44.23 12.72 20.03
C LYS D 142 42.80 12.77 20.55
N GLY D 143 41.87 12.45 19.67
CA GLY D 143 40.46 12.49 20.02
C GLY D 143 39.84 11.23 20.61
N ILE D 144 38.50 11.18 20.53
CA ILE D 144 37.72 10.07 21.07
C ILE D 144 36.64 9.62 20.08
N LEU D 145 36.34 8.32 20.08
CA LEU D 145 35.31 7.81 19.18
C LEU D 145 34.39 6.83 19.89
N VAL D 146 33.09 7.08 19.79
CA VAL D 146 32.09 6.20 20.39
C VAL D 146 31.14 5.76 19.28
N LYS D 147 30.66 4.53 19.35
CA LYS D 147 29.74 4.03 18.34
C LYS D 147 28.40 3.54 18.89
N ASN D 148 27.38 3.65 18.05
CA ASN D 148 26.04 3.17 18.37
C ASN D 148 25.82 2.05 17.38
N PRO D 149 25.13 0.97 17.79
CA PRO D 149 24.89 -0.17 16.91
C PRO D 149 23.92 0.02 15.76
N ASN D 150 23.80 -1.03 14.97
CA ASN D 150 22.88 -1.09 13.85
C ASN D 150 21.51 -0.90 14.49
N CYS D 151 20.65 -0.14 13.84
CA CYS D 151 19.31 0.13 14.37
C CYS D 151 18.55 -1.12 14.77
N THR D 152 18.66 -2.20 14.00
CA THR D 152 17.93 -3.41 14.33
C THR D 152 18.55 -4.08 15.55
N ALA D 153 19.88 -4.09 15.60
CA ALA D 153 20.60 -4.69 16.72
C ALA D 153 20.19 -3.96 18.00
N ALA D 154 20.11 -2.63 17.90
CA ALA D 154 19.74 -1.78 19.01
C ALA D 154 18.39 -2.18 19.59
N ILE D 155 17.46 -2.54 18.71
CA ILE D 155 16.13 -2.93 19.14
C ILE D 155 16.11 -4.33 19.70
N MET D 156 16.79 -5.25 19.02
CA MET D 156 16.82 -6.63 19.47
C MET D 156 17.55 -6.79 20.80
N SER D 157 18.51 -5.92 21.08
CA SER D 157 19.28 -6.01 22.31
C SER D 157 18.50 -5.68 23.58
N MET D 158 17.50 -4.81 23.49
CA MET D 158 16.72 -4.42 24.66
C MET D 158 16.14 -5.61 25.43
N PRO D 159 15.38 -6.48 24.77
CA PRO D 159 14.81 -7.63 25.49
C PRO D 159 15.81 -8.72 25.86
N ILE D 160 16.86 -8.86 25.06
CA ILE D 160 17.89 -9.87 25.28
C ILE D 160 18.71 -9.63 26.56
N LYS D 161 19.05 -8.37 26.81
CA LYS D 161 19.84 -8.00 27.99
C LYS D 161 19.30 -8.55 29.33
N PRO D 162 18.09 -8.14 29.74
CA PRO D 162 17.58 -8.67 31.01
C PRO D 162 17.38 -10.19 31.02
N LEU D 163 17.52 -10.81 29.86
CA LEU D 163 17.35 -12.26 29.73
C LEU D 163 18.67 -12.88 29.29
N ILE D 164 19.75 -12.13 29.47
CA ILE D 164 21.07 -12.58 29.05
C ILE D 164 21.51 -13.94 29.60
N GLU D 165 21.11 -14.28 30.82
CA GLU D 165 21.53 -15.56 31.36
C GLU D 165 20.99 -16.75 30.57
N ILE D 166 19.70 -16.72 30.22
CA ILE D 166 19.13 -17.83 29.45
C ILE D 166 19.47 -17.72 27.96
N ALA D 167 19.57 -16.49 27.45
CA ALA D 167 19.90 -16.29 26.04
C ALA D 167 21.32 -16.78 25.77
N THR D 168 22.15 -16.80 26.82
CA THR D 168 23.54 -17.22 26.71
C THR D 168 23.74 -18.73 26.54
N LYS D 169 23.08 -19.52 27.37
CA LYS D 169 23.20 -20.98 27.30
C LYS D 169 22.30 -21.60 26.26
N SER D 170 21.87 -20.81 25.27
CA SER D 170 20.95 -21.34 24.29
C SER D 170 21.13 -20.82 22.86
N LYS D 171 20.56 -21.55 21.91
CA LYS D 171 20.60 -21.15 20.52
C LYS D 171 19.53 -20.09 20.37
N ILE D 172 19.81 -19.05 19.59
CA ILE D 172 18.83 -17.98 19.38
C ILE D 172 18.49 -17.83 17.91
N ILE D 173 17.20 -17.89 17.60
CA ILE D 173 16.73 -17.73 16.23
C ILE D 173 15.99 -16.40 16.16
N ILE D 174 16.37 -15.57 15.19
CA ILE D 174 15.76 -14.27 15.04
C ILE D 174 15.36 -13.95 13.60
N THR D 175 14.14 -13.47 13.43
CA THR D 175 13.64 -13.05 12.12
C THR D 175 13.31 -11.59 12.34
N THR D 176 13.78 -10.72 11.48
CA THR D 176 13.47 -9.30 11.61
C THR D 176 12.72 -8.80 10.38
N LEU D 177 11.73 -7.94 10.62
CA LEU D 177 10.95 -7.33 9.53
C LEU D 177 11.26 -5.86 9.68
N GLN D 178 11.99 -5.31 8.72
CA GLN D 178 12.41 -3.93 8.81
C GLN D 178 11.73 -2.99 7.83
N ALA D 179 11.30 -1.85 8.38
CA ALA D 179 10.63 -0.80 7.64
C ALA D 179 11.46 -0.27 6.48
N VAL D 180 10.76 0.34 5.53
CA VAL D 180 11.39 0.92 4.36
C VAL D 180 12.35 2.06 4.72
N SER D 181 11.98 2.89 5.70
CA SER D 181 12.80 4.02 6.11
C SER D 181 14.21 3.61 6.55
N GLY D 182 14.35 2.36 6.99
CA GLY D 182 15.66 1.87 7.39
C GLY D 182 16.67 1.99 6.27
N ALA D 183 16.18 2.19 5.05
CA ALA D 183 17.02 2.33 3.88
C ALA D 183 16.94 3.77 3.41
N GLY D 184 16.62 4.67 4.32
CA GLY D 184 16.51 6.08 3.96
C GLY D 184 15.15 6.36 3.35
N TYR D 185 14.87 7.64 3.08
CA TYR D 185 13.60 8.04 2.52
C TYR D 185 13.43 7.56 1.08
N ASN D 186 14.49 7.65 0.27
CA ASN D 186 14.40 7.25 -1.13
C ASN D 186 15.23 6.02 -1.48
N GLY D 187 15.50 5.17 -0.50
CA GLY D 187 16.30 3.98 -0.77
C GLY D 187 15.57 2.91 -1.57
N ILE D 188 14.28 2.76 -1.31
CA ILE D 188 13.47 1.73 -1.99
C ILE D 188 12.29 2.34 -2.74
N SER D 189 12.08 1.89 -3.98
CA SER D 189 11.01 2.42 -4.81
C SER D 189 9.68 1.79 -4.49
N PHE D 190 8.61 2.48 -4.87
CA PHE D 190 7.25 1.99 -4.65
C PHE D 190 7.05 0.65 -5.33
N MET D 191 7.46 0.57 -6.60
CA MET D 191 7.30 -0.65 -7.38
C MET D 191 8.00 -1.86 -6.78
N ALA D 192 9.19 -1.64 -6.22
CA ALA D 192 9.96 -2.71 -5.62
C ALA D 192 9.42 -3.31 -4.33
N ILE D 193 8.70 -2.53 -3.52
CA ILE D 193 8.21 -3.05 -2.24
C ILE D 193 6.69 -3.11 -1.96
N GLU D 194 5.91 -2.20 -2.54
CA GLU D 194 4.46 -2.20 -2.31
C GLU D 194 3.86 -3.59 -2.53
N GLY D 195 3.01 -4.00 -1.59
CA GLY D 195 2.39 -5.30 -1.64
C GLY D 195 3.41 -6.43 -1.74
N ASN D 196 4.65 -6.15 -1.32
CA ASN D 196 5.70 -7.15 -1.44
C ASN D 196 6.59 -7.36 -0.20
N ILE D 197 7.45 -8.36 -0.31
CA ILE D 197 8.39 -8.72 0.74
C ILE D 197 9.72 -9.09 0.07
N ILE D 198 10.80 -8.49 0.56
CA ILE D 198 12.15 -8.77 0.05
C ILE D 198 12.91 -9.38 1.22
N PRO D 199 13.06 -10.71 1.20
CA PRO D 199 13.74 -11.47 2.25
C PRO D 199 15.24 -11.27 2.27
N TYR D 200 15.69 -10.04 2.05
CA TYR D 200 17.12 -9.81 2.05
C TYR D 200 17.51 -8.36 2.21
N ILE D 201 18.48 -8.14 3.09
CA ILE D 201 19.00 -6.80 3.33
C ILE D 201 20.51 -6.94 3.54
N LYS D 202 21.26 -6.66 2.47
CA LYS D 202 22.72 -6.74 2.44
C LYS D 202 23.47 -6.48 3.76
N GLY D 203 24.15 -7.52 4.24
CA GLY D 203 24.94 -7.42 5.46
C GLY D 203 24.21 -7.27 6.79
N GLU D 204 22.90 -7.05 6.74
CA GLU D 204 22.11 -6.87 7.94
C GLU D 204 22.21 -7.99 8.96
N GLU D 205 22.05 -9.23 8.50
CA GLU D 205 22.08 -10.38 9.38
C GLU D 205 23.40 -10.60 10.11
N ASP D 206 24.51 -10.31 9.45
CA ASP D 206 25.83 -10.46 10.06
C ASP D 206 26.04 -9.38 11.12
N LYS D 207 25.64 -8.15 10.81
CA LYS D 207 25.79 -7.05 11.76
C LYS D 207 25.03 -7.30 13.06
N ILE D 208 23.80 -7.81 12.96
CA ILE D 208 22.99 -8.06 14.14
C ILE D 208 23.59 -9.14 15.05
N ALA D 209 23.99 -10.26 14.43
CA ALA D 209 24.57 -11.34 15.21
C ALA D 209 25.84 -10.88 15.93
N LYS D 210 26.79 -10.35 15.17
CA LYS D 210 28.05 -9.90 15.75
C LYS D 210 27.90 -8.74 16.73
N GLU D 211 27.14 -7.72 16.35
CA GLU D 211 26.94 -6.56 17.22
C GLU D 211 26.23 -6.90 18.53
N LEU D 212 25.30 -7.84 18.48
CA LEU D 212 24.56 -8.26 19.68
C LEU D 212 25.59 -8.85 20.63
N THR D 213 26.59 -9.50 20.05
CA THR D 213 27.68 -10.13 20.78
C THR D 213 28.44 -9.14 21.67
N LYS D 214 28.74 -7.98 21.11
CA LYS D 214 29.47 -6.92 21.80
C LYS D 214 28.56 -6.11 22.72
N LEU D 215 27.34 -5.83 22.25
CA LEU D 215 26.38 -5.05 23.03
C LEU D 215 26.11 -5.72 24.37
N ASN D 216 26.02 -7.05 24.36
CA ASN D 216 25.73 -7.80 25.57
C ASN D 216 26.99 -8.35 26.25
N GLY D 217 28.14 -7.82 25.87
CA GLY D 217 29.39 -8.30 26.44
C GLY D 217 29.72 -7.79 27.83
N LYS D 218 30.66 -8.46 28.49
CA LYS D 218 31.06 -8.06 29.83
C LYS D 218 32.39 -7.33 29.77
N LEU D 219 32.45 -6.20 30.46
CA LEU D 219 33.68 -5.41 30.51
C LEU D 219 34.59 -6.02 31.55
N GLU D 220 35.66 -6.68 31.10
CA GLU D 220 36.57 -7.31 32.04
C GLU D 220 38.04 -7.05 31.76
N ASN D 221 38.72 -6.51 32.76
CA ASN D 221 40.15 -6.20 32.67
C ASN D 221 40.43 -5.27 31.49
N ASN D 222 39.82 -4.10 31.54
CA ASN D 222 39.98 -3.06 30.53
C ASN D 222 39.52 -3.39 29.12
N GLN D 223 38.64 -4.38 29.00
CA GLN D 223 38.07 -4.70 27.70
C GLN D 223 36.88 -5.62 27.70
N ILE D 224 36.15 -5.55 26.59
CA ILE D 224 34.93 -6.30 26.40
C ILE D 224 35.06 -7.76 26.07
N ILE D 225 34.37 -8.58 26.85
CA ILE D 225 34.32 -10.01 26.65
C ILE D 225 33.02 -10.22 25.88
N PRO D 226 33.11 -10.62 24.61
CA PRO D 226 31.89 -10.83 23.82
C PRO D 226 30.95 -11.80 24.52
N ALA D 227 29.65 -11.54 24.44
CA ALA D 227 28.69 -12.44 25.07
C ALA D 227 28.53 -13.67 24.18
N ASN D 228 28.43 -14.84 24.80
CA ASN D 228 28.27 -16.07 24.04
C ASN D 228 26.84 -16.18 23.50
N LEU D 229 26.52 -15.37 22.49
CA LEU D 229 25.19 -15.41 21.88
C LEU D 229 25.23 -16.08 20.52
N ASP D 230 24.83 -17.34 20.49
CA ASP D 230 24.82 -18.12 19.26
C ASP D 230 23.49 -17.91 18.55
N SER D 231 23.40 -16.87 17.72
CA SER D 231 22.16 -16.61 17.03
C SER D 231 22.19 -16.56 15.52
N THR D 232 21.16 -17.15 14.91
CA THR D 232 21.03 -17.16 13.47
C THR D 232 19.87 -16.20 13.18
N VAL D 233 20.13 -15.19 12.36
CA VAL D 233 19.10 -14.23 12.03
C VAL D 233 18.82 -14.13 10.55
N THR D 234 17.55 -13.88 10.23
CA THR D 234 17.10 -13.71 8.86
C THR D 234 16.40 -12.36 8.84
N SER D 235 16.87 -11.47 7.99
CA SER D 235 16.31 -10.14 7.89
C SER D 235 15.46 -9.97 6.63
N ILE D 236 14.29 -9.38 6.83
CA ILE D 236 13.32 -9.17 5.78
C ILE D 236 12.81 -7.74 5.72
N ARG D 237 12.67 -7.21 4.51
CA ARG D 237 12.17 -5.86 4.30
C ARG D 237 10.67 -5.94 4.01
N VAL D 238 9.89 -5.07 4.66
CA VAL D 238 8.44 -5.07 4.48
C VAL D 238 7.96 -3.68 4.11
N PRO D 239 6.75 -3.57 3.50
CA PRO D 239 6.18 -2.29 3.11
C PRO D 239 5.62 -1.51 4.30
N THR D 240 6.52 -1.13 5.19
CA THR D 240 6.20 -0.37 6.40
C THR D 240 7.02 0.90 6.34
N ARG D 241 6.51 2.00 6.87
CA ARG D 241 7.25 3.25 6.83
C ARG D 241 8.31 3.33 7.91
N VAL D 242 7.89 3.18 9.15
CA VAL D 242 8.80 3.25 10.29
C VAL D 242 8.52 2.11 11.27
N GLY D 243 9.57 1.56 11.86
CA GLY D 243 9.39 0.49 12.83
C GLY D 243 9.95 -0.86 12.40
N HIS D 244 10.90 -1.36 13.16
CA HIS D 244 11.52 -2.65 12.88
C HIS D 244 10.95 -3.68 13.84
N MET D 245 10.46 -4.78 13.30
CA MET D 245 9.88 -5.82 14.11
C MET D 245 10.84 -7.01 14.21
N GLY D 246 10.74 -7.75 15.30
CA GLY D 246 11.60 -8.90 15.49
C GLY D 246 10.93 -10.04 16.21
N VAL D 247 11.14 -11.25 15.71
CA VAL D 247 10.60 -12.45 16.33
C VAL D 247 11.87 -13.11 16.89
N ILE D 248 11.93 -13.22 18.22
CA ILE D 248 13.08 -13.80 18.91
C ILE D 248 12.76 -15.14 19.58
N ASN D 249 13.50 -16.18 19.20
CA ASN D 249 13.30 -17.51 19.77
C ASN D 249 14.55 -17.97 20.51
N ILE D 250 14.44 -18.17 21.81
CA ILE D 250 15.57 -18.65 22.59
C ILE D 250 15.26 -20.09 23.02
N VAL D 251 16.14 -21.00 22.63
CA VAL D 251 15.96 -22.42 22.95
C VAL D 251 16.35 -22.76 24.38
N THR D 252 15.36 -22.94 25.24
CA THR D 252 15.62 -23.28 26.64
C THR D 252 15.57 -24.79 26.83
N ASN D 253 16.13 -25.24 27.95
CA ASN D 253 16.14 -26.67 28.26
C ASN D 253 15.68 -26.80 29.70
N GLU D 254 14.97 -25.78 30.15
CA GLU D 254 14.48 -25.74 31.53
C GLU D 254 13.01 -25.35 31.57
N ARG D 255 12.58 -24.91 32.75
CA ARG D 255 11.22 -24.49 32.98
C ARG D 255 11.25 -22.98 33.01
N ILE D 256 10.32 -22.34 32.30
CA ILE D 256 10.26 -20.88 32.28
C ILE D 256 8.89 -20.38 32.71
N ASN D 257 8.87 -19.35 33.55
CA ASN D 257 7.62 -18.77 34.01
C ASN D 257 7.34 -17.51 33.20
N ILE D 258 6.37 -17.59 32.29
CA ILE D 258 6.00 -16.47 31.44
C ILE D 258 5.69 -15.16 32.18
N GLU D 259 4.95 -15.26 33.28
CA GLU D 259 4.61 -14.08 34.05
C GLU D 259 5.86 -13.37 34.60
N GLU D 260 6.83 -14.14 35.07
CA GLU D 260 8.05 -13.55 35.60
C GLU D 260 8.87 -12.95 34.47
N ILE D 261 8.75 -13.53 33.28
CA ILE D 261 9.46 -13.00 32.12
C ILE D 261 8.92 -11.61 31.84
N LYS D 262 7.60 -11.49 31.82
CA LYS D 262 6.93 -10.22 31.56
C LYS D 262 7.35 -9.22 32.62
N LYS D 263 7.34 -9.69 33.87
CA LYS D 263 7.71 -8.86 35.01
C LYS D 263 9.16 -8.41 34.87
N THR D 264 10.04 -9.35 34.53
CA THR D 264 11.45 -9.03 34.35
C THR D 264 11.66 -7.96 33.28
N LEU D 265 10.94 -8.06 32.17
CA LEU D 265 11.08 -7.12 31.07
C LEU D 265 10.58 -5.70 31.34
N LYS D 266 9.40 -5.58 31.96
CA LYS D 266 8.83 -4.27 32.24
C LYS D 266 9.50 -3.55 33.40
N ASN D 267 10.19 -4.28 34.25
CA ASN D 267 10.86 -3.68 35.39
C ASN D 267 12.33 -3.43 35.07
N PHE D 268 12.70 -3.62 33.81
CA PHE D 268 14.09 -3.39 33.42
C PHE D 268 14.37 -1.91 33.42
N LYS D 269 15.43 -1.53 34.12
CA LYS D 269 15.83 -0.13 34.22
C LYS D 269 17.33 -0.13 34.21
N SER D 270 17.94 1.03 33.99
CA SER D 270 19.39 1.13 33.95
C SER D 270 19.83 2.55 34.23
N LEU D 271 21.12 2.81 34.07
CA LEU D 271 21.67 4.15 34.30
C LEU D 271 20.81 5.27 33.71
N PRO D 272 20.50 5.20 32.41
CA PRO D 272 19.68 6.26 31.80
C PRO D 272 18.41 6.61 32.59
N GLN D 273 17.76 5.59 33.16
CA GLN D 273 16.55 5.81 33.97
C GLN D 273 16.91 6.34 35.37
N GLN D 274 17.94 5.75 35.97
CA GLN D 274 18.39 6.13 37.31
C GLN D 274 18.62 7.62 37.42
N LYS D 275 19.29 8.18 36.41
CA LYS D 275 19.61 9.60 36.40
C LYS D 275 18.62 10.46 35.65
N ASN D 276 17.49 9.88 35.25
CA ASN D 276 16.46 10.61 34.51
C ASN D 276 17.03 11.54 33.44
N LEU D 277 17.77 10.98 32.49
CA LEU D 277 18.34 11.77 31.42
C LEU D 277 17.21 12.15 30.45
N PRO D 278 17.27 13.37 29.90
CA PRO D 278 16.24 13.85 28.97
C PRO D 278 15.74 12.90 27.87
N THR D 279 16.63 12.12 27.27
CA THR D 279 16.21 11.23 26.20
C THR D 279 15.94 9.77 26.64
N ALA D 280 16.24 9.46 27.90
CA ALA D 280 15.98 8.12 28.41
C ALA D 280 14.49 7.91 28.66
N PRO D 281 13.92 6.78 28.18
CA PRO D 281 12.49 6.55 28.41
C PRO D 281 12.28 6.06 29.85
N LYS D 282 11.16 6.43 30.46
CA LYS D 282 10.83 6.03 31.82
C LYS D 282 10.84 4.51 31.95
N GLN D 283 10.36 3.84 30.91
CA GLN D 283 10.32 2.38 30.91
C GLN D 283 10.76 1.93 29.52
N PRO D 284 12.05 1.59 29.38
CA PRO D 284 12.58 1.14 28.09
C PRO D 284 11.86 -0.04 27.42
N ILE D 285 11.34 -0.96 28.22
CA ILE D 285 10.64 -2.12 27.65
C ILE D 285 9.18 -2.22 28.09
N ILE D 286 8.27 -2.00 27.15
CA ILE D 286 6.84 -2.08 27.43
C ILE D 286 6.35 -3.46 27.03
N VAL D 287 5.55 -4.10 27.89
CA VAL D 287 5.03 -5.42 27.57
C VAL D 287 3.52 -5.40 27.38
N ARG D 288 3.06 -6.02 26.31
CA ARG D 288 1.65 -6.08 25.97
C ARG D 288 1.05 -7.46 26.18
N ASP D 289 -0.12 -7.49 26.82
CA ASP D 289 -0.79 -8.76 27.07
C ASP D 289 -1.70 -9.18 25.93
N GLU D 290 -2.20 -8.22 25.16
CA GLU D 290 -3.08 -8.56 24.04
C GLU D 290 -2.32 -9.38 23.00
N GLU D 291 -2.94 -10.47 22.56
CA GLU D 291 -2.33 -11.38 21.62
C GLU D 291 -2.04 -10.84 20.22
N ASP D 292 -2.44 -9.60 19.92
CA ASP D 292 -2.18 -9.05 18.58
C ASP D 292 -1.26 -7.83 18.60
N ARG D 293 -0.41 -7.76 19.62
CA ARG D 293 0.54 -6.67 19.76
C ARG D 293 1.94 -7.27 19.89
N PRO D 294 2.99 -6.48 19.56
CA PRO D 294 2.92 -5.08 19.09
C PRO D 294 2.64 -4.92 17.59
N GLN D 295 2.23 -3.71 17.22
CA GLN D 295 1.94 -3.35 15.85
C GLN D 295 2.57 -2.00 15.55
N PRO D 296 3.29 -1.90 14.43
CA PRO D 296 3.94 -0.64 14.03
C PRO D 296 3.09 0.62 14.14
N ILE D 297 1.89 0.63 13.55
CA ILE D 297 1.04 1.82 13.59
C ILE D 297 0.50 2.16 14.97
N ILE D 298 0.49 1.18 15.87
CA ILE D 298 -0.01 1.43 17.20
C ILE D 298 1.09 1.75 18.21
N ASP D 299 2.18 0.99 18.18
CA ASP D 299 3.23 1.15 19.17
C ASP D 299 4.55 1.81 18.80
N VAL D 300 4.83 1.96 17.51
CA VAL D 300 6.11 2.54 17.09
C VAL D 300 6.54 3.81 17.82
N ASN D 301 5.58 4.64 18.23
CA ASN D 301 5.90 5.90 18.91
C ASN D 301 5.99 5.81 20.44
N ALA D 302 5.91 4.61 20.99
CA ALA D 302 5.98 4.43 22.44
C ALA D 302 7.10 5.26 23.06
N GLU D 303 6.71 6.16 23.96
CA GLU D 303 7.64 7.04 24.66
C GLU D 303 8.58 7.75 23.70
N SER D 304 8.00 8.56 22.82
CA SER D 304 8.78 9.30 21.83
C SER D 304 9.69 8.41 21.02
N GLY D 305 9.33 7.13 20.88
CA GLY D 305 10.14 6.22 20.09
C GLY D 305 11.38 5.67 20.77
N MET D 306 11.55 5.96 22.06
CA MET D 306 12.71 5.46 22.79
C MET D 306 12.45 4.13 23.50
N ALA D 307 11.18 3.73 23.55
CA ALA D 307 10.83 2.47 24.18
C ALA D 307 10.48 1.43 23.12
N VAL D 308 10.77 0.17 23.42
CA VAL D 308 10.43 -0.90 22.51
C VAL D 308 9.24 -1.62 23.12
N THR D 309 8.41 -2.24 22.30
CA THR D 309 7.26 -2.95 22.83
C THR D 309 7.39 -4.42 22.53
N VAL D 310 7.12 -5.25 23.54
CA VAL D 310 7.19 -6.69 23.39
C VAL D 310 5.81 -7.28 23.62
N GLY D 311 5.54 -8.38 22.92
CA GLY D 311 4.26 -9.05 23.07
C GLY D 311 4.35 -10.50 22.65
N ARG D 312 3.26 -11.23 22.82
CA ARG D 312 3.24 -12.62 22.40
C ARG D 312 4.32 -13.46 23.09
N ILE D 313 4.66 -13.09 24.32
CA ILE D 313 5.67 -13.81 25.08
C ILE D 313 5.13 -15.21 25.35
N ARG D 314 5.77 -16.21 24.75
CA ARG D 314 5.32 -17.59 24.93
C ARG D 314 6.47 -18.57 25.15
N HIS D 315 6.16 -19.67 25.82
CA HIS D 315 7.17 -20.69 26.10
C HIS D 315 6.62 -22.10 26.02
N GLU D 316 6.88 -22.79 24.92
CA GLU D 316 6.43 -24.16 24.75
C GLU D 316 7.45 -24.87 23.86
N ASN D 317 7.54 -26.19 23.96
CA ASN D 317 8.51 -26.95 23.16
C ASN D 317 9.92 -26.44 23.47
N ASN D 318 10.20 -26.18 24.75
CA ASN D 318 11.50 -25.70 25.16
C ASN D 318 12.03 -24.56 24.30
N VAL D 319 11.16 -23.57 24.06
CA VAL D 319 11.52 -22.41 23.26
C VAL D 319 10.79 -21.19 23.82
N LEU D 320 11.55 -20.15 24.12
CA LEU D 320 10.98 -18.92 24.63
C LEU D 320 10.82 -18.05 23.38
N ARG D 321 9.57 -17.70 23.06
CA ARG D 321 9.26 -16.88 21.87
C ARG D 321 8.69 -15.53 22.27
N LEU D 322 9.15 -14.48 21.62
CA LEU D 322 8.63 -13.14 21.88
C LEU D 322 8.76 -12.26 20.64
N VAL D 323 7.83 -11.33 20.50
CA VAL D 323 7.83 -10.39 19.38
C VAL D 323 8.12 -9.01 19.94
N VAL D 324 9.05 -8.31 19.31
CA VAL D 324 9.42 -6.99 19.77
C VAL D 324 9.36 -5.99 18.62
N LEU D 325 9.09 -4.74 18.96
CA LEU D 325 8.99 -3.67 17.98
C LEU D 325 9.72 -2.44 18.50
N GLY D 326 10.43 -1.76 17.60
CA GLY D 326 11.14 -0.55 17.99
C GLY D 326 11.16 0.48 16.88
N ASP D 327 11.31 1.74 17.26
CA ASP D 327 11.36 2.82 16.26
C ASP D 327 12.79 2.82 15.73
N ASN D 328 12.96 2.36 14.49
CA ASN D 328 14.29 2.28 13.89
C ASN D 328 15.00 3.62 13.75
N LEU D 329 14.24 4.72 13.78
CA LEU D 329 14.81 6.05 13.63
C LEU D 329 15.22 6.75 14.93
N VAL D 330 14.59 6.39 16.05
CA VAL D 330 14.89 7.01 17.33
C VAL D 330 15.71 6.05 18.19
N ARG D 331 15.08 4.97 18.64
CA ARG D 331 15.75 3.97 19.43
C ARG D 331 16.87 3.36 18.57
N GLY D 332 16.58 3.18 17.28
CA GLY D 332 17.55 2.60 16.37
C GLY D 332 18.72 3.51 16.03
N ALA D 333 18.59 4.82 16.27
CA ALA D 333 19.69 5.71 15.92
C ALA D 333 19.71 7.09 16.56
N ALA D 334 18.89 8.00 16.04
CA ALA D 334 18.84 9.36 16.53
C ALA D 334 18.79 9.43 18.06
N GLY D 335 17.80 8.77 18.63
CA GLY D 335 17.64 8.77 20.08
C GLY D 335 18.80 8.24 20.89
N ILE D 336 19.32 7.05 20.55
CA ILE D 336 20.43 6.52 21.33
C ILE D 336 21.73 7.30 21.17
N THR D 337 21.93 7.94 20.02
CA THR D 337 23.12 8.73 19.82
C THR D 337 23.06 9.92 20.78
N ILE D 338 21.87 10.50 20.94
CA ILE D 338 21.72 11.63 21.83
C ILE D 338 21.78 11.14 23.29
N LEU D 339 21.13 10.00 23.56
CA LEU D 339 21.14 9.43 24.89
C LEU D 339 22.59 9.09 25.28
N THR D 340 23.36 8.56 24.34
CA THR D 340 24.76 8.22 24.59
C THR D 340 25.54 9.44 25.04
N VAL D 341 25.39 10.56 24.33
CA VAL D 341 26.09 11.78 24.71
C VAL D 341 25.67 12.19 26.13
N GLU D 342 24.38 12.07 26.43
CA GLU D 342 23.86 12.42 27.75
C GLU D 342 24.53 11.56 28.82
N VAL D 343 24.65 10.27 28.55
CA VAL D 343 25.30 9.36 29.48
C VAL D 343 26.75 9.77 29.64
N MET D 344 27.39 10.14 28.54
CA MET D 344 28.78 10.55 28.59
C MET D 344 28.98 11.78 29.48
N LYS D 345 28.05 12.73 29.39
CA LYS D 345 28.12 13.93 30.20
C LYS D 345 27.83 13.59 31.65
N GLU D 346 26.95 12.61 31.85
CA GLU D 346 26.56 12.18 33.18
C GLU D 346 27.69 11.48 33.93
N LEU D 347 28.52 10.74 33.21
CA LEU D 347 29.61 10.01 33.84
C LEU D 347 30.96 10.75 33.87
N GLY D 348 31.00 11.96 33.33
CA GLY D 348 32.24 12.72 33.34
C GLY D 348 33.12 12.65 32.11
N TYR D 349 32.76 11.86 31.10
CA TYR D 349 33.57 11.81 29.89
C TYR D 349 33.28 13.12 29.14
N ILE D 350 32.09 13.66 29.41
CA ILE D 350 31.62 14.90 28.83
C ILE D 350 31.47 14.88 27.32
#